data_2R3C
# 
_entry.id   2R3C 
# 
_audit_conform.dict_name       mmcif_pdbx.dic 
_audit_conform.dict_version    5.398 
_audit_conform.dict_location   http://mmcif.pdb.org/dictionaries/ascii/mmcif_pdbx.dic 
# 
loop_
_database_2.database_id 
_database_2.database_code 
_database_2.pdbx_database_accession 
_database_2.pdbx_DOI 
PDB   2R3C         pdb_00002r3c 10.2210/pdb2r3c/pdb 
RCSB  RCSB044372   ?            ?                   
WWPDB D_1000044372 ?            ?                   
# 
loop_
_pdbx_audit_revision_history.ordinal 
_pdbx_audit_revision_history.data_content_type 
_pdbx_audit_revision_history.major_revision 
_pdbx_audit_revision_history.minor_revision 
_pdbx_audit_revision_history.revision_date 
1 'Structure model' 1 0 2007-10-02 
2 'Structure model' 1 1 2011-07-13 
3 'Structure model' 1 2 2012-02-15 
4 'Structure model' 1 3 2012-12-12 
5 'Structure model' 1 4 2017-10-25 
6 'Structure model' 1 5 2018-08-08 
7 'Structure model' 1 6 2024-11-13 
# 
_pdbx_audit_revision_details.ordinal             1 
_pdbx_audit_revision_details.revision_ordinal    1 
_pdbx_audit_revision_details.data_content_type   'Structure model' 
_pdbx_audit_revision_details.provider            repository 
_pdbx_audit_revision_details.type                'Initial release' 
_pdbx_audit_revision_details.description         ? 
_pdbx_audit_revision_details.details             ? 
# 
loop_
_pdbx_audit_revision_group.ordinal 
_pdbx_audit_revision_group.revision_ordinal 
_pdbx_audit_revision_group.data_content_type 
_pdbx_audit_revision_group.group 
1  2 'Structure model' 'Atomic model'              
2  2 'Structure model' 'Database references'       
3  2 'Structure model' 'Derived calculations'      
4  2 'Structure model' 'Non-polymer description'   
5  2 'Structure model' 'Structure summary'         
6  2 'Structure model' 'Version format compliance' 
7  3 'Structure model' 'Structure summary'         
8  4 'Structure model' Other                       
9  5 'Structure model' 'Refinement description'    
10 5 'Structure model' 'Source and taxonomy'       
11 6 'Structure model' 'Data collection'           
12 6 'Structure model' 'Database references'       
13 6 'Structure model' 'Derived calculations'      
14 7 'Structure model' 'Data collection'           
15 7 'Structure model' 'Database references'       
16 7 'Structure model' 'Derived calculations'      
17 7 'Structure model' 'Structure summary'         
# 
loop_
_pdbx_audit_revision_category.ordinal 
_pdbx_audit_revision_category.revision_ordinal 
_pdbx_audit_revision_category.data_content_type 
_pdbx_audit_revision_category.category 
1  5 'Structure model' pdbx_entity_src_syn       
2  5 'Structure model' software                  
3  6 'Structure model' pdbx_struct_conn_angle    
4  6 'Structure model' struct_conn               
5  6 'Structure model' struct_ref_seq            
6  7 'Structure model' chem_comp_atom            
7  7 'Structure model' chem_comp_bond            
8  7 'Structure model' database_2                
9  7 'Structure model' pdbx_entry_details        
10 7 'Structure model' pdbx_modification_feature 
11 7 'Structure model' pdbx_struct_conn_angle    
12 7 'Structure model' struct_conn               
13 7 'Structure model' struct_ref_seq_dif        
14 7 'Structure model' struct_site               
# 
loop_
_pdbx_audit_revision_item.ordinal 
_pdbx_audit_revision_item.revision_ordinal 
_pdbx_audit_revision_item.data_content_type 
_pdbx_audit_revision_item.item 
1  5 'Structure model' '_pdbx_entity_src_syn.ncbi_taxonomy_id'       
2  5 'Structure model' '_pdbx_entity_src_syn.organism_scientific'    
3  6 'Structure model' '_struct_ref_seq.db_align_beg'                
4  6 'Structure model' '_struct_ref_seq.db_align_end'                
5  7 'Structure model' '_database_2.pdbx_DOI'                        
6  7 'Structure model' '_database_2.pdbx_database_accession'         
7  7 'Structure model' '_pdbx_struct_conn_angle.ptnr1_auth_asym_id'  
8  7 'Structure model' '_pdbx_struct_conn_angle.ptnr1_auth_comp_id'  
9  7 'Structure model' '_pdbx_struct_conn_angle.ptnr1_auth_seq_id'   
10 7 'Structure model' '_pdbx_struct_conn_angle.ptnr1_label_asym_id' 
11 7 'Structure model' '_pdbx_struct_conn_angle.ptnr1_label_atom_id' 
12 7 'Structure model' '_pdbx_struct_conn_angle.ptnr1_label_comp_id' 
13 7 'Structure model' '_pdbx_struct_conn_angle.ptnr1_label_seq_id'  
14 7 'Structure model' '_pdbx_struct_conn_angle.ptnr3_auth_asym_id'  
15 7 'Structure model' '_pdbx_struct_conn_angle.ptnr3_auth_comp_id'  
16 7 'Structure model' '_pdbx_struct_conn_angle.ptnr3_auth_seq_id'   
17 7 'Structure model' '_pdbx_struct_conn_angle.ptnr3_label_asym_id' 
18 7 'Structure model' '_pdbx_struct_conn_angle.ptnr3_label_atom_id' 
19 7 'Structure model' '_pdbx_struct_conn_angle.ptnr3_label_comp_id' 
20 7 'Structure model' '_pdbx_struct_conn_angle.ptnr3_label_seq_id'  
21 7 'Structure model' '_pdbx_struct_conn_angle.value'               
22 7 'Structure model' '_struct_conn.pdbx_dist_value'                
23 7 'Structure model' '_struct_conn.pdbx_leaving_atom_flag'         
24 7 'Structure model' '_struct_conn.pdbx_value_order'               
25 7 'Structure model' '_struct_conn.ptnr1_auth_asym_id'             
26 7 'Structure model' '_struct_conn.ptnr1_auth_comp_id'             
27 7 'Structure model' '_struct_conn.ptnr1_auth_seq_id'              
28 7 'Structure model' '_struct_conn.ptnr1_label_asym_id'            
29 7 'Structure model' '_struct_conn.ptnr1_label_atom_id'            
30 7 'Structure model' '_struct_conn.ptnr1_label_comp_id'            
31 7 'Structure model' '_struct_conn.ptnr1_label_seq_id'             
32 7 'Structure model' '_struct_conn.ptnr2_auth_asym_id'             
33 7 'Structure model' '_struct_conn.ptnr2_auth_comp_id'             
34 7 'Structure model' '_struct_conn.ptnr2_auth_seq_id'              
35 7 'Structure model' '_struct_conn.ptnr2_label_asym_id'            
36 7 'Structure model' '_struct_conn.ptnr2_label_atom_id'            
37 7 'Structure model' '_struct_conn.ptnr2_label_comp_id'            
38 7 'Structure model' '_struct_conn.ptnr2_label_seq_id'             
39 7 'Structure model' '_struct_ref_seq_dif.details'                 
40 7 'Structure model' '_struct_site.pdbx_auth_asym_id'              
41 7 'Structure model' '_struct_site.pdbx_auth_comp_id'              
42 7 'Structure model' '_struct_site.pdbx_auth_seq_id'               
# 
_pdbx_database_status.entry_id                        2R3C 
_pdbx_database_status.deposit_site                    RCSB 
_pdbx_database_status.process_site                    RCSB 
_pdbx_database_status.recvd_initial_deposition_date   2007-08-29 
_pdbx_database_status.status_code                     REL 
_pdbx_database_status.status_code_sf                  REL 
_pdbx_database_status.status_code_mr                  ? 
_pdbx_database_status.SG_entry                        ? 
_pdbx_database_status.status_code_cs                  ? 
_pdbx_database_status.methods_development_category    ? 
_pdbx_database_status.pdb_format_compatible           Y 
_pdbx_database_status.status_code_nmr_data            ? 
# 
loop_
_pdbx_database_related.db_name 
_pdbx_database_related.db_id 
_pdbx_database_related.details 
_pdbx_database_related.content_type 
PDB 2R5B . unspecified 
PDB 2R5D . unspecified 
# 
loop_
_audit_author.name 
_audit_author.pdbx_ordinal 
'VanDemark, A.P.' 1 
'Welch, B.'       2 
'Heroux, A.'      3 
'Hill, C.P.'      4 
'Kay, M.S.'       5 
# 
_citation.id                        primary 
_citation.title                     'Potent D-peptide inhibitors of HIV-1 entry' 
_citation.journal_abbrev            Proc.Natl.Acad.Sci.Usa 
_citation.journal_volume            104 
_citation.page_first                16828 
_citation.page_last                 16833 
_citation.year                      2007 
_citation.journal_id_ASTM           PNASA6 
_citation.country                   US 
_citation.journal_id_ISSN           0027-8424 
_citation.journal_id_CSD            0040 
_citation.book_publisher            ? 
_citation.pdbx_database_id_PubMed   17942675 
_citation.pdbx_database_id_DOI      10.1073/pnas.0708109104 
# 
loop_
_citation_author.citation_id 
_citation_author.name 
_citation_author.ordinal 
_citation_author.identifier_ORCID 
primary 'Welch, B.D.'     1 ? 
primary 'Vandemark, A.P.' 2 ? 
primary 'Heroux, A.'      3 ? 
primary 'Hill, C.P.'      4 ? 
primary 'Kay, M.S.'       5 ? 
# 
loop_
_entity.id 
_entity.type 
_entity.src_method 
_entity.pdbx_description 
_entity.formula_weight 
_entity.pdbx_number_of_molecules 
_entity.pdbx_ec 
_entity.pdbx_mutation 
_entity.pdbx_fragment 
_entity.details 
1 polymer     syn 'gp41 N-peptide'           5466.574 2   ? ? ? ? 
2 polymer     syn 'HIV entry inhibitor PIE1' 1831.103 2   ? ? ? ? 
3 non-polymer syn 'YTTRIUM (III) ION'        88.906   5   ? ? ? ? 
4 non-polymer syn 'CHLORIDE ION'             35.453   1   ? ? ? ? 
5 water       nat water                      18.015   210 ? ? ? ? 
# 
loop_
_entity_poly.entity_id 
_entity_poly.type 
_entity_poly.nstd_linkage 
_entity_poly.nstd_monomer 
_entity_poly.pdbx_seq_one_letter_code 
_entity_poly.pdbx_seq_one_letter_code_can 
_entity_poly.pdbx_strand_id 
_entity_poly.pdbx_target_identifier 
1 'polypeptide(L)' no yes '(ACE)RMKQIEDKIEEIESKQKKIENEIARIKKLLQLTVWGIKQLQARIL(NH2)'                                 
XRMKQIEDKIEEIESKQKKIENEIARIKKLLQLTVWGIKQLQARILX A,B ? 
2 'polypeptide(D)' no yes 
;(ACE)(DLY)(DLY)G(DAL)(DCY)(DGL)(DSN)(DPR)(DGL)(DTR)(DGN)(DTR)(DLE)(DCY)(DAL)
(DAL)(NH2)
;
XKKGACESPEWQWLCAAX                              C,D ? 
# 
loop_
_pdbx_entity_nonpoly.entity_id 
_pdbx_entity_nonpoly.name 
_pdbx_entity_nonpoly.comp_id 
3 'YTTRIUM (III) ION' YT3 
4 'CHLORIDE ION'      CL  
5 water               HOH 
# 
loop_
_entity_poly_seq.entity_id 
_entity_poly_seq.num 
_entity_poly_seq.mon_id 
_entity_poly_seq.hetero 
1 1  ACE n 
1 2  ARG n 
1 3  MET n 
1 4  LYS n 
1 5  GLN n 
1 6  ILE n 
1 7  GLU n 
1 8  ASP n 
1 9  LYS n 
1 10 ILE n 
1 11 GLU n 
1 12 GLU n 
1 13 ILE n 
1 14 GLU n 
1 15 SER n 
1 16 LYS n 
1 17 GLN n 
1 18 LYS n 
1 19 LYS n 
1 20 ILE n 
1 21 GLU n 
1 22 ASN n 
1 23 GLU n 
1 24 ILE n 
1 25 ALA n 
1 26 ARG n 
1 27 ILE n 
1 28 LYS n 
1 29 LYS n 
1 30 LEU n 
1 31 LEU n 
1 32 GLN n 
1 33 LEU n 
1 34 THR n 
1 35 VAL n 
1 36 TRP n 
1 37 GLY n 
1 38 ILE n 
1 39 LYS n 
1 40 GLN n 
1 41 LEU n 
1 42 GLN n 
1 43 ALA n 
1 44 ARG n 
1 45 ILE n 
1 46 LEU n 
1 47 NH2 n 
2 1  ACE n 
2 2  DLY n 
2 3  DLY n 
2 4  GLY n 
2 5  DAL n 
2 6  DCY n 
2 7  DGL n 
2 8  DSN n 
2 9  DPR n 
2 10 DGL n 
2 11 DTR n 
2 12 DGN n 
2 13 DTR n 
2 14 DLE n 
2 15 DCY n 
2 16 DAL n 
2 17 DAL n 
2 18 NH2 n 
# 
loop_
_pdbx_entity_src_syn.entity_id 
_pdbx_entity_src_syn.pdbx_src_id 
_pdbx_entity_src_syn.pdbx_alt_source_flag 
_pdbx_entity_src_syn.pdbx_beg_seq_num 
_pdbx_entity_src_syn.pdbx_end_seq_num 
_pdbx_entity_src_syn.organism_scientific 
_pdbx_entity_src_syn.organism_common_name 
_pdbx_entity_src_syn.ncbi_taxonomy_id 
_pdbx_entity_src_syn.details 
1 1 sample ? ? 'synthetic construct' ? 32630 'peptide synthesis' 
2 1 sample ? ? 'synthetic construct' ? 32630 'peptide synthesis' 
# 
loop_
_chem_comp.id 
_chem_comp.type 
_chem_comp.mon_nstd_flag 
_chem_comp.name 
_chem_comp.pdbx_synonyms 
_chem_comp.formula 
_chem_comp.formula_weight 
ACE non-polymer         . 'ACETYL GROUP'      ? 'C2 H4 O'        44.053  
ALA 'L-peptide linking' y ALANINE             ? 'C3 H7 N O2'     89.093  
ARG 'L-peptide linking' y ARGININE            ? 'C6 H15 N4 O2 1' 175.209 
ASN 'L-peptide linking' y ASPARAGINE          ? 'C4 H8 N2 O3'    132.118 
ASP 'L-peptide linking' y 'ASPARTIC ACID'     ? 'C4 H7 N O4'     133.103 
CL  non-polymer         . 'CHLORIDE ION'      ? 'Cl -1'          35.453  
DAL 'D-peptide linking' . D-ALANINE           ? 'C3 H7 N O2'     89.093  
DCY 'D-peptide linking' . D-CYSTEINE          ? 'C3 H7 N O2 S'   121.158 
DGL 'D-peptide linking' . 'D-GLUTAMIC ACID'   ? 'C5 H9 N O4'     147.129 
DGN 'D-peptide linking' . D-GLUTAMINE         ? 'C5 H10 N2 O3'   146.144 
DLE 'D-peptide linking' . D-LEUCINE           ? 'C6 H13 N O2'    131.173 
DLY 'D-peptide linking' . D-LYSINE            ? 'C6 H14 N2 O2'   146.188 
DPR 'D-peptide linking' . D-PROLINE           ? 'C5 H9 N O2'     115.130 
DSN 'D-peptide linking' . D-SERINE            ? 'C3 H7 N O3'     105.093 
DTR 'D-peptide linking' . D-TRYPTOPHAN        ? 'C11 H12 N2 O2'  204.225 
GLN 'L-peptide linking' y GLUTAMINE           ? 'C5 H10 N2 O3'   146.144 
GLU 'L-peptide linking' y 'GLUTAMIC ACID'     ? 'C5 H9 N O4'     147.129 
GLY 'peptide linking'   y GLYCINE             ? 'C2 H5 N O2'     75.067  
HOH non-polymer         . WATER               ? 'H2 O'           18.015  
ILE 'L-peptide linking' y ISOLEUCINE          ? 'C6 H13 N O2'    131.173 
LEU 'L-peptide linking' y LEUCINE             ? 'C6 H13 N O2'    131.173 
LYS 'L-peptide linking' y LYSINE              ? 'C6 H15 N2 O2 1' 147.195 
MET 'L-peptide linking' y METHIONINE          ? 'C5 H11 N O2 S'  149.211 
NH2 non-polymer         . 'AMINO GROUP'       ? 'H2 N'           16.023  
SER 'L-peptide linking' y SERINE              ? 'C3 H7 N O3'     105.093 
THR 'L-peptide linking' y THREONINE           ? 'C4 H9 N O3'     119.119 
TRP 'L-peptide linking' y TRYPTOPHAN          ? 'C11 H12 N2 O2'  204.225 
VAL 'L-peptide linking' y VALINE              ? 'C5 H11 N O2'    117.146 
YT3 non-polymer         . 'YTTRIUM (III) ION' ? 'Y 3'            88.906  
# 
loop_
_pdbx_poly_seq_scheme.asym_id 
_pdbx_poly_seq_scheme.entity_id 
_pdbx_poly_seq_scheme.seq_id 
_pdbx_poly_seq_scheme.mon_id 
_pdbx_poly_seq_scheme.ndb_seq_num 
_pdbx_poly_seq_scheme.pdb_seq_num 
_pdbx_poly_seq_scheme.auth_seq_num 
_pdbx_poly_seq_scheme.pdb_mon_id 
_pdbx_poly_seq_scheme.auth_mon_id 
_pdbx_poly_seq_scheme.pdb_strand_id 
_pdbx_poly_seq_scheme.pdb_ins_code 
_pdbx_poly_seq_scheme.hetero 
A 1 1  ACE 1  0  0  ACE ACE A . n 
A 1 2  ARG 2  1  1  ARG ARG A . n 
A 1 3  MET 3  2  2  MET MET A . n 
A 1 4  LYS 4  3  3  LYS LYS A . n 
A 1 5  GLN 5  4  4  GLN GLN A . n 
A 1 6  ILE 6  5  5  ILE ILE A . n 
A 1 7  GLU 7  6  6  GLU GLU A . n 
A 1 8  ASP 8  7  7  ASP ASP A . n 
A 1 9  LYS 9  8  8  LYS LYS A . n 
A 1 10 ILE 10 9  9  ILE ILE A . n 
A 1 11 GLU 11 10 10 GLU GLU A . n 
A 1 12 GLU 12 11 11 GLU GLU A . n 
A 1 13 ILE 13 12 12 ILE ILE A . n 
A 1 14 GLU 14 13 13 GLU GLU A . n 
A 1 15 SER 15 14 14 SER SER A . n 
A 1 16 LYS 16 15 15 LYS LYS A . n 
A 1 17 GLN 17 16 16 GLN GLN A . n 
A 1 18 LYS 18 17 17 LYS LYS A . n 
A 1 19 LYS 19 18 18 LYS LYS A . n 
A 1 20 ILE 20 19 19 ILE ILE A . n 
A 1 21 GLU 21 20 20 GLU GLU A . n 
A 1 22 ASN 22 21 21 ASN ASN A . n 
A 1 23 GLU 23 22 22 GLU GLU A . n 
A 1 24 ILE 24 23 23 ILE ILE A . n 
A 1 25 ALA 25 24 24 ALA ALA A . n 
A 1 26 ARG 26 25 25 ARG ARG A . n 
A 1 27 ILE 27 26 26 ILE ILE A . n 
A 1 28 LYS 28 27 27 LYS LYS A . n 
A 1 29 LYS 29 28 28 LYS LYS A . n 
A 1 30 LEU 30 29 29 LEU LEU A . n 
A 1 31 LEU 31 30 30 LEU LEU A . n 
A 1 32 GLN 32 31 31 GLN GLN A . n 
A 1 33 LEU 33 32 32 LEU LEU A . n 
A 1 34 THR 34 33 33 THR THR A . n 
A 1 35 VAL 35 34 34 VAL VAL A . n 
A 1 36 TRP 36 35 35 TRP TRP A . n 
A 1 37 GLY 37 36 36 GLY GLY A . n 
A 1 38 ILE 38 37 37 ILE ILE A . n 
A 1 39 LYS 39 38 38 LYS LYS A . n 
A 1 40 GLN 40 39 39 GLN GLN A . n 
A 1 41 LEU 41 40 40 LEU LEU A . n 
A 1 42 GLN 42 41 41 GLN GLN A . n 
A 1 43 ALA 43 42 42 ALA ALA A . n 
A 1 44 ARG 44 43 43 ARG ARG A . n 
A 1 45 ILE 45 44 44 ILE ILE A . n 
A 1 46 LEU 46 45 45 LEU LEU A . n 
A 1 47 NH2 47 46 46 NH2 NH2 A . n 
B 1 1  ACE 1  0  ?  ?   ?   B . n 
B 1 2  ARG 2  1  ?  ?   ?   B . n 
B 1 3  MET 3  2  ?  ?   ?   B . n 
B 1 4  LYS 4  3  ?  ?   ?   B . n 
B 1 5  GLN 5  4  4  GLN GLN B . n 
B 1 6  ILE 6  5  5  ILE ILE B . n 
B 1 7  GLU 7  6  6  GLU GLU B . n 
B 1 8  ASP 8  7  7  ASP ASP B . n 
B 1 9  LYS 9  8  8  LYS LYS B . n 
B 1 10 ILE 10 9  9  ILE ILE B . n 
B 1 11 GLU 11 10 10 GLU GLU B . n 
B 1 12 GLU 12 11 11 GLU GLU B . n 
B 1 13 ILE 13 12 12 ILE ILE B . n 
B 1 14 GLU 14 13 13 GLU GLU B . n 
B 1 15 SER 15 14 14 SER SER B . n 
B 1 16 LYS 16 15 15 LYS LYS B . n 
B 1 17 GLN 17 16 16 GLN GLN B . n 
B 1 18 LYS 18 17 17 LYS LYS B . n 
B 1 19 LYS 19 18 18 LYS LYS B . n 
B 1 20 ILE 20 19 19 ILE ILE B . n 
B 1 21 GLU 21 20 20 GLU GLU B . n 
B 1 22 ASN 22 21 21 ASN ASN B . n 
B 1 23 GLU 23 22 22 GLU GLU B . n 
B 1 24 ILE 24 23 23 ILE ILE B . n 
B 1 25 ALA 25 24 24 ALA ALA B . n 
B 1 26 ARG 26 25 25 ARG ARG B . n 
B 1 27 ILE 27 26 26 ILE ILE B . n 
B 1 28 LYS 28 27 27 LYS LYS B . n 
B 1 29 LYS 29 28 28 LYS LYS B . n 
B 1 30 LEU 30 29 29 LEU LEU B . n 
B 1 31 LEU 31 30 30 LEU LEU B . n 
B 1 32 GLN 32 31 31 GLN GLN B . n 
B 1 33 LEU 33 32 32 LEU LEU B . n 
B 1 34 THR 34 33 33 THR THR B . n 
B 1 35 VAL 35 34 34 VAL VAL B . n 
B 1 36 TRP 36 35 35 TRP TRP B . n 
B 1 37 GLY 37 36 36 GLY GLY B . n 
B 1 38 ILE 38 37 37 ILE ILE B . n 
B 1 39 LYS 39 38 38 LYS LYS B . n 
B 1 40 GLN 40 39 39 GLN GLN B . n 
B 1 41 LEU 41 40 40 LEU LEU B . n 
B 1 42 GLN 42 41 41 GLN GLN B . n 
B 1 43 ALA 43 42 42 ALA ALA B . n 
B 1 44 ARG 44 43 43 ARG ARG B . n 
B 1 45 ILE 45 44 44 ILE ILE B . n 
B 1 46 LEU 46 45 45 LEU LEU B . n 
B 1 47 NH2 47 46 46 NH2 NH2 B . n 
C 2 1  ACE 1  0  ?  ?   ?   C . n 
C 2 2  DLY 2  1  ?  ?   ?   C . n 
C 2 3  DLY 3  2  ?  ?   ?   C . n 
C 2 4  GLY 4  3  3  GLY GLY C . n 
C 2 5  DAL 5  4  4  DAL DAL C . n 
C 2 6  DCY 6  5  5  DCY DCY C . n 
C 2 7  DGL 7  6  6  DGL DGL C . n 
C 2 8  DSN 8  7  7  DSN DSN C . n 
C 2 9  DPR 9  8  8  DPR DPR C . n 
C 2 10 DGL 10 9  9  DGL DGL C . n 
C 2 11 DTR 11 10 10 DTR DTR C . n 
C 2 12 DGN 12 11 11 DGN DGN C . n 
C 2 13 DTR 13 12 12 DTR DTR C . n 
C 2 14 DLE 14 13 13 DLE DLE C . n 
C 2 15 DCY 15 14 14 DCY DCY C . n 
C 2 16 DAL 16 15 15 DAL DAL C . n 
C 2 17 DAL 17 16 16 DAL DAL C . n 
C 2 18 NH2 18 17 17 NH2 NH2 C . n 
D 2 1  ACE 1  0  ?  ?   ?   D . n 
D 2 2  DLY 2  1  ?  ?   ?   D . n 
D 2 3  DLY 3  2  2  DLY DLY D . n 
D 2 4  GLY 4  3  3  GLY GLY D . n 
D 2 5  DAL 5  4  4  DAL DAL D . n 
D 2 6  DCY 6  5  5  DCY DCY D . n 
D 2 7  DGL 7  6  6  DGL DGL D . n 
D 2 8  DSN 8  7  7  DSN DSN D . n 
D 2 9  DPR 9  8  8  DPR DPR D . n 
D 2 10 DGL 10 9  9  DGL DGL D . n 
D 2 11 DTR 11 10 10 DTR DTR D . n 
D 2 12 DGN 12 11 11 DGN DGN D . n 
D 2 13 DTR 13 12 12 DTR DTR D . n 
D 2 14 DLE 14 13 13 DLE DLE D . n 
D 2 15 DCY 15 14 14 DCY DCY D . n 
D 2 16 DAL 16 15 15 DAL DAL D . n 
D 2 17 DAL 17 16 16 DAL DAL D . n 
D 2 18 NH2 18 17 17 NH2 NH2 D . n 
# 
loop_
_pdbx_nonpoly_scheme.asym_id 
_pdbx_nonpoly_scheme.entity_id 
_pdbx_nonpoly_scheme.mon_id 
_pdbx_nonpoly_scheme.ndb_seq_num 
_pdbx_nonpoly_scheme.pdb_seq_num 
_pdbx_nonpoly_scheme.auth_seq_num 
_pdbx_nonpoly_scheme.pdb_mon_id 
_pdbx_nonpoly_scheme.auth_mon_id 
_pdbx_nonpoly_scheme.pdb_strand_id 
_pdbx_nonpoly_scheme.pdb_ins_code 
E 3 YT3 1  501 501 YT3 YT3 A . 
F 3 YT3 1  502 503 YT3 YT3 A . 
G 4 CL  1  503 601 CL  CL  A . 
H 3 YT3 1  101 502 YT3 YT3 B . 
I 3 YT3 1  102 504 YT3 YT3 B . 
J 3 YT3 1  103 505 YT3 YT3 B . 
K 5 HOH 1  601 602 HOH HOH A . 
K 5 HOH 2  602 603 HOH HOH A . 
K 5 HOH 3  603 604 HOH HOH A . 
K 5 HOH 4  604 605 HOH HOH A . 
K 5 HOH 5  605 606 HOH HOH A . 
K 5 HOH 6  606 607 HOH HOH A . 
K 5 HOH 7  607 608 HOH HOH A . 
K 5 HOH 8  608 609 HOH HOH A . 
K 5 HOH 9  609 610 HOH HOH A . 
K 5 HOH 10 610 611 HOH HOH A . 
K 5 HOH 11 611 612 HOH HOH A . 
K 5 HOH 12 612 613 HOH HOH A . 
K 5 HOH 13 613 614 HOH HOH A . 
K 5 HOH 14 614 615 HOH HOH A . 
K 5 HOH 15 615 616 HOH HOH A . 
K 5 HOH 16 616 617 HOH HOH A . 
K 5 HOH 17 617 618 HOH HOH A . 
K 5 HOH 18 618 620 HOH HOH A . 
K 5 HOH 19 619 621 HOH HOH A . 
K 5 HOH 20 620 622 HOH HOH A . 
K 5 HOH 21 621 623 HOH HOH A . 
K 5 HOH 22 622 624 HOH HOH A . 
K 5 HOH 23 623 625 HOH HOH A . 
K 5 HOH 24 624 626 HOH HOH A . 
K 5 HOH 25 625 627 HOH HOH A . 
K 5 HOH 26 626 628 HOH HOH A . 
K 5 HOH 27 627 629 HOH HOH A . 
K 5 HOH 28 628 630 HOH HOH A . 
K 5 HOH 29 629 631 HOH HOH A . 
K 5 HOH 30 630 632 HOH HOH A . 
K 5 HOH 31 631 633 HOH HOH A . 
K 5 HOH 32 632 634 HOH HOH A . 
K 5 HOH 33 633 635 HOH HOH A . 
K 5 HOH 34 634 636 HOH HOH A . 
K 5 HOH 35 635 637 HOH HOH A . 
K 5 HOH 36 636 638 HOH HOH A . 
K 5 HOH 37 637 639 HOH HOH A . 
K 5 HOH 38 638 640 HOH HOH A . 
K 5 HOH 39 639 641 HOH HOH A . 
K 5 HOH 40 640 642 HOH HOH A . 
K 5 HOH 41 641 643 HOH HOH A . 
K 5 HOH 42 642 644 HOH HOH A . 
K 5 HOH 43 643 645 HOH HOH A . 
K 5 HOH 44 644 646 HOH HOH A . 
K 5 HOH 45 645 647 HOH HOH A . 
K 5 HOH 46 646 648 HOH HOH A . 
K 5 HOH 47 647 649 HOH HOH A . 
K 5 HOH 48 648 650 HOH HOH A . 
K 5 HOH 49 649 651 HOH HOH A . 
K 5 HOH 50 650 652 HOH HOH A . 
K 5 HOH 51 651 653 HOH HOH A . 
K 5 HOH 52 652 654 HOH HOH A . 
K 5 HOH 53 653 655 HOH HOH A . 
K 5 HOH 54 654 656 HOH HOH A . 
K 5 HOH 55 655 657 HOH HOH A . 
K 5 HOH 56 656 658 HOH HOH A . 
K 5 HOH 57 657 659 HOH HOH A . 
K 5 HOH 58 658 660 HOH HOH A . 
K 5 HOH 59 659 661 HOH HOH A . 
K 5 HOH 60 660 662 HOH HOH A . 
K 5 HOH 61 661 663 HOH HOH A . 
K 5 HOH 62 662 664 HOH HOH A . 
K 5 HOH 63 663 665 HOH HOH A . 
K 5 HOH 64 664 666 HOH HOH A . 
K 5 HOH 65 665 667 HOH HOH A . 
K 5 HOH 66 666 668 HOH HOH A . 
K 5 HOH 67 667 669 HOH HOH A . 
K 5 HOH 68 668 670 HOH HOH A . 
K 5 HOH 69 669 671 HOH HOH A . 
K 5 HOH 70 670 672 HOH HOH A . 
K 5 HOH 71 671 673 HOH HOH A . 
K 5 HOH 72 672 674 HOH HOH A . 
K 5 HOH 73 673 675 HOH HOH A . 
K 5 HOH 74 674 676 HOH HOH A . 
K 5 HOH 75 675 677 HOH HOH A . 
K 5 HOH 76 676 678 HOH HOH A . 
K 5 HOH 77 677 679 HOH HOH A . 
K 5 HOH 78 678 680 HOH HOH A . 
K 5 HOH 79 679 681 HOH HOH A . 
K 5 HOH 80 680 682 HOH HOH A . 
K 5 HOH 81 681 683 HOH HOH A . 
K 5 HOH 82 682 684 HOH HOH A . 
K 5 HOH 83 683 685 HOH HOH A . 
K 5 HOH 84 684 686 HOH HOH A . 
K 5 HOH 85 685 687 HOH HOH A . 
K 5 HOH 86 686 688 HOH HOH A . 
L 5 HOH 1  201 619 HOH HOH B . 
L 5 HOH 2  202 506 HOH HOH B . 
L 5 HOH 3  203 507 HOH HOH B . 
L 5 HOH 4  204 508 HOH HOH B . 
L 5 HOH 5  205 509 HOH HOH B . 
L 5 HOH 6  206 510 HOH HOH B . 
L 5 HOH 7  207 511 HOH HOH B . 
L 5 HOH 8  208 512 HOH HOH B . 
L 5 HOH 9  209 513 HOH HOH B . 
L 5 HOH 10 210 514 HOH HOH B . 
L 5 HOH 11 211 515 HOH HOH B . 
L 5 HOH 12 212 516 HOH HOH B . 
L 5 HOH 13 213 517 HOH HOH B . 
L 5 HOH 14 214 518 HOH HOH B . 
L 5 HOH 15 215 519 HOH HOH B . 
L 5 HOH 16 216 520 HOH HOH B . 
L 5 HOH 17 217 521 HOH HOH B . 
L 5 HOH 18 218 522 HOH HOH B . 
L 5 HOH 19 219 523 HOH HOH B . 
L 5 HOH 20 220 524 HOH HOH B . 
L 5 HOH 21 221 525 HOH HOH B . 
L 5 HOH 22 222 526 HOH HOH B . 
L 5 HOH 23 223 527 HOH HOH B . 
L 5 HOH 24 224 528 HOH HOH B . 
L 5 HOH 25 225 529 HOH HOH B . 
L 5 HOH 26 226 530 HOH HOH B . 
L 5 HOH 27 227 531 HOH HOH B . 
L 5 HOH 28 228 532 HOH HOH B . 
L 5 HOH 29 229 533 HOH HOH B . 
L 5 HOH 30 230 534 HOH HOH B . 
L 5 HOH 31 231 535 HOH HOH B . 
L 5 HOH 32 232 536 HOH HOH B . 
L 5 HOH 33 233 537 HOH HOH B . 
L 5 HOH 34 234 538 HOH HOH B . 
L 5 HOH 35 235 539 HOH HOH B . 
L 5 HOH 36 236 540 HOH HOH B . 
L 5 HOH 37 237 541 HOH HOH B . 
L 5 HOH 38 238 542 HOH HOH B . 
L 5 HOH 39 239 543 HOH HOH B . 
L 5 HOH 40 240 544 HOH HOH B . 
L 5 HOH 41 241 545 HOH HOH B . 
L 5 HOH 42 242 546 HOH HOH B . 
L 5 HOH 43 243 547 HOH HOH B . 
L 5 HOH 44 244 548 HOH HOH B . 
L 5 HOH 45 245 549 HOH HOH B . 
L 5 HOH 46 246 550 HOH HOH B . 
L 5 HOH 47 247 551 HOH HOH B . 
L 5 HOH 48 248 552 HOH HOH B . 
L 5 HOH 49 249 553 HOH HOH B . 
L 5 HOH 50 250 554 HOH HOH B . 
L 5 HOH 51 251 555 HOH HOH B . 
L 5 HOH 52 252 556 HOH HOH B . 
L 5 HOH 53 253 557 HOH HOH B . 
L 5 HOH 54 254 558 HOH HOH B . 
L 5 HOH 55 255 559 HOH HOH B . 
L 5 HOH 56 256 560 HOH HOH B . 
L 5 HOH 57 257 561 HOH HOH B . 
L 5 HOH 58 258 562 HOH HOH B . 
L 5 HOH 59 259 563 HOH HOH B . 
L 5 HOH 60 260 564 HOH HOH B . 
L 5 HOH 61 261 565 HOH HOH B . 
L 5 HOH 62 262 566 HOH HOH B . 
L 5 HOH 63 263 567 HOH HOH B . 
L 5 HOH 64 264 568 HOH HOH B . 
L 5 HOH 65 265 569 HOH HOH B . 
L 5 HOH 66 266 570 HOH HOH B . 
L 5 HOH 67 267 571 HOH HOH B . 
L 5 HOH 68 268 572 HOH HOH B . 
L 5 HOH 69 269 573 HOH HOH B . 
L 5 HOH 70 270 574 HOH HOH B . 
L 5 HOH 71 271 575 HOH HOH B . 
L 5 HOH 72 272 576 HOH HOH B . 
L 5 HOH 73 273 577 HOH HOH B . 
L 5 HOH 74 274 578 HOH HOH B . 
L 5 HOH 75 275 579 HOH HOH B . 
L 5 HOH 76 276 580 HOH HOH B . 
M 5 HOH 1  101 18  HOH HOH C . 
M 5 HOH 2  102 19  HOH HOH C . 
M 5 HOH 3  103 20  HOH HOH C . 
M 5 HOH 4  104 21  HOH HOH C . 
M 5 HOH 5  105 22  HOH HOH C . 
M 5 HOH 6  106 23  HOH HOH C . 
M 5 HOH 7  107 24  HOH HOH C . 
M 5 HOH 8  108 25  HOH HOH C . 
M 5 HOH 9  109 26  HOH HOH C . 
M 5 HOH 10 110 27  HOH HOH C . 
M 5 HOH 11 111 28  HOH HOH C . 
M 5 HOH 12 112 29  HOH HOH C . 
M 5 HOH 13 113 30  HOH HOH C . 
M 5 HOH 14 114 31  HOH HOH C . 
M 5 HOH 15 115 32  HOH HOH C . 
M 5 HOH 16 116 33  HOH HOH C . 
M 5 HOH 17 117 34  HOH HOH C . 
M 5 HOH 18 118 35  HOH HOH C . 
M 5 HOH 19 119 36  HOH HOH C . 
M 5 HOH 20 120 37  HOH HOH C . 
M 5 HOH 21 121 38  HOH HOH C . 
M 5 HOH 22 122 39  HOH HOH C . 
M 5 HOH 23 123 40  HOH HOH C . 
M 5 HOH 24 124 41  HOH HOH C . 
M 5 HOH 25 125 42  HOH HOH C . 
N 5 HOH 1  101 18  HOH HOH D . 
N 5 HOH 2  102 19  HOH HOH D . 
N 5 HOH 3  103 20  HOH HOH D . 
N 5 HOH 4  104 21  HOH HOH D . 
N 5 HOH 5  105 22  HOH HOH D . 
N 5 HOH 6  106 23  HOH HOH D . 
N 5 HOH 7  107 24  HOH HOH D . 
N 5 HOH 8  108 25  HOH HOH D . 
N 5 HOH 9  109 26  HOH HOH D . 
N 5 HOH 10 110 27  HOH HOH D . 
N 5 HOH 11 111 28  HOH HOH D . 
N 5 HOH 12 112 29  HOH HOH D . 
N 5 HOH 13 113 30  HOH HOH D . 
N 5 HOH 14 114 31  HOH HOH D . 
N 5 HOH 15 115 32  HOH HOH D . 
N 5 HOH 16 116 33  HOH HOH D . 
N 5 HOH 17 117 34  HOH HOH D . 
N 5 HOH 18 118 35  HOH HOH D . 
N 5 HOH 19 119 36  HOH HOH D . 
N 5 HOH 20 120 37  HOH HOH D . 
N 5 HOH 21 121 38  HOH HOH D . 
N 5 HOH 22 122 39  HOH HOH D . 
N 5 HOH 23 123 40  HOH HOH D . 
# 
loop_
_software.name 
_software.version 
_software.date 
_software.type 
_software.contact_author 
_software.contact_author_email 
_software.classification 
_software.location 
_software.language 
_software.citation_id 
_software.pdbx_ordinal 
DENZO       .       ?              package 'Zbyszek Otwinowski' zbyszek@mix.swmed.edu       'data reduction'  
http://www.lnls.br/infra/linhasluz/denzo-hkl.htm ?          ? 1 
SCALEPACK   .       ?              package 'Zbyszek Otwinowski' zbyszek@mix.swmed.edu       'data scaling'    
http://www.lnls.br/infra/linhasluz/denzo-hkl.htm ?          ? 2 
PHASER      .       ?              other   'R. J. Read'         cimr-phaser@lists.cam.ac.uk phasing           
http://www-structmed.cimr.cam.ac.uk/phaser/      ?          ? 3 
CNS         .       ?              package 'Axel T. Brunger'    axel.brunger@yale.edu       refinement        
http://cns.csb.yale.edu/v1.1/                    Fortran_77 ? 4 
PDB_EXTRACT 3.000   'July 2, 2007' package PDB                  sw-help@rcsb.rutgers.edu    'data extraction' 
http://pdb.rutgers.edu/software/                 C++        ? 5 
ADSC        Quantum ?              ?       ?                    ?                           'data collection' ? ?          ? 6 
# 
_cell.entry_id           2R3C 
_cell.length_a           46.843 
_cell.length_b           46.843 
_cell.length_c           137.079 
_cell.angle_alpha        90.00 
_cell.angle_beta         90.00 
_cell.angle_gamma        120.00 
_cell.Z_PDB              12 
_cell.pdbx_unique_axis   ? 
_cell.length_a_esd       ? 
_cell.length_b_esd       ? 
_cell.length_c_esd       ? 
_cell.angle_alpha_esd    ? 
_cell.angle_beta_esd     ? 
_cell.angle_gamma_esd    ? 
# 
_symmetry.entry_id                         2R3C 
_symmetry.space_group_name_H-M             'P 63' 
_symmetry.pdbx_full_space_group_name_H-M   ? 
_symmetry.cell_setting                     ? 
_symmetry.Int_Tables_number                173 
_symmetry.space_group_name_Hall            ? 
# 
_exptl.crystals_number   1 
_exptl.entry_id          2R3C 
_exptl.method            'X-RAY DIFFRACTION' 
# 
_exptl_crystal.id                    1 
_exptl_crystal.density_Matthews      2.99 
_exptl_crystal.density_meas          ? 
_exptl_crystal.density_percent_sol   58.92 
_exptl_crystal.description           ? 
_exptl_crystal.F_000                 ? 
_exptl_crystal.preparation           ? 
# 
_exptl_crystal_grow.crystal_id      1 
_exptl_crystal_grow.method          'VAPOR DIFFUSION' 
_exptl_crystal_grow.pH              4.6 
_exptl_crystal_grow.temp            298 
_exptl_crystal_grow.pdbx_details    '27% PEG 2000 MME, 0.1M Sodium Acetate, 0.4M YCl3, pH 4.6, VAPOR DIFFUSION, temperature 298K' 
_exptl_crystal_grow.temp_details    ? 
_exptl_crystal_grow.pdbx_pH_range   . 
# 
_diffrn.id                     1 
_diffrn.ambient_temp           100 
_diffrn.ambient_temp_details   ? 
_diffrn.crystal_id             1 
# 
_diffrn_detector.diffrn_id              1 
_diffrn_detector.detector               CCD 
_diffrn_detector.type                   'ADSC QUANTUM 4' 
_diffrn_detector.pdbx_collection_date   2004-04-08 
_diffrn_detector.details                ? 
# 
_diffrn_radiation.diffrn_id                        1 
_diffrn_radiation.pdbx_diffrn_protocol             'SINGLE WAVELENGTH' 
_diffrn_radiation.monochromator                    GRAPHITE 
_diffrn_radiation.wavelength_id                    1 
_diffrn_radiation.pdbx_monochromatic_or_laue_m_l   M 
_diffrn_radiation.pdbx_scattering_type             x-ray 
# 
_diffrn_radiation_wavelength.id           1 
_diffrn_radiation_wavelength.wavelength   1.07274 
_diffrn_radiation_wavelength.wt           1.0 
# 
_diffrn_source.diffrn_id                   1 
_diffrn_source.source                      SYNCHROTRON 
_diffrn_source.type                        'NSLS BEAMLINE X26C' 
_diffrn_source.pdbx_wavelength_list        1.07274 
_diffrn_source.pdbx_wavelength             ? 
_diffrn_source.pdbx_synchrotron_site       NSLS 
_diffrn_source.pdbx_synchrotron_beamline   X26C 
# 
_reflns.entry_id                     2R3C 
_reflns.d_resolution_high            1.730 
_reflns.d_resolution_low             50.000 
_reflns.number_obs                   33506 
_reflns.pdbx_Rmerge_I_obs            0.094 
_reflns.pdbx_netI_over_sigmaI        14.500 
_reflns.pdbx_chi_squared             1.327 
_reflns.pdbx_redundancy              5.600 
_reflns.percent_possible_obs         95.300 
_reflns.observed_criterion_sigma_F   0 
_reflns.observed_criterion_sigma_I   0 
_reflns.number_all                   35168 
_reflns.pdbx_Rsym_value              ? 
_reflns.B_iso_Wilson_estimate        ? 
_reflns.R_free_details               ? 
_reflns.limit_h_max                  ? 
_reflns.limit_h_min                  ? 
_reflns.limit_k_max                  ? 
_reflns.limit_k_min                  ? 
_reflns.limit_l_max                  ? 
_reflns.limit_l_min                  ? 
_reflns.observed_criterion_F_max     ? 
_reflns.observed_criterion_F_min     ? 
_reflns.pdbx_scaling_rejects         ? 
_reflns.pdbx_ordinal                 1 
_reflns.pdbx_diffrn_id               1 
# 
_reflns_shell.d_res_high             1.73 
_reflns_shell.d_res_low              1.79 
_reflns_shell.number_measured_obs    ? 
_reflns_shell.number_measured_all    ? 
_reflns_shell.number_unique_obs      ? 
_reflns_shell.Rmerge_I_obs           0.481 
_reflns_shell.meanI_over_sigI_obs    ? 
_reflns_shell.pdbx_Rsym_value        ? 
_reflns_shell.pdbx_chi_squared       0.864 
_reflns_shell.pdbx_redundancy        3.40 
_reflns_shell.percent_possible_obs   ? 
_reflns_shell.number_unique_all      2716 
_reflns_shell.percent_possible_all   77.50 
_reflns_shell.pdbx_ordinal           1 
_reflns_shell.pdbx_diffrn_id         1 
# 
_refine.entry_id                                 2R3C 
_refine.ls_d_res_high                            1.730 
_refine.ls_d_res_low                             50.000 
_refine.pdbx_ls_sigma_F                          0 
_refine.ls_percent_reflns_obs                    92.200 
_refine.ls_number_reflns_obs                     32413 
_refine.ls_R_factor_R_work                       0.193 
_refine.ls_R_factor_R_free                       0.230 
_refine.ls_percent_reflns_R_free                 4.300 
_refine.ls_number_reflns_R_free                  1510 
_refine.B_iso_mean                               30.006 
_refine.solvent_model_param_bsol                 53.063 
_refine.aniso_B[1][1]                            -5.192 
_refine.aniso_B[2][2]                            -5.192 
_refine.aniso_B[3][3]                            10.385 
_refine.aniso_B[1][2]                            -3.309 
_refine.aniso_B[1][3]                            0.000 
_refine.aniso_B[2][3]                            0.000 
_refine.pdbx_method_to_determine_struct          'MOLECULAR REPLACEMENT' 
_refine.pdbx_ls_sigma_I                          0 
_refine.ls_number_reflns_all                     35155 
_refine.ls_R_factor_all                          0.23 
_refine.ls_R_factor_obs                          0.23 
_refine.ls_redundancy_reflns_obs                 ? 
_refine.pdbx_data_cutoff_high_absF               ? 
_refine.pdbx_data_cutoff_low_absF                ? 
_refine.ls_number_parameters                     ? 
_refine.ls_number_restraints                     ? 
_refine.ls_R_factor_R_free_error                 ? 
_refine.ls_R_factor_R_free_error_details         ? 
_refine.pdbx_starting_model                      ? 
_refine.pdbx_ls_cross_valid_method               ? 
_refine.pdbx_R_Free_selection_details            
'selected randomly with equal numbers in each resolution bin.  Total number of reflections to exceed 1500.' 
_refine.pdbx_stereochem_target_val_spec_case     ? 
_refine.pdbx_stereochemistry_target_values       'Engh & Huber' 
_refine.solvent_model_details                    ? 
_refine.solvent_model_param_ksol                 ? 
_refine.occupancy_max                            ? 
_refine.occupancy_min                            ? 
_refine.pdbx_isotropic_thermal_model             isotropic 
_refine.details                                  'Data has a twin fraction of 0.326' 
_refine.B_iso_min                                ? 
_refine.B_iso_max                                ? 
_refine.correlation_coeff_Fo_to_Fc               ? 
_refine.correlation_coeff_Fo_to_Fc_free          ? 
_refine.pdbx_solvent_vdw_probe_radii             ? 
_refine.pdbx_solvent_ion_probe_radii             ? 
_refine.pdbx_solvent_shrinkage_radii             ? 
_refine.overall_SU_R_Cruickshank_DPI             ? 
_refine.overall_SU_R_free                        ? 
_refine.overall_SU_ML                            ? 
_refine.overall_SU_B                             ? 
_refine.pdbx_overall_ESU_R_Free                  ? 
_refine.pdbx_data_cutoff_high_rms_absF           ? 
_refine.ls_wR_factor_R_free                      ? 
_refine.ls_wR_factor_R_work                      ? 
_refine.overall_FOM_free_R_set                   ? 
_refine.overall_FOM_work_R_set                   ? 
_refine.pdbx_refine_id                           'X-RAY DIFFRACTION' 
_refine.pdbx_overall_phase_error                 ? 
_refine.pdbx_overall_ESU_R                       ? 
_refine.pdbx_diffrn_id                           1 
_refine.pdbx_TLS_residual_ADP_flag               ? 
_refine.pdbx_overall_SU_R_free_Cruickshank_DPI   ? 
_refine.pdbx_overall_SU_R_Blow_DPI               ? 
_refine.pdbx_overall_SU_R_free_Blow_DPI          ? 
# 
_refine_hist.pdbx_refine_id                   'X-RAY DIFFRACTION' 
_refine_hist.cycle_id                         LAST 
_refine_hist.pdbx_number_atoms_protein        962 
_refine_hist.pdbx_number_atoms_nucleic_acid   0 
_refine_hist.pdbx_number_atoms_ligand         6 
_refine_hist.number_atoms_solvent             210 
_refine_hist.number_atoms_total               1178 
_refine_hist.d_res_high                       1.730 
_refine_hist.d_res_low                        50.000 
# 
loop_
_refine_ls_restr.type 
_refine_ls_restr.number 
_refine_ls_restr.dev_ideal 
_refine_ls_restr.dev_ideal_target 
_refine_ls_restr.weight 
_refine_ls_restr.pdbx_refine_id 
_refine_ls_restr.pdbx_restraint_function 
c_mcbond_it  ? 1.107 1.500 ? 'X-RAY DIFFRACTION' ? 
c_scbond_it  ? 2.341 2.000 ? 'X-RAY DIFFRACTION' ? 
c_mcangle_it ? 1.782 2.000 ? 'X-RAY DIFFRACTION' ? 
c_scangle_it ? 3.676 2.500 ? 'X-RAY DIFFRACTION' ? 
# 
loop_
_pdbx_xplor_file.serial_no 
_pdbx_xplor_file.param_file 
_pdbx_xplor_file.topol_file 
_pdbx_xplor_file.pdbx_refine_id 
1 protein_wcaps.param ? 'X-RAY DIFFRACTION' 
2 water_rep.param     ? 'X-RAY DIFFRACTION' 
3 ion.param           ? 'X-RAY DIFFRACTION' 
# 
_struct.entry_id                  2R3C 
_struct.title                     'Structure of the gp41 N-peptide in complex with the HIV entry inhibitor PIE1' 
_struct.pdbx_model_details        ? 
_struct.pdbx_CASP_flag            ? 
_struct.pdbx_model_type_details   ? 
# 
_struct_keywords.entry_id        2R3C 
_struct_keywords.text            'HIV, inhibitor, viral entry, PIE, VIRAL PROTEIN, VIRAL PROTEIN-VIRAL PROTEIN INHIBITOR complex' 
_struct_keywords.pdbx_keywords   'VIRAL PROTEIN/VIRAL PROTEIN INHIBITOR' 
# 
loop_
_struct_asym.id 
_struct_asym.pdbx_blank_PDB_chainid_flag 
_struct_asym.pdbx_modified 
_struct_asym.entity_id 
_struct_asym.details 
A N N 1 ? 
B N N 1 ? 
C N N 2 ? 
D N N 2 ? 
E N N 3 ? 
F N N 3 ? 
G N N 4 ? 
H N N 3 ? 
I N N 3 ? 
J N N 3 ? 
K N N 5 ? 
L N N 5 ? 
M N N 5 ? 
N N N 5 ? 
# 
loop_
_struct_ref.id 
_struct_ref.db_name 
_struct_ref.db_code 
_struct_ref.pdbx_db_accession 
_struct_ref.entity_id 
_struct_ref.pdbx_seq_one_letter_code 
_struct_ref.pdbx_align_begin 
_struct_ref.pdbx_db_isoform 
1 PDB 2R3C 2R3C 1 RMKQIEDKIEEIESKQKKIENEIARIKKLLQLTVWGIKQLQARIL                                             1 ? 
2 PDB 2R3C 2R3C 2 
;(ACE)(DLY)(DLY)G(DAL)(DCY)(DGL)(DSN)(DPR)(DGL)(DTR)(DGN)(DTR)(DLE)(DCY)(DAL)(DAL)
(NH2)
;
1 ? 
# 
loop_
_struct_ref_seq.align_id 
_struct_ref_seq.ref_id 
_struct_ref_seq.pdbx_PDB_id_code 
_struct_ref_seq.pdbx_strand_id 
_struct_ref_seq.seq_align_beg 
_struct_ref_seq.pdbx_seq_align_beg_ins_code 
_struct_ref_seq.seq_align_end 
_struct_ref_seq.pdbx_seq_align_end_ins_code 
_struct_ref_seq.pdbx_db_accession 
_struct_ref_seq.db_align_beg 
_struct_ref_seq.pdbx_db_align_beg_ins_code 
_struct_ref_seq.db_align_end 
_struct_ref_seq.pdbx_db_align_end_ins_code 
_struct_ref_seq.pdbx_auth_seq_align_beg 
_struct_ref_seq.pdbx_auth_seq_align_end 
1 1 2R3C A 2 ? 46 ? 2R3C 1 ? 45 ? 1 45 
2 1 2R3C B 2 ? 46 ? 2R3C 1 ? 45 ? 1 45 
3 2 2R3C C 1 ? 18 ? 2R3C 0 ? 17 ? 0 17 
4 2 2R3C D 1 ? 18 ? 2R3C 0 ? 17 ? 0 17 
# 
loop_
_struct_ref_seq_dif.align_id 
_struct_ref_seq_dif.pdbx_pdb_id_code 
_struct_ref_seq_dif.mon_id 
_struct_ref_seq_dif.pdbx_pdb_strand_id 
_struct_ref_seq_dif.seq_num 
_struct_ref_seq_dif.pdbx_pdb_ins_code 
_struct_ref_seq_dif.pdbx_seq_db_name 
_struct_ref_seq_dif.pdbx_seq_db_accession_code 
_struct_ref_seq_dif.db_mon_id 
_struct_ref_seq_dif.pdbx_seq_db_seq_num 
_struct_ref_seq_dif.details 
_struct_ref_seq_dif.pdbx_auth_seq_num 
_struct_ref_seq_dif.pdbx_ordinal 
1 2R3C ACE A 1  ? PDB 2R3C ? ? acetylation 0  1 
1 2R3C NH2 A 47 ? PDB 2R3C ? ? amidation   46 2 
2 2R3C ACE B 1  ? PDB 2R3C ? ? acetylation 0  3 
2 2R3C NH2 B 47 ? PDB 2R3C ? ? amidation   46 4 
# 
loop_
_pdbx_struct_assembly.id 
_pdbx_struct_assembly.details 
_pdbx_struct_assembly.method_details 
_pdbx_struct_assembly.oligomeric_details 
_pdbx_struct_assembly.oligomeric_count 
1 author_and_software_defined_assembly PISA hexameric 6 
2 author_and_software_defined_assembly PISA hexameric 6 
# 
loop_
_pdbx_struct_assembly_prop.biol_id 
_pdbx_struct_assembly_prop.type 
_pdbx_struct_assembly_prop.value 
_pdbx_struct_assembly_prop.details 
1 'ABSA (A^2)' 10020 ? 
1 MORE         -88   ? 
1 'SSA (A^2)'  11230 ? 
2 'ABSA (A^2)' 9400  ? 
2 MORE         -103  ? 
2 'SSA (A^2)'  9790  ? 
# 
loop_
_pdbx_struct_assembly_gen.assembly_id 
_pdbx_struct_assembly_gen.oper_expression 
_pdbx_struct_assembly_gen.asym_id_list 
1 1,2,3 A,D,E,F,G,K,N 
2 1,4,5 B,C,H,I,J,L,M 
# 
loop_
_pdbx_struct_oper_list.id 
_pdbx_struct_oper_list.type 
_pdbx_struct_oper_list.name 
_pdbx_struct_oper_list.symmetry_operation 
_pdbx_struct_oper_list.matrix[1][1] 
_pdbx_struct_oper_list.matrix[1][2] 
_pdbx_struct_oper_list.matrix[1][3] 
_pdbx_struct_oper_list.vector[1] 
_pdbx_struct_oper_list.matrix[2][1] 
_pdbx_struct_oper_list.matrix[2][2] 
_pdbx_struct_oper_list.matrix[2][3] 
_pdbx_struct_oper_list.vector[2] 
_pdbx_struct_oper_list.matrix[3][1] 
_pdbx_struct_oper_list.matrix[3][2] 
_pdbx_struct_oper_list.matrix[3][3] 
_pdbx_struct_oper_list.vector[3] 
1 'identity operation'         1_555 x,y,z         1.0000000000 0.0000000000  0.0000000000 0.0000000000  0.0000000000  1.0000000000  0.0000000000  0.0000000000   0.0000000000 0.0000000000  1.0000000000  0.0000000000   
2 'crystal symmetry operation' 2_555 -y,x-y,z      0.7512286292 0.2990466267  0.5884102835 6.3571311610  -0.4032386531 -0.4978309363 0.7678300251  -16.2565756331 0.5225458213 -0.8140856674 -0.2533976929 -15.8442394787 
3 'crystal symmetry operation' 3_555 -x+y,-x,z     0.7512286292 -0.4032386531 0.5225458213 -3.0515974597 0.2990466267  -0.4978309363 -0.8140856674 -22.8926731686 0.5884102835 0.7678300251  -0.2533976929 4.7267917990   
4 'crystal symmetry operation' 2_655 -y+1,x-y,z    0.7512286292 0.2990466267  0.5884102835 -9.1197463853 -0.4032386531 -0.4978309363 0.7678300251  7.7682220672   0.5225458213 -0.8140856674 -0.2533976929 21.2710135298  
5 'crystal symmetry operation' 3_665 -x+y+1,-x+1,z 0.7512286292 -0.4032386531 0.5225458213 -1.1316172549 0.2990466267  -0.4978309363 -0.8140856674 23.9109179044  0.5884102835 0.7678300251  -0.2533976929 4.7915041652 
# 
loop_
_struct_conf.conf_type_id 
_struct_conf.id 
_struct_conf.pdbx_PDB_helix_id 
_struct_conf.beg_label_comp_id 
_struct_conf.beg_label_asym_id 
_struct_conf.beg_label_seq_id 
_struct_conf.pdbx_beg_PDB_ins_code 
_struct_conf.end_label_comp_id 
_struct_conf.end_label_asym_id 
_struct_conf.end_label_seq_id 
_struct_conf.pdbx_end_PDB_ins_code 
_struct_conf.beg_auth_comp_id 
_struct_conf.beg_auth_asym_id 
_struct_conf.beg_auth_seq_id 
_struct_conf.end_auth_comp_id 
_struct_conf.end_auth_asym_id 
_struct_conf.end_auth_seq_id 
_struct_conf.pdbx_PDB_helix_class 
_struct_conf.details 
_struct_conf.pdbx_PDB_helix_length 
HELX_P HELX_P1 1 ARG A 2  ? LEU A 46 ? ARG A 1  LEU A 45 1 ? 45 
HELX_P HELX_P2 2 GLN B 5  ? LEU B 46 ? GLN B 4  LEU B 45 1 ? 42 
HELX_P HELX_P3 3 GLY C 4  ? DSN C 8  ? GLY C 3  DSN C 7  5 ? 5  
HELX_P HELX_P4 4 DTR C 11 ? DAL C 17 ? DTR C 10 DAL C 16 1 ? 7  
HELX_P HELX_P5 5 GLY D 4  ? DGL D 10 ? GLY D 3  DGL D 9  5 ? 7  
HELX_P HELX_P6 6 DTR D 11 ? DAL D 17 ? DTR D 10 DAL D 16 1 ? 7  
# 
_struct_conf_type.id          HELX_P 
_struct_conf_type.criteria    ? 
_struct_conf_type.reference   ? 
# 
loop_
_struct_conn.id 
_struct_conn.conn_type_id 
_struct_conn.pdbx_leaving_atom_flag 
_struct_conn.pdbx_PDB_id 
_struct_conn.ptnr1_label_asym_id 
_struct_conn.ptnr1_label_comp_id 
_struct_conn.ptnr1_label_seq_id 
_struct_conn.ptnr1_label_atom_id 
_struct_conn.pdbx_ptnr1_label_alt_id 
_struct_conn.pdbx_ptnr1_PDB_ins_code 
_struct_conn.pdbx_ptnr1_standard_comp_id 
_struct_conn.ptnr1_symmetry 
_struct_conn.ptnr2_label_asym_id 
_struct_conn.ptnr2_label_comp_id 
_struct_conn.ptnr2_label_seq_id 
_struct_conn.ptnr2_label_atom_id 
_struct_conn.pdbx_ptnr2_label_alt_id 
_struct_conn.pdbx_ptnr2_PDB_ins_code 
_struct_conn.ptnr1_auth_asym_id 
_struct_conn.ptnr1_auth_comp_id 
_struct_conn.ptnr1_auth_seq_id 
_struct_conn.ptnr2_auth_asym_id 
_struct_conn.ptnr2_auth_comp_id 
_struct_conn.ptnr2_auth_seq_id 
_struct_conn.ptnr2_symmetry 
_struct_conn.pdbx_ptnr3_label_atom_id 
_struct_conn.pdbx_ptnr3_label_seq_id 
_struct_conn.pdbx_ptnr3_label_comp_id 
_struct_conn.pdbx_ptnr3_label_asym_id 
_struct_conn.pdbx_ptnr3_label_alt_id 
_struct_conn.pdbx_ptnr3_PDB_ins_code 
_struct_conn.details 
_struct_conn.pdbx_dist_value 
_struct_conn.pdbx_value_order 
_struct_conn.pdbx_role 
disulf1  disulf ?    ? C DCY 6  SG  ? ? ? 1_555 C DCY 15 SG  ? ? C DCY 5   C DCY 14  1_555 ? ? ? ? ? ? ? 2.041 ?    ? 
disulf2  disulf ?    ? D DCY 6  SG  ? ? ? 1_555 D DCY 15 SG  ? ? D DCY 5   D DCY 14  1_555 ? ? ? ? ? ? ? 2.038 ?    ? 
covale1  covale both ? A ACE 1  C   ? ? ? 1_555 A ARG 2  N   ? ? A ACE 0   A ARG 1   1_555 ? ? ? ? ? ? ? 1.332 ?    ? 
covale2  covale both ? A LEU 46 C   ? ? ? 1_555 A NH2 47 N   ? ? A LEU 45  A NH2 46  1_555 ? ? ? ? ? ? ? 1.330 ?    ? 
covale3  covale both ? B LEU 46 C   ? ? ? 1_555 B NH2 47 N   ? ? B LEU 45  B NH2 46  1_555 ? ? ? ? ? ? ? 1.329 ?    ? 
covale4  covale both ? C GLY 4  C   ? ? ? 1_555 C DAL 5  N   ? ? C GLY 3   C DAL 4   1_555 ? ? ? ? ? ? ? 1.334 sing ? 
covale5  covale both ? C DAL 5  C   ? ? ? 1_555 C DCY 6  N   ? ? C DAL 4   C DCY 5   1_555 ? ? ? ? ? ? ? 1.333 sing ? 
covale6  covale both ? C DCY 6  C   ? ? ? 1_555 C DGL 7  N   ? ? C DCY 5   C DGL 6   1_555 ? ? ? ? ? ? ? 1.335 sing ? 
covale7  covale none ? C DCY 6  SG  ? ? ? 1_555 C DCY 15 SG  ? ? C DCY 5   C DCY 14  1_555 ? ? ? ? ? ? ? 2.041 ?    ? 
covale8  covale both ? C DGL 7  C   ? ? ? 1_555 C DSN 8  N   ? ? C DGL 6   C DSN 7   1_555 ? ? ? ? ? ? ? 1.331 sing ? 
covale9  covale both ? C DSN 8  C   ? ? ? 1_555 C DPR 9  N   ? ? C DSN 7   C DPR 8   1_555 ? ? ? ? ? ? ? 1.365 sing ? 
covale10 covale both ? C DPR 9  C   ? ? ? 1_555 C DGL 10 N   ? ? C DPR 8   C DGL 9   1_555 ? ? ? ? ? ? ? 1.335 sing ? 
covale11 covale both ? C DGL 10 C   ? ? ? 1_555 C DTR 11 N   ? ? C DGL 9   C DTR 10  1_555 ? ? ? ? ? ? ? 1.337 sing ? 
covale12 covale both ? C DTR 11 C   ? ? ? 1_555 C DGN 12 N   ? ? C DTR 10  C DGN 11  1_555 ? ? ? ? ? ? ? 1.330 sing ? 
covale13 covale both ? C DGN 12 C   ? ? ? 1_555 C DTR 13 N   ? ? C DGN 11  C DTR 12  1_555 ? ? ? ? ? ? ? 1.337 sing ? 
covale14 covale both ? C DTR 13 C   ? ? ? 1_555 C DLE 14 N   ? ? C DTR 12  C DLE 13  1_555 ? ? ? ? ? ? ? 1.341 sing ? 
covale15 covale both ? C DLE 14 C   ? ? ? 1_555 C DCY 15 N   ? ? C DLE 13  C DCY 14  1_555 ? ? ? ? ? ? ? 1.338 sing ? 
covale16 covale both ? C DCY 15 C   ? ? ? 1_555 C DAL 16 N   ? ? C DCY 14  C DAL 15  1_555 ? ? ? ? ? ? ? 1.335 sing ? 
covale17 covale both ? C DAL 16 C   ? ? ? 1_555 C DAL 17 N   ? ? C DAL 15  C DAL 16  1_555 ? ? ? ? ? ? ? 1.334 sing ? 
covale18 covale both ? C DAL 17 C   ? ? ? 1_555 C NH2 18 N   ? ? C DAL 16  C NH2 17  1_555 ? ? ? ? ? ? ? 1.328 sing ? 
covale19 covale both ? D DLY 3  C   ? ? ? 1_555 D GLY 4  N   ? ? D DLY 2   D GLY 3   1_555 ? ? ? ? ? ? ? 1.333 ?    ? 
covale20 covale both ? D GLY 4  C   ? ? ? 1_555 D DAL 5  N   ? ? D GLY 3   D DAL 4   1_555 ? ? ? ? ? ? ? 1.338 ?    ? 
covale21 covale both ? D DAL 5  C   ? ? ? 1_555 D DCY 6  N   ? ? D DAL 4   D DCY 5   1_555 ? ? ? ? ? ? ? 1.331 ?    ? 
covale22 covale both ? D DCY 6  C   ? ? ? 1_555 D DGL 7  N   ? ? D DCY 5   D DGL 6   1_555 ? ? ? ? ? ? ? 1.333 ?    ? 
covale23 covale none ? D DCY 6  SG  ? ? ? 1_555 D DCY 15 SG  ? ? D DCY 5   D DCY 14  1_555 ? ? ? ? ? ? ? 2.038 ?    ? 
covale24 covale both ? D DGL 7  C   ? ? ? 1_555 D DSN 8  N   ? ? D DGL 6   D DSN 7   1_555 ? ? ? ? ? ? ? 1.334 ?    ? 
covale25 covale both ? D DSN 8  C   ? ? ? 1_555 D DPR 9  N   ? ? D DSN 7   D DPR 8   1_555 ? ? ? ? ? ? ? 1.358 ?    ? 
covale26 covale both ? D DPR 9  C   ? ? ? 1_555 D DGL 10 N   ? ? D DPR 8   D DGL 9   1_555 ? ? ? ? ? ? ? 1.338 ?    ? 
covale27 covale both ? D DGL 10 C   ? ? ? 1_555 D DTR 11 N   ? ? D DGL 9   D DTR 10  1_555 ? ? ? ? ? ? ? 1.333 ?    ? 
covale28 covale both ? D DTR 11 C   ? ? ? 1_555 D DGN 12 N   ? ? D DTR 10  D DGN 11  1_555 ? ? ? ? ? ? ? 1.333 ?    ? 
covale29 covale both ? D DGN 12 C   ? ? ? 1_555 D DTR 13 N   ? ? D DGN 11  D DTR 12  1_555 ? ? ? ? ? ? ? 1.335 ?    ? 
covale30 covale both ? D DTR 13 C   ? ? ? 1_555 D DLE 14 N   ? ? D DTR 12  D DLE 13  1_555 ? ? ? ? ? ? ? 1.339 ?    ? 
covale31 covale both ? D DLE 14 C   ? ? ? 1_555 D DCY 15 N   ? ? D DLE 13  D DCY 14  1_555 ? ? ? ? ? ? ? 1.332 ?    ? 
covale32 covale both ? D DCY 15 C   ? ? ? 1_555 D DAL 16 N   ? ? D DCY 14  D DAL 15  1_555 ? ? ? ? ? ? ? 1.336 ?    ? 
covale33 covale both ? D DAL 16 C   ? ? ? 1_555 D DAL 17 N   ? ? D DAL 15  D DAL 16  1_555 ? ? ? ? ? ? ? 1.336 ?    ? 
covale34 covale both ? D DAL 17 C   ? ? ? 1_555 D NH2 18 N   ? ? D DAL 16  D NH2 17  1_555 ? ? ? ? ? ? ? 1.331 ?    ? 
metalc1  metalc ?    ? A ASP 8  OD2 ? ? ? 1_555 E YT3 .  Y   ? ? A ASP 7   A YT3 501 1_555 ? ? ? ? ? ? ? 2.780 ?    ? 
metalc2  metalc ?    ? A GLU 11 OE2 ? ? ? 1_555 E YT3 .  Y   ? ? A GLU 10  A YT3 501 1_555 ? ? ? ? ? ? ? 2.418 ?    ? 
metalc3  metalc ?    ? A GLU 11 OE1 ? ? ? 1_555 E YT3 .  Y   ? ? A GLU 10  A YT3 501 1_555 ? ? ? ? ? ? ? 2.507 ?    ? 
metalc4  metalc ?    ? A GLN 17 OE1 ? ? ? 1_555 F YT3 .  Y   ? ? A GLN 16  A YT3 502 1_555 ? ? ? ? ? ? ? 3.433 ?    ? 
metalc5  metalc ?    ? E YT3 .  Y   ? ? ? 1_555 K HOH .  O   ? ? A YT3 501 A HOH 633 1_555 ? ? ? ? ? ? ? 2.535 ?    ? 
metalc6  metalc ?    ? E YT3 .  Y   ? ? ? 1_555 C DGL 10 OE2 ? ? A YT3 501 C DGL 9   1_555 ? ? ? ? ? ? ? 2.407 ?    ? 
metalc7  metalc ?    ? E YT3 .  Y   ? ? ? 1_555 C DGL 10 OE1 ? ? A YT3 501 C DGL 9   1_555 ? ? ? ? ? ? ? 2.533 ?    ? 
metalc8  metalc ?    ? E YT3 .  Y   ? ? ? 1_555 M HOH .  O   ? ? A YT3 501 C HOH 107 1_555 ? ? ? ? ? ? ? 2.532 ?    ? 
metalc9  metalc ?    ? E YT3 .  Y   ? ? ? 1_555 M HOH .  O   ? ? A YT3 501 C HOH 113 1_555 ? ? ? ? ? ? ? 2.345 ?    ? 
metalc10 metalc ?    ? B ASP 8  OD1 ? ? ? 1_555 H YT3 .  Y   ? ? B ASP 7   B YT3 101 1_555 ? ? ? ? ? ? ? 2.102 ?    ? 
metalc11 metalc ?    ? B GLU 11 OE1 ? ? ? 1_555 H YT3 .  Y   ? ? B GLU 10  B YT3 101 1_555 ? ? ? ? ? ? ? 2.420 ?    ? 
metalc12 metalc ?    ? B GLU 11 OE2 ? ? ? 1_555 H YT3 .  Y   ? ? B GLU 10  B YT3 101 1_555 ? ? ? ? ? ? ? 2.709 ?    ? 
metalc13 metalc ?    ? B GLN 17 NE2 ? ? ? 1_555 I YT3 .  Y   ? ? B GLN 16  B YT3 102 1_555 ? ? ? ? ? ? ? 3.157 ?    ? 
metalc14 metalc ?    ? B THR 34 OG1 ? ? ? 1_555 J YT3 .  Y   ? ? B THR 33  B YT3 103 1_555 ? ? ? ? ? ? ? 2.822 ?    ? 
metalc15 metalc ?    ? H YT3 .  Y   ? ? ? 1_555 L HOH .  O   ? ? B YT3 101 B HOH 206 1_555 ? ? ? ? ? ? ? 2.452 ?    ? 
metalc16 metalc ?    ? H YT3 .  Y   ? ? ? 1_555 L HOH .  O   ? ? B YT3 101 B HOH 222 1_555 ? ? ? ? ? ? ? 2.304 ?    ? 
metalc17 metalc ?    ? H YT3 .  Y   ? ? ? 1_555 D DGL 10 OE2 ? ? B YT3 101 D DGL 9   1_555 ? ? ? ? ? ? ? 2.302 ?    ? 
metalc18 metalc ?    ? H YT3 .  Y   ? ? ? 1_555 D DGL 10 OE1 ? ? B YT3 101 D DGL 9   1_555 ? ? ? ? ? ? ? 2.400 ?    ? 
metalc19 metalc ?    ? H YT3 .  Y   ? ? ? 1_555 N HOH .  O   ? ? B YT3 101 D HOH 112 1_555 ? ? ? ? ? ? ? 2.680 ?    ? 
# 
loop_
_struct_conn_type.id 
_struct_conn_type.criteria 
_struct_conn_type.reference 
disulf ? ? 
covale ? ? 
metalc ? ? 
# 
loop_
_pdbx_struct_conn_angle.id 
_pdbx_struct_conn_angle.ptnr1_label_atom_id 
_pdbx_struct_conn_angle.ptnr1_label_alt_id 
_pdbx_struct_conn_angle.ptnr1_label_asym_id 
_pdbx_struct_conn_angle.ptnr1_label_comp_id 
_pdbx_struct_conn_angle.ptnr1_label_seq_id 
_pdbx_struct_conn_angle.ptnr1_auth_atom_id 
_pdbx_struct_conn_angle.ptnr1_auth_asym_id 
_pdbx_struct_conn_angle.ptnr1_auth_comp_id 
_pdbx_struct_conn_angle.ptnr1_auth_seq_id 
_pdbx_struct_conn_angle.ptnr1_PDB_ins_code 
_pdbx_struct_conn_angle.ptnr1_symmetry 
_pdbx_struct_conn_angle.ptnr2_label_atom_id 
_pdbx_struct_conn_angle.ptnr2_label_alt_id 
_pdbx_struct_conn_angle.ptnr2_label_asym_id 
_pdbx_struct_conn_angle.ptnr2_label_comp_id 
_pdbx_struct_conn_angle.ptnr2_label_seq_id 
_pdbx_struct_conn_angle.ptnr2_auth_atom_id 
_pdbx_struct_conn_angle.ptnr2_auth_asym_id 
_pdbx_struct_conn_angle.ptnr2_auth_comp_id 
_pdbx_struct_conn_angle.ptnr2_auth_seq_id 
_pdbx_struct_conn_angle.ptnr2_PDB_ins_code 
_pdbx_struct_conn_angle.ptnr2_symmetry 
_pdbx_struct_conn_angle.ptnr3_label_atom_id 
_pdbx_struct_conn_angle.ptnr3_label_alt_id 
_pdbx_struct_conn_angle.ptnr3_label_asym_id 
_pdbx_struct_conn_angle.ptnr3_label_comp_id 
_pdbx_struct_conn_angle.ptnr3_label_seq_id 
_pdbx_struct_conn_angle.ptnr3_auth_atom_id 
_pdbx_struct_conn_angle.ptnr3_auth_asym_id 
_pdbx_struct_conn_angle.ptnr3_auth_comp_id 
_pdbx_struct_conn_angle.ptnr3_auth_seq_id 
_pdbx_struct_conn_angle.ptnr3_PDB_ins_code 
_pdbx_struct_conn_angle.ptnr3_symmetry 
_pdbx_struct_conn_angle.value 
_pdbx_struct_conn_angle.value_esd 
1  OD2 ? A ASP 8  ? A ASP 7   ? 1_555 Y ? E YT3 . ? A YT3 501 ? 1_555 OE2 ? A GLU 11 ? A GLU 10  ? 1_555 76.2  ? 
2  OD2 ? A ASP 8  ? A ASP 7   ? 1_555 Y ? E YT3 . ? A YT3 501 ? 1_555 OE1 ? A GLU 11 ? A GLU 10  ? 1_555 104.1 ? 
3  OE2 ? A GLU 11 ? A GLU 10  ? 1_555 Y ? E YT3 . ? A YT3 501 ? 1_555 OE1 ? A GLU 11 ? A GLU 10  ? 1_555 53.0  ? 
4  OD2 ? A ASP 8  ? A ASP 7   ? 1_555 Y ? E YT3 . ? A YT3 501 ? 1_555 O   ? K HOH .  ? A HOH 633 ? 1_555 69.7  ? 
5  OE2 ? A GLU 11 ? A GLU 10  ? 1_555 Y ? E YT3 . ? A YT3 501 ? 1_555 O   ? K HOH .  ? A HOH 633 ? 1_555 71.8  ? 
6  OE1 ? A GLU 11 ? A GLU 10  ? 1_555 Y ? E YT3 . ? A YT3 501 ? 1_555 O   ? K HOH .  ? A HOH 633 ? 1_555 123.5 ? 
7  OD2 ? A ASP 8  ? A ASP 7   ? 1_555 Y ? E YT3 . ? A YT3 501 ? 1_555 OE2 ? C DGL 10 ? C DGL 9   ? 1_555 157.1 ? 
8  OE2 ? A GLU 11 ? A GLU 10  ? 1_555 Y ? E YT3 . ? A YT3 501 ? 1_555 OE2 ? C DGL 10 ? C DGL 9   ? 1_555 114.5 ? 
9  OE1 ? A GLU 11 ? A GLU 10  ? 1_555 Y ? E YT3 . ? A YT3 501 ? 1_555 OE2 ? C DGL 10 ? C DGL 9   ? 1_555 71.4  ? 
10 O   ? K HOH .  ? A HOH 633 ? 1_555 Y ? E YT3 . ? A YT3 501 ? 1_555 OE2 ? C DGL 10 ? C DGL 9   ? 1_555 132.1 ? 
11 OD2 ? A ASP 8  ? A ASP 7   ? 1_555 Y ? E YT3 . ? A YT3 501 ? 1_555 OE1 ? C DGL 10 ? C DGL 9   ? 1_555 150.4 ? 
12 OE2 ? A GLU 11 ? A GLU 10  ? 1_555 Y ? E YT3 . ? A YT3 501 ? 1_555 OE1 ? C DGL 10 ? C DGL 9   ? 1_555 86.2  ? 
13 OE1 ? A GLU 11 ? A GLU 10  ? 1_555 Y ? E YT3 . ? A YT3 501 ? 1_555 OE1 ? C DGL 10 ? C DGL 9   ? 1_555 83.0  ? 
14 O   ? K HOH .  ? A HOH 633 ? 1_555 Y ? E YT3 . ? A YT3 501 ? 1_555 OE1 ? C DGL 10 ? C DGL 9   ? 1_555 82.3  ? 
15 OE2 ? C DGL 10 ? C DGL 9   ? 1_555 Y ? E YT3 . ? A YT3 501 ? 1_555 OE1 ? C DGL 10 ? C DGL 9   ? 1_555 52.6  ? 
16 OD2 ? A ASP 8  ? A ASP 7   ? 1_555 Y ? E YT3 . ? A YT3 501 ? 1_555 O   ? M HOH .  ? C HOH 107 ? 1_555 98.2  ? 
17 OE2 ? A GLU 11 ? A GLU 10  ? 1_555 Y ? E YT3 . ? A YT3 501 ? 1_555 O   ? M HOH .  ? C HOH 107 ? 1_555 162.3 ? 
18 OE1 ? A GLU 11 ? A GLU 10  ? 1_555 Y ? E YT3 . ? A YT3 501 ? 1_555 O   ? M HOH .  ? C HOH 107 ? 1_555 144.0 ? 
19 O   ? K HOH .  ? A HOH 633 ? 1_555 Y ? E YT3 . ? A YT3 501 ? 1_555 O   ? M HOH .  ? C HOH 107 ? 1_555 90.5  ? 
20 OE2 ? C DGL 10 ? C DGL 9   ? 1_555 Y ? E YT3 . ? A YT3 501 ? 1_555 O   ? M HOH .  ? C HOH 107 ? 1_555 77.1  ? 
21 OE1 ? C DGL 10 ? C DGL 9   ? 1_555 Y ? E YT3 . ? A YT3 501 ? 1_555 O   ? M HOH .  ? C HOH 107 ? 1_555 91.4  ? 
22 OD2 ? A ASP 8  ? A ASP 7   ? 1_555 Y ? E YT3 . ? A YT3 501 ? 1_555 O   ? M HOH .  ? C HOH 113 ? 1_555 77.1  ? 
23 OE2 ? A GLU 11 ? A GLU 10  ? 1_555 Y ? E YT3 . ? A YT3 501 ? 1_555 O   ? M HOH .  ? C HOH 113 ? 1_555 117.0 ? 
24 OE1 ? A GLU 11 ? A GLU 10  ? 1_555 Y ? E YT3 . ? A YT3 501 ? 1_555 O   ? M HOH .  ? C HOH 113 ? 1_555 80.8  ? 
25 O   ? K HOH .  ? A HOH 633 ? 1_555 Y ? E YT3 . ? A YT3 501 ? 1_555 O   ? M HOH .  ? C HOH 113 ? 1_555 142.5 ? 
26 OE2 ? C DGL 10 ? C DGL 9   ? 1_555 Y ? E YT3 . ? A YT3 501 ? 1_555 O   ? M HOH .  ? C HOH 113 ? 1_555 79.9  ? 
27 OE1 ? C DGL 10 ? C DGL 9   ? 1_555 Y ? E YT3 . ? A YT3 501 ? 1_555 O   ? M HOH .  ? C HOH 113 ? 1_555 132.5 ? 
28 O   ? M HOH .  ? C HOH 107 ? 1_555 Y ? E YT3 . ? A YT3 501 ? 1_555 O   ? M HOH .  ? C HOH 113 ? 1_555 77.1  ? 
29 OD1 ? B ASP 8  ? B ASP 7   ? 1_555 Y ? H YT3 . ? B YT3 101 ? 1_555 OE1 ? B GLU 11 ? B GLU 10  ? 1_555 79.3  ? 
30 OD1 ? B ASP 8  ? B ASP 7   ? 1_555 Y ? H YT3 . ? B YT3 101 ? 1_555 OE2 ? B GLU 11 ? B GLU 10  ? 1_555 98.0  ? 
31 OE1 ? B GLU 11 ? B GLU 10  ? 1_555 Y ? H YT3 . ? B YT3 101 ? 1_555 OE2 ? B GLU 11 ? B GLU 10  ? 1_555 50.5  ? 
32 OD1 ? B ASP 8  ? B ASP 7   ? 1_555 Y ? H YT3 . ? B YT3 101 ? 1_555 O   ? L HOH .  ? B HOH 206 ? 1_555 92.6  ? 
33 OE1 ? B GLU 11 ? B GLU 10  ? 1_555 Y ? H YT3 . ? B YT3 101 ? 1_555 O   ? L HOH .  ? B HOH 206 ? 1_555 150.0 ? 
34 OE2 ? B GLU 11 ? B GLU 10  ? 1_555 Y ? H YT3 . ? B YT3 101 ? 1_555 O   ? L HOH .  ? B HOH 206 ? 1_555 159.1 ? 
35 OD1 ? B ASP 8  ? B ASP 7   ? 1_555 Y ? H YT3 . ? B YT3 101 ? 1_555 O   ? L HOH .  ? B HOH 222 ? 1_555 70.3  ? 
36 OE1 ? B GLU 11 ? B GLU 10  ? 1_555 Y ? H YT3 . ? B YT3 101 ? 1_555 O   ? L HOH .  ? B HOH 222 ? 1_555 76.0  ? 
37 OE2 ? B GLU 11 ? B GLU 10  ? 1_555 Y ? H YT3 . ? B YT3 101 ? 1_555 O   ? L HOH .  ? B HOH 222 ? 1_555 126.5 ? 
38 O   ? L HOH .  ? B HOH 206 ? 1_555 Y ? H YT3 . ? B YT3 101 ? 1_555 O   ? L HOH .  ? B HOH 222 ? 1_555 74.1  ? 
39 OD1 ? B ASP 8  ? B ASP 7   ? 1_555 Y ? H YT3 . ? B YT3 101 ? 1_555 OE2 ? D DGL 10 ? D DGL 9   ? 1_555 154.5 ? 
40 OE1 ? B GLU 11 ? B GLU 10  ? 1_555 Y ? H YT3 . ? B YT3 101 ? 1_555 OE2 ? D DGL 10 ? D DGL 9   ? 1_555 110.5 ? 
41 OE2 ? B GLU 11 ? B GLU 10  ? 1_555 Y ? H YT3 . ? B YT3 101 ? 1_555 OE2 ? D DGL 10 ? D DGL 9   ? 1_555 73.6  ? 
42 O   ? L HOH .  ? B HOH 206 ? 1_555 Y ? H YT3 . ? B YT3 101 ? 1_555 OE2 ? D DGL 10 ? D DGL 9   ? 1_555 89.2  ? 
43 O   ? L HOH .  ? B HOH 222 ? 1_555 Y ? H YT3 . ? B YT3 101 ? 1_555 OE2 ? D DGL 10 ? D DGL 9   ? 1_555 134.2 ? 
44 OD1 ? B ASP 8  ? B ASP 7   ? 1_555 Y ? H YT3 . ? B YT3 101 ? 1_555 OE1 ? D DGL 10 ? D DGL 9   ? 1_555 149.3 ? 
45 OE1 ? B GLU 11 ? B GLU 10  ? 1_555 Y ? H YT3 . ? B YT3 101 ? 1_555 OE1 ? D DGL 10 ? D DGL 9   ? 1_555 78.6  ? 
46 OE2 ? B GLU 11 ? B GLU 10  ? 1_555 Y ? H YT3 . ? B YT3 101 ? 1_555 OE1 ? D DGL 10 ? D DGL 9   ? 1_555 84.1  ? 
47 O   ? L HOH .  ? B HOH 206 ? 1_555 Y ? H YT3 . ? B YT3 101 ? 1_555 OE1 ? D DGL 10 ? D DGL 9   ? 1_555 95.9  ? 
48 O   ? L HOH .  ? B HOH 222 ? 1_555 Y ? H YT3 . ? B YT3 101 ? 1_555 OE1 ? D DGL 10 ? D DGL 9   ? 1_555 83.7  ? 
49 OE2 ? D DGL 10 ? D DGL 9   ? 1_555 Y ? H YT3 . ? B YT3 101 ? 1_555 OE1 ? D DGL 10 ? D DGL 9   ? 1_555 55.4  ? 
50 OD1 ? B ASP 8  ? B ASP 7   ? 1_555 Y ? H YT3 . ? B YT3 101 ? 1_555 O   ? N HOH .  ? D HOH 112 ? 1_555 85.1  ? 
51 OE1 ? B GLU 11 ? B GLU 10  ? 1_555 Y ? H YT3 . ? B YT3 101 ? 1_555 O   ? N HOH .  ? D HOH 112 ? 1_555 115.5 ? 
52 OE2 ? B GLU 11 ? B GLU 10  ? 1_555 Y ? H YT3 . ? B YT3 101 ? 1_555 O   ? N HOH .  ? D HOH 112 ? 1_555 70.9  ? 
53 O   ? L HOH .  ? B HOH 206 ? 1_555 Y ? H YT3 . ? B YT3 101 ? 1_555 O   ? N HOH .  ? D HOH 112 ? 1_555 92.3  ? 
54 O   ? L HOH .  ? B HOH 222 ? 1_555 Y ? H YT3 . ? B YT3 101 ? 1_555 O   ? N HOH .  ? D HOH 112 ? 1_555 150.9 ? 
55 OE2 ? D DGL 10 ? D DGL 9   ? 1_555 Y ? H YT3 . ? B YT3 101 ? 1_555 O   ? N HOH .  ? D HOH 112 ? 1_555 69.3  ? 
56 OE1 ? D DGL 10 ? D DGL 9   ? 1_555 Y ? H YT3 . ? B YT3 101 ? 1_555 O   ? N HOH .  ? D HOH 112 ? 1_555 123.8 ? 
# 
loop_
_pdbx_modification_feature.ordinal 
_pdbx_modification_feature.label_comp_id 
_pdbx_modification_feature.label_asym_id 
_pdbx_modification_feature.label_seq_id 
_pdbx_modification_feature.label_alt_id 
_pdbx_modification_feature.modified_residue_label_comp_id 
_pdbx_modification_feature.modified_residue_label_asym_id 
_pdbx_modification_feature.modified_residue_label_seq_id 
_pdbx_modification_feature.modified_residue_label_alt_id 
_pdbx_modification_feature.auth_comp_id 
_pdbx_modification_feature.auth_asym_id 
_pdbx_modification_feature.auth_seq_id 
_pdbx_modification_feature.PDB_ins_code 
_pdbx_modification_feature.symmetry 
_pdbx_modification_feature.modified_residue_auth_comp_id 
_pdbx_modification_feature.modified_residue_auth_asym_id 
_pdbx_modification_feature.modified_residue_auth_seq_id 
_pdbx_modification_feature.modified_residue_PDB_ins_code 
_pdbx_modification_feature.modified_residue_symmetry 
_pdbx_modification_feature.comp_id_linking_atom 
_pdbx_modification_feature.modified_residue_id_linking_atom 
_pdbx_modification_feature.modified_residue_id 
_pdbx_modification_feature.ref_pcm_id 
_pdbx_modification_feature.ref_comp_id 
_pdbx_modification_feature.type 
_pdbx_modification_feature.category 
1 ACE A 1  ? ARG A 2  ? ACE A 0  ? 1_555 ARG A 1  ? 1_555 .  .  ARG 8  ACE None 'Terminal acetylation' 
2 NH2 A 47 ? LEU A 46 ? NH2 A 46 ? 1_555 LEU A 45 ? 1_555 .  .  LEU 14 NH2 None 'Terminal amidation'   
3 NH2 B 47 ? LEU B 46 ? NH2 B 46 ? 1_555 LEU B 45 ? 1_555 .  .  LEU 14 NH2 None 'Terminal amidation'   
4 NH2 C 18 ? DAL C 17 ? NH2 C 17 ? 1_555 DAL C 16 ? 1_555 .  .  DAL 22 NH2 None 'Terminal amidation'   
5 NH2 D 18 ? DAL D 17 ? NH2 D 17 ? 1_555 DAL D 16 ? 1_555 .  .  DAL 22 NH2 None 'Terminal amidation'   
6 DCY C 6  ? DCY C 15 ? DCY C 5  ? 1_555 DCY C 14 ? 1_555 SG SG .   .  .   None 'Disulfide bridge'     
7 DCY D 6  ? DCY D 15 ? DCY D 5  ? 1_555 DCY D 14 ? 1_555 SG SG .   .  .   None 'Disulfide bridge'     
8 DCY C 6  ? DCY C 15 ? DCY C 5  ? 1_555 DCY C 14 ? 1_555 SG SG .   .  .   None 'Non-standard linkage' 
9 DCY D 6  ? DCY D 15 ? DCY D 5  ? 1_555 DCY D 14 ? 1_555 SG SG .   .  .   None 'Non-standard linkage' 
# 
loop_
_struct_site.id 
_struct_site.pdbx_evidence_code 
_struct_site.pdbx_auth_asym_id 
_struct_site.pdbx_auth_comp_id 
_struct_site.pdbx_auth_seq_id 
_struct_site.pdbx_auth_ins_code 
_struct_site.pdbx_num_residues 
_struct_site.details 
AC1 Software A YT3 501 ? 4  'BINDING SITE FOR RESIDUE YT3 A 501'                   
AC2 Software ? ?   ?   ? 3  'BINDING SITE FOR RESIDUE YT3 A 503'                   
AC3 Software ? ?   ?   ? 3  'BINDING SITE FOR RESIDUE CL A 601'                    
AC4 Software ? ?   ?   ? 3  'BINDING SITE FOR RESIDUE YT3 B 502'                   
AC5 Software ? ?   ?   ? 3  'BINDING SITE FOR RESIDUE YT3 B 504'                   
AC6 Software ? ?   ?   ? 6  'BINDING SITE FOR RESIDUE YT3 B 505'                   
AC7 Software ? ?   ?   ? 15 'BINDING SITE FOR CHAIN C OF HIV ENTRY INHIBITOR PIE1' 
AC8 Software ? ?   ?   ? 13 'BINDING SITE FOR CHAIN D OF HIV ENTRY INHIBITOR PIE1' 
# 
loop_
_struct_site_gen.id 
_struct_site_gen.site_id 
_struct_site_gen.pdbx_num_res 
_struct_site_gen.label_comp_id 
_struct_site_gen.label_asym_id 
_struct_site_gen.label_seq_id 
_struct_site_gen.pdbx_auth_ins_code 
_struct_site_gen.auth_comp_id 
_struct_site_gen.auth_asym_id 
_struct_site_gen.auth_seq_id 
_struct_site_gen.label_atom_id 
_struct_site_gen.label_alt_id 
_struct_site_gen.symmetry 
_struct_site_gen.details 
1  AC1 4  ASP A 8  ? ASP A 7   . ? 1_555 ? 
2  AC1 4  GLU A 11 ? GLU A 10  . ? 1_555 ? 
3  AC1 4  HOH K .  ? HOH A 635 . ? 1_555 ? 
4  AC1 4  DGL C 10 ? DGL C 9   . ? 1_555 ? 
5  AC2 3  GLN A 17 ? GLN A 16  . ? 2_555 ? 
6  AC2 3  GLN A 17 ? GLN A 16  . ? 3_555 ? 
7  AC2 3  GLN A 17 ? GLN A 16  . ? 1_555 ? 
8  AC3 3  THR A 34 ? THR A 33  . ? 2_555 ? 
9  AC3 3  THR A 34 ? THR A 33  . ? 3_555 ? 
10 AC3 3  THR A 34 ? THR A 33  . ? 1_555 ? 
11 AC4 3  ASP B 8  ? ASP B 7   . ? 1_555 ? 
12 AC4 3  GLU B 11 ? GLU B 10  . ? 1_555 ? 
13 AC4 3  DGL D 10 ? DGL D 9   . ? 1_555 ? 
14 AC5 3  GLN B 17 ? GLN B 16  . ? 1_555 ? 
15 AC5 3  GLN B 17 ? GLN B 16  . ? 2_655 ? 
16 AC5 3  GLN B 17 ? GLN B 16  . ? 3_665 ? 
17 AC6 6  LEU B 31 ? LEU B 30  . ? 2_655 ? 
18 AC6 6  LEU B 31 ? LEU B 30  . ? 3_665 ? 
19 AC6 6  LEU B 31 ? LEU B 30  . ? 1_555 ? 
20 AC6 6  THR B 34 ? THR B 33  . ? 2_655 ? 
21 AC6 6  THR B 34 ? THR B 33  . ? 3_665 ? 
22 AC6 6  THR B 34 ? THR B 33  . ? 1_555 ? 
23 AC7 15 GLU A 11 ? GLU A 10  . ? 1_555 ? 
24 AC7 15 GLU A 14 ? GLU A 13  . ? 1_555 ? 
25 AC7 15 SER A 15 ? SER A 14  . ? 1_555 ? 
26 AC7 15 LYS A 18 ? LYS A 17  . ? 1_555 ? 
27 AC7 15 ASN A 22 ? ASN A 21  . ? 1_555 ? 
28 AC7 15 YT3 E .  ? YT3 A 501 . ? 1_555 ? 
29 AC7 15 HOH K .  ? HOH A 632 . ? 1_555 ? 
30 AC7 15 LEU B 30 ? LEU B 29  . ? 1_555 ? 
31 AC7 15 LEU B 33 ? LEU B 32  . ? 1_555 ? 
32 AC7 15 VAL B 35 ? VAL B 34  . ? 2_655 ? 
33 AC7 15 TRP B 36 ? TRP B 35  . ? 1_555 ? 
34 AC7 15 GLY B 37 ? GLY B 36  . ? 1_555 ? 
35 AC7 15 LYS B 39 ? LYS B 38  . ? 2_655 ? 
36 AC7 15 GLN B 42 ? GLN B 41  . ? 2_655 ? 
37 AC7 15 LEU B 46 ? LEU B 45  . ? 2_655 ? 
38 AC8 13 LEU A 30 ? LEU A 29  . ? 1_555 ? 
39 AC8 13 LEU A 33 ? LEU A 32  . ? 1_555 ? 
40 AC8 13 VAL A 35 ? VAL A 34  . ? 3_555 ? 
41 AC8 13 TRP A 36 ? TRP A 35  . ? 1_555 ? 
42 AC8 13 GLY A 37 ? GLY A 36  . ? 1_555 ? 
43 AC8 13 ILE A 38 ? ILE A 37  . ? 3_555 ? 
44 AC8 13 LYS A 39 ? LYS A 38  . ? 3_555 ? 
45 AC8 13 GLN A 42 ? GLN A 41  . ? 3_555 ? 
46 AC8 13 GLU B 11 ? GLU B 10  . ? 1_555 ? 
47 AC8 13 GLU B 14 ? GLU B 13  . ? 1_555 ? 
48 AC8 13 SER B 15 ? SER B 14  . ? 1_555 ? 
49 AC8 13 LYS B 18 ? LYS B 17  . ? 1_555 ? 
50 AC8 13 ASN B 22 ? ASN B 21  . ? 1_555 ? 
# 
_pdbx_entry_details.entry_id                   2R3C 
_pdbx_entry_details.compound_details           ? 
_pdbx_entry_details.source_details             ? 
_pdbx_entry_details.nonpolymer_details         ? 
_pdbx_entry_details.sequence_details           ? 
_pdbx_entry_details.has_ligand_of_interest     ? 
_pdbx_entry_details.has_protein_modification   Y 
# 
_pdbx_molecule_features.prd_id    PRD_000280 
_pdbx_molecule_features.name      'HIV entry inhibitor PIE1' 
_pdbx_molecule_features.type      Peptide-like 
_pdbx_molecule_features.class     Inhibitor 
_pdbx_molecule_features.details   ? 
# 
_pdbx_molecule.instance_id   1 
_pdbx_molecule.prd_id        PRD_000280 
_pdbx_molecule.asym_id       C 
# 
loop_
_pdbx_struct_special_symmetry.id 
_pdbx_struct_special_symmetry.PDB_model_num 
_pdbx_struct_special_symmetry.auth_asym_id 
_pdbx_struct_special_symmetry.auth_comp_id 
_pdbx_struct_special_symmetry.auth_seq_id 
_pdbx_struct_special_symmetry.PDB_ins_code 
_pdbx_struct_special_symmetry.label_asym_id 
_pdbx_struct_special_symmetry.label_comp_id 
_pdbx_struct_special_symmetry.label_seq_id 
1 1 A YT3 502 ? F YT3 . 
2 1 A CL  503 ? G CL  . 
3 1 B YT3 102 ? I YT3 . 
4 1 B YT3 103 ? J YT3 . 
# 
_phasing.method   MR 
# 
loop_
_pdbx_unobs_or_zero_occ_residues.id 
_pdbx_unobs_or_zero_occ_residues.PDB_model_num 
_pdbx_unobs_or_zero_occ_residues.polymer_flag 
_pdbx_unobs_or_zero_occ_residues.occupancy_flag 
_pdbx_unobs_or_zero_occ_residues.auth_asym_id 
_pdbx_unobs_or_zero_occ_residues.auth_comp_id 
_pdbx_unobs_or_zero_occ_residues.auth_seq_id 
_pdbx_unobs_or_zero_occ_residues.PDB_ins_code 
_pdbx_unobs_or_zero_occ_residues.label_asym_id 
_pdbx_unobs_or_zero_occ_residues.label_comp_id 
_pdbx_unobs_or_zero_occ_residues.label_seq_id 
1 1 Y 1 B ACE 0 ? B ACE 1 
2 1 Y 1 B ARG 1 ? B ARG 2 
3 1 Y 1 B MET 2 ? B MET 3 
4 1 Y 1 B LYS 3 ? B LYS 4 
5 1 Y 1 C ACE 0 ? C ACE 1 
6 1 Y 1 C DLY 1 ? C DLY 2 
7 1 Y 1 C DLY 2 ? C DLY 3 
8 1 Y 1 D ACE 0 ? D ACE 1 
9 1 Y 1 D DLY 1 ? D DLY 2 
# 
loop_
_chem_comp_atom.comp_id 
_chem_comp_atom.atom_id 
_chem_comp_atom.type_symbol 
_chem_comp_atom.pdbx_aromatic_flag 
_chem_comp_atom.pdbx_stereo_config 
_chem_comp_atom.pdbx_ordinal 
ACE C    C  N N 1   
ACE O    O  N N 2   
ACE CH3  C  N N 3   
ACE H    H  N N 4   
ACE H1   H  N N 5   
ACE H2   H  N N 6   
ACE H3   H  N N 7   
ALA N    N  N N 8   
ALA CA   C  N S 9   
ALA C    C  N N 10  
ALA O    O  N N 11  
ALA CB   C  N N 12  
ALA OXT  O  N N 13  
ALA H    H  N N 14  
ALA H2   H  N N 15  
ALA HA   H  N N 16  
ALA HB1  H  N N 17  
ALA HB2  H  N N 18  
ALA HB3  H  N N 19  
ALA HXT  H  N N 20  
ARG N    N  N N 21  
ARG CA   C  N S 22  
ARG C    C  N N 23  
ARG O    O  N N 24  
ARG CB   C  N N 25  
ARG CG   C  N N 26  
ARG CD   C  N N 27  
ARG NE   N  N N 28  
ARG CZ   C  N N 29  
ARG NH1  N  N N 30  
ARG NH2  N  N N 31  
ARG OXT  O  N N 32  
ARG H    H  N N 33  
ARG H2   H  N N 34  
ARG HA   H  N N 35  
ARG HB2  H  N N 36  
ARG HB3  H  N N 37  
ARG HG2  H  N N 38  
ARG HG3  H  N N 39  
ARG HD2  H  N N 40  
ARG HD3  H  N N 41  
ARG HE   H  N N 42  
ARG HH11 H  N N 43  
ARG HH12 H  N N 44  
ARG HH21 H  N N 45  
ARG HH22 H  N N 46  
ARG HXT  H  N N 47  
ASN N    N  N N 48  
ASN CA   C  N S 49  
ASN C    C  N N 50  
ASN O    O  N N 51  
ASN CB   C  N N 52  
ASN CG   C  N N 53  
ASN OD1  O  N N 54  
ASN ND2  N  N N 55  
ASN OXT  O  N N 56  
ASN H    H  N N 57  
ASN H2   H  N N 58  
ASN HA   H  N N 59  
ASN HB2  H  N N 60  
ASN HB3  H  N N 61  
ASN HD21 H  N N 62  
ASN HD22 H  N N 63  
ASN HXT  H  N N 64  
ASP N    N  N N 65  
ASP CA   C  N S 66  
ASP C    C  N N 67  
ASP O    O  N N 68  
ASP CB   C  N N 69  
ASP CG   C  N N 70  
ASP OD1  O  N N 71  
ASP OD2  O  N N 72  
ASP OXT  O  N N 73  
ASP H    H  N N 74  
ASP H2   H  N N 75  
ASP HA   H  N N 76  
ASP HB2  H  N N 77  
ASP HB3  H  N N 78  
ASP HD2  H  N N 79  
ASP HXT  H  N N 80  
CL  CL   CL N N 81  
DAL N    N  N N 82  
DAL CA   C  N R 83  
DAL CB   C  N N 84  
DAL C    C  N N 85  
DAL O    O  N N 86  
DAL OXT  O  N N 87  
DAL H    H  N N 88  
DAL H2   H  N N 89  
DAL HA   H  N N 90  
DAL HB1  H  N N 91  
DAL HB2  H  N N 92  
DAL HB3  H  N N 93  
DAL HXT  H  N N 94  
DCY N    N  N N 95  
DCY CA   C  N S 96  
DCY C    C  N N 97  
DCY O    O  N N 98  
DCY CB   C  N N 99  
DCY SG   S  N N 100 
DCY OXT  O  N N 101 
DCY H    H  N N 102 
DCY H2   H  N N 103 
DCY HA   H  N N 104 
DCY HB2  H  N N 105 
DCY HB3  H  N N 106 
DCY HG   H  N N 107 
DCY HXT  H  N N 108 
DGL N    N  N N 109 
DGL CA   C  N R 110 
DGL C    C  N N 111 
DGL O    O  N N 112 
DGL CB   C  N N 113 
DGL CG   C  N N 114 
DGL CD   C  N N 115 
DGL OE1  O  N N 116 
DGL OE2  O  N N 117 
DGL OXT  O  N N 118 
DGL H    H  N N 119 
DGL H2   H  N N 120 
DGL HA   H  N N 121 
DGL HB2  H  N N 122 
DGL HB3  H  N N 123 
DGL HG2  H  N N 124 
DGL HG3  H  N N 125 
DGL HE2  H  N N 126 
DGL HXT  H  N N 127 
DGN N    N  N N 128 
DGN CA   C  N R 129 
DGN C    C  N N 130 
DGN O    O  N N 131 
DGN OXT  O  N N 132 
DGN CB   C  N N 133 
DGN CG   C  N N 134 
DGN CD   C  N N 135 
DGN OE1  O  N N 136 
DGN NE2  N  N N 137 
DGN H    H  N N 138 
DGN H2   H  N N 139 
DGN HA   H  N N 140 
DGN HXT  H  N N 141 
DGN HB2  H  N N 142 
DGN HB3  H  N N 143 
DGN HG2  H  N N 144 
DGN HG3  H  N N 145 
DGN HE21 H  N N 146 
DGN HE22 H  N N 147 
DLE N    N  N N 148 
DLE CA   C  N R 149 
DLE CB   C  N N 150 
DLE CG   C  N N 151 
DLE CD1  C  N N 152 
DLE CD2  C  N N 153 
DLE C    C  N N 154 
DLE O    O  N N 155 
DLE OXT  O  N N 156 
DLE H    H  N N 157 
DLE H2   H  N N 158 
DLE HA   H  N N 159 
DLE HB2  H  N N 160 
DLE HB3  H  N N 161 
DLE HG   H  N N 162 
DLE HD11 H  N N 163 
DLE HD12 H  N N 164 
DLE HD13 H  N N 165 
DLE HD21 H  N N 166 
DLE HD22 H  N N 167 
DLE HD23 H  N N 168 
DLE HXT  H  N N 169 
DLY N    N  N N 170 
DLY CA   C  N R 171 
DLY C    C  N N 172 
DLY O    O  N N 173 
DLY CB   C  N N 174 
DLY CG   C  N N 175 
DLY CD   C  N N 176 
DLY CE   C  N N 177 
DLY NZ   N  N N 178 
DLY OXT  O  N N 179 
DLY H    H  N N 180 
DLY H2   H  N N 181 
DLY HA   H  N N 182 
DLY HB2  H  N N 183 
DLY HB3  H  N N 184 
DLY HG2  H  N N 185 
DLY HG3  H  N N 186 
DLY HD2  H  N N 187 
DLY HD3  H  N N 188 
DLY HE2  H  N N 189 
DLY HE3  H  N N 190 
DLY HZ1  H  N N 191 
DLY HZ2  H  N N 192 
DLY HXT  H  N N 193 
DPR N    N  N N 194 
DPR CA   C  N R 195 
DPR CB   C  N N 196 
DPR CG   C  N N 197 
DPR CD   C  N N 198 
DPR C    C  N N 199 
DPR O    O  N N 200 
DPR OXT  O  N N 201 
DPR H    H  N N 202 
DPR HA   H  N N 203 
DPR HB2  H  N N 204 
DPR HB3  H  N N 205 
DPR HG2  H  N N 206 
DPR HG3  H  N N 207 
DPR HD2  H  N N 208 
DPR HD3  H  N N 209 
DPR HXT  H  N N 210 
DSN N    N  N N 211 
DSN CA   C  N R 212 
DSN C    C  N N 213 
DSN O    O  N N 214 
DSN OXT  O  N N 215 
DSN CB   C  N N 216 
DSN OG   O  N N 217 
DSN H    H  N N 218 
DSN H2   H  N N 219 
DSN HA   H  N N 220 
DSN HXT  H  N N 221 
DSN HB2  H  N N 222 
DSN HB3  H  N N 223 
DSN HG   H  N N 224 
DTR N    N  N N 225 
DTR CA   C  N R 226 
DTR CB   C  N N 227 
DTR CG   C  Y N 228 
DTR CD1  C  Y N 229 
DTR NE1  N  Y N 230 
DTR CE2  C  Y N 231 
DTR CZ2  C  Y N 232 
DTR CH2  C  Y N 233 
DTR CZ3  C  Y N 234 
DTR CE3  C  Y N 235 
DTR CD2  C  Y N 236 
DTR C    C  N N 237 
DTR O    O  N N 238 
DTR OXT  O  N N 239 
DTR H    H  N N 240 
DTR H2   H  N N 241 
DTR HA   H  N N 242 
DTR HB2  H  N N 243 
DTR HB3  H  N N 244 
DTR HD1  H  N N 245 
DTR HE1  H  N N 246 
DTR HZ2  H  N N 247 
DTR HH2  H  N N 248 
DTR HZ3  H  N N 249 
DTR HE3  H  N N 250 
DTR HXT  H  N N 251 
GLN N    N  N N 252 
GLN CA   C  N S 253 
GLN C    C  N N 254 
GLN O    O  N N 255 
GLN CB   C  N N 256 
GLN CG   C  N N 257 
GLN CD   C  N N 258 
GLN OE1  O  N N 259 
GLN NE2  N  N N 260 
GLN OXT  O  N N 261 
GLN H    H  N N 262 
GLN H2   H  N N 263 
GLN HA   H  N N 264 
GLN HB2  H  N N 265 
GLN HB3  H  N N 266 
GLN HG2  H  N N 267 
GLN HG3  H  N N 268 
GLN HE21 H  N N 269 
GLN HE22 H  N N 270 
GLN HXT  H  N N 271 
GLU N    N  N N 272 
GLU CA   C  N S 273 
GLU C    C  N N 274 
GLU O    O  N N 275 
GLU CB   C  N N 276 
GLU CG   C  N N 277 
GLU CD   C  N N 278 
GLU OE1  O  N N 279 
GLU OE2  O  N N 280 
GLU OXT  O  N N 281 
GLU H    H  N N 282 
GLU H2   H  N N 283 
GLU HA   H  N N 284 
GLU HB2  H  N N 285 
GLU HB3  H  N N 286 
GLU HG2  H  N N 287 
GLU HG3  H  N N 288 
GLU HE2  H  N N 289 
GLU HXT  H  N N 290 
GLY N    N  N N 291 
GLY CA   C  N N 292 
GLY C    C  N N 293 
GLY O    O  N N 294 
GLY OXT  O  N N 295 
GLY H    H  N N 296 
GLY H2   H  N N 297 
GLY HA2  H  N N 298 
GLY HA3  H  N N 299 
GLY HXT  H  N N 300 
HOH O    O  N N 301 
HOH H1   H  N N 302 
HOH H2   H  N N 303 
ILE N    N  N N 304 
ILE CA   C  N S 305 
ILE C    C  N N 306 
ILE O    O  N N 307 
ILE CB   C  N S 308 
ILE CG1  C  N N 309 
ILE CG2  C  N N 310 
ILE CD1  C  N N 311 
ILE OXT  O  N N 312 
ILE H    H  N N 313 
ILE H2   H  N N 314 
ILE HA   H  N N 315 
ILE HB   H  N N 316 
ILE HG12 H  N N 317 
ILE HG13 H  N N 318 
ILE HG21 H  N N 319 
ILE HG22 H  N N 320 
ILE HG23 H  N N 321 
ILE HD11 H  N N 322 
ILE HD12 H  N N 323 
ILE HD13 H  N N 324 
ILE HXT  H  N N 325 
LEU N    N  N N 326 
LEU CA   C  N S 327 
LEU C    C  N N 328 
LEU O    O  N N 329 
LEU CB   C  N N 330 
LEU CG   C  N N 331 
LEU CD1  C  N N 332 
LEU CD2  C  N N 333 
LEU OXT  O  N N 334 
LEU H    H  N N 335 
LEU H2   H  N N 336 
LEU HA   H  N N 337 
LEU HB2  H  N N 338 
LEU HB3  H  N N 339 
LEU HG   H  N N 340 
LEU HD11 H  N N 341 
LEU HD12 H  N N 342 
LEU HD13 H  N N 343 
LEU HD21 H  N N 344 
LEU HD22 H  N N 345 
LEU HD23 H  N N 346 
LEU HXT  H  N N 347 
LYS N    N  N N 348 
LYS CA   C  N S 349 
LYS C    C  N N 350 
LYS O    O  N N 351 
LYS CB   C  N N 352 
LYS CG   C  N N 353 
LYS CD   C  N N 354 
LYS CE   C  N N 355 
LYS NZ   N  N N 356 
LYS OXT  O  N N 357 
LYS H    H  N N 358 
LYS H2   H  N N 359 
LYS HA   H  N N 360 
LYS HB2  H  N N 361 
LYS HB3  H  N N 362 
LYS HG2  H  N N 363 
LYS HG3  H  N N 364 
LYS HD2  H  N N 365 
LYS HD3  H  N N 366 
LYS HE2  H  N N 367 
LYS HE3  H  N N 368 
LYS HZ1  H  N N 369 
LYS HZ2  H  N N 370 
LYS HZ3  H  N N 371 
LYS HXT  H  N N 372 
MET N    N  N N 373 
MET CA   C  N S 374 
MET C    C  N N 375 
MET O    O  N N 376 
MET CB   C  N N 377 
MET CG   C  N N 378 
MET SD   S  N N 379 
MET CE   C  N N 380 
MET OXT  O  N N 381 
MET H    H  N N 382 
MET H2   H  N N 383 
MET HA   H  N N 384 
MET HB2  H  N N 385 
MET HB3  H  N N 386 
MET HG2  H  N N 387 
MET HG3  H  N N 388 
MET HE1  H  N N 389 
MET HE2  H  N N 390 
MET HE3  H  N N 391 
MET HXT  H  N N 392 
NH2 N    N  N N 393 
NH2 HN1  H  N N 394 
NH2 HN2  H  N N 395 
SER N    N  N N 396 
SER CA   C  N S 397 
SER C    C  N N 398 
SER O    O  N N 399 
SER CB   C  N N 400 
SER OG   O  N N 401 
SER OXT  O  N N 402 
SER H    H  N N 403 
SER H2   H  N N 404 
SER HA   H  N N 405 
SER HB2  H  N N 406 
SER HB3  H  N N 407 
SER HG   H  N N 408 
SER HXT  H  N N 409 
THR N    N  N N 410 
THR CA   C  N S 411 
THR C    C  N N 412 
THR O    O  N N 413 
THR CB   C  N R 414 
THR OG1  O  N N 415 
THR CG2  C  N N 416 
THR OXT  O  N N 417 
THR H    H  N N 418 
THR H2   H  N N 419 
THR HA   H  N N 420 
THR HB   H  N N 421 
THR HG1  H  N N 422 
THR HG21 H  N N 423 
THR HG22 H  N N 424 
THR HG23 H  N N 425 
THR HXT  H  N N 426 
TRP N    N  N N 427 
TRP CA   C  N S 428 
TRP C    C  N N 429 
TRP O    O  N N 430 
TRP CB   C  N N 431 
TRP CG   C  Y N 432 
TRP CD1  C  Y N 433 
TRP CD2  C  Y N 434 
TRP NE1  N  Y N 435 
TRP CE2  C  Y N 436 
TRP CE3  C  Y N 437 
TRP CZ2  C  Y N 438 
TRP CZ3  C  Y N 439 
TRP CH2  C  Y N 440 
TRP OXT  O  N N 441 
TRP H    H  N N 442 
TRP H2   H  N N 443 
TRP HA   H  N N 444 
TRP HB2  H  N N 445 
TRP HB3  H  N N 446 
TRP HD1  H  N N 447 
TRP HE1  H  N N 448 
TRP HE3  H  N N 449 
TRP HZ2  H  N N 450 
TRP HZ3  H  N N 451 
TRP HH2  H  N N 452 
TRP HXT  H  N N 453 
VAL N    N  N N 454 
VAL CA   C  N S 455 
VAL C    C  N N 456 
VAL O    O  N N 457 
VAL CB   C  N N 458 
VAL CG1  C  N N 459 
VAL CG2  C  N N 460 
VAL OXT  O  N N 461 
VAL H    H  N N 462 
VAL H2   H  N N 463 
VAL HA   H  N N 464 
VAL HB   H  N N 465 
VAL HG11 H  N N 466 
VAL HG12 H  N N 467 
VAL HG13 H  N N 468 
VAL HG21 H  N N 469 
VAL HG22 H  N N 470 
VAL HG23 H  N N 471 
VAL HXT  H  N N 472 
YT3 Y    Y  N N 473 
# 
loop_
_chem_comp_bond.comp_id 
_chem_comp_bond.atom_id_1 
_chem_comp_bond.atom_id_2 
_chem_comp_bond.value_order 
_chem_comp_bond.pdbx_aromatic_flag 
_chem_comp_bond.pdbx_stereo_config 
_chem_comp_bond.pdbx_ordinal 
ACE C   O    doub N N 1   
ACE C   CH3  sing N N 2   
ACE C   H    sing N N 3   
ACE CH3 H1   sing N N 4   
ACE CH3 H2   sing N N 5   
ACE CH3 H3   sing N N 6   
ALA N   CA   sing N N 7   
ALA N   H    sing N N 8   
ALA N   H2   sing N N 9   
ALA CA  C    sing N N 10  
ALA CA  CB   sing N N 11  
ALA CA  HA   sing N N 12  
ALA C   O    doub N N 13  
ALA C   OXT  sing N N 14  
ALA CB  HB1  sing N N 15  
ALA CB  HB2  sing N N 16  
ALA CB  HB3  sing N N 17  
ALA OXT HXT  sing N N 18  
ARG N   CA   sing N N 19  
ARG N   H    sing N N 20  
ARG N   H2   sing N N 21  
ARG CA  C    sing N N 22  
ARG CA  CB   sing N N 23  
ARG CA  HA   sing N N 24  
ARG C   O    doub N N 25  
ARG C   OXT  sing N N 26  
ARG CB  CG   sing N N 27  
ARG CB  HB2  sing N N 28  
ARG CB  HB3  sing N N 29  
ARG CG  CD   sing N N 30  
ARG CG  HG2  sing N N 31  
ARG CG  HG3  sing N N 32  
ARG CD  NE   sing N N 33  
ARG CD  HD2  sing N N 34  
ARG CD  HD3  sing N N 35  
ARG NE  CZ   sing N N 36  
ARG NE  HE   sing N N 37  
ARG CZ  NH1  sing N N 38  
ARG CZ  NH2  doub N N 39  
ARG NH1 HH11 sing N N 40  
ARG NH1 HH12 sing N N 41  
ARG NH2 HH21 sing N N 42  
ARG NH2 HH22 sing N N 43  
ARG OXT HXT  sing N N 44  
ASN N   CA   sing N N 45  
ASN N   H    sing N N 46  
ASN N   H2   sing N N 47  
ASN CA  C    sing N N 48  
ASN CA  CB   sing N N 49  
ASN CA  HA   sing N N 50  
ASN C   O    doub N N 51  
ASN C   OXT  sing N N 52  
ASN CB  CG   sing N N 53  
ASN CB  HB2  sing N N 54  
ASN CB  HB3  sing N N 55  
ASN CG  OD1  doub N N 56  
ASN CG  ND2  sing N N 57  
ASN ND2 HD21 sing N N 58  
ASN ND2 HD22 sing N N 59  
ASN OXT HXT  sing N N 60  
ASP N   CA   sing N N 61  
ASP N   H    sing N N 62  
ASP N   H2   sing N N 63  
ASP CA  C    sing N N 64  
ASP CA  CB   sing N N 65  
ASP CA  HA   sing N N 66  
ASP C   O    doub N N 67  
ASP C   OXT  sing N N 68  
ASP CB  CG   sing N N 69  
ASP CB  HB2  sing N N 70  
ASP CB  HB3  sing N N 71  
ASP CG  OD1  doub N N 72  
ASP CG  OD2  sing N N 73  
ASP OD2 HD2  sing N N 74  
ASP OXT HXT  sing N N 75  
DAL N   CA   sing N N 76  
DAL N   H    sing N N 77  
DAL N   H2   sing N N 78  
DAL CA  CB   sing N N 79  
DAL CA  C    sing N N 80  
DAL CA  HA   sing N N 81  
DAL CB  HB1  sing N N 82  
DAL CB  HB2  sing N N 83  
DAL CB  HB3  sing N N 84  
DAL C   O    doub N N 85  
DAL C   OXT  sing N N 86  
DAL OXT HXT  sing N N 87  
DCY N   CA   sing N N 88  
DCY N   H    sing N N 89  
DCY N   H2   sing N N 90  
DCY CA  C    sing N N 91  
DCY CA  CB   sing N N 92  
DCY CA  HA   sing N N 93  
DCY C   O    doub N N 94  
DCY C   OXT  sing N N 95  
DCY CB  SG   sing N N 96  
DCY CB  HB2  sing N N 97  
DCY CB  HB3  sing N N 98  
DCY SG  HG   sing N N 99  
DCY OXT HXT  sing N N 100 
DGL N   CA   sing N N 101 
DGL N   H    sing N N 102 
DGL N   H2   sing N N 103 
DGL CA  C    sing N N 104 
DGL CA  CB   sing N N 105 
DGL CA  HA   sing N N 106 
DGL C   O    doub N N 107 
DGL C   OXT  sing N N 108 
DGL CB  CG   sing N N 109 
DGL CB  HB2  sing N N 110 
DGL CB  HB3  sing N N 111 
DGL CG  CD   sing N N 112 
DGL CG  HG2  sing N N 113 
DGL CG  HG3  sing N N 114 
DGL CD  OE1  doub N N 115 
DGL CD  OE2  sing N N 116 
DGL OE2 HE2  sing N N 117 
DGL OXT HXT  sing N N 118 
DGN N   CA   sing N N 119 
DGN N   H    sing N N 120 
DGN N   H2   sing N N 121 
DGN CA  C    sing N N 122 
DGN CA  CB   sing N N 123 
DGN CA  HA   sing N N 124 
DGN C   O    doub N N 125 
DGN C   OXT  sing N N 126 
DGN OXT HXT  sing N N 127 
DGN CB  CG   sing N N 128 
DGN CB  HB2  sing N N 129 
DGN CB  HB3  sing N N 130 
DGN CG  CD   sing N N 131 
DGN CG  HG2  sing N N 132 
DGN CG  HG3  sing N N 133 
DGN CD  OE1  doub N N 134 
DGN CD  NE2  sing N N 135 
DGN NE2 HE21 sing N N 136 
DGN NE2 HE22 sing N N 137 
DLE N   CA   sing N N 138 
DLE N   H    sing N N 139 
DLE N   H2   sing N N 140 
DLE CA  CB   sing N N 141 
DLE CA  C    sing N N 142 
DLE CA  HA   sing N N 143 
DLE CB  CG   sing N N 144 
DLE CB  HB2  sing N N 145 
DLE CB  HB3  sing N N 146 
DLE CG  CD1  sing N N 147 
DLE CG  CD2  sing N N 148 
DLE CG  HG   sing N N 149 
DLE CD1 HD11 sing N N 150 
DLE CD1 HD12 sing N N 151 
DLE CD1 HD13 sing N N 152 
DLE CD2 HD21 sing N N 153 
DLE CD2 HD22 sing N N 154 
DLE CD2 HD23 sing N N 155 
DLE C   O    doub N N 156 
DLE C   OXT  sing N N 157 
DLE OXT HXT  sing N N 158 
DLY N   CA   sing N N 159 
DLY N   H    sing N N 160 
DLY N   H2   sing N N 161 
DLY CA  C    sing N N 162 
DLY CA  CB   sing N N 163 
DLY CA  HA   sing N N 164 
DLY C   O    doub N N 165 
DLY C   OXT  sing N N 166 
DLY CB  CG   sing N N 167 
DLY CB  HB2  sing N N 168 
DLY CB  HB3  sing N N 169 
DLY CG  CD   sing N N 170 
DLY CG  HG2  sing N N 171 
DLY CG  HG3  sing N N 172 
DLY CD  CE   sing N N 173 
DLY CD  HD2  sing N N 174 
DLY CD  HD3  sing N N 175 
DLY CE  NZ   sing N N 176 
DLY CE  HE2  sing N N 177 
DLY CE  HE3  sing N N 178 
DLY NZ  HZ1  sing N N 179 
DLY NZ  HZ2  sing N N 180 
DLY OXT HXT  sing N N 181 
DPR N   CA   sing N N 182 
DPR N   CD   sing N N 183 
DPR N   H    sing N N 184 
DPR CA  CB   sing N N 185 
DPR CA  C    sing N N 186 
DPR CA  HA   sing N N 187 
DPR CB  CG   sing N N 188 
DPR CB  HB2  sing N N 189 
DPR CB  HB3  sing N N 190 
DPR CG  CD   sing N N 191 
DPR CG  HG2  sing N N 192 
DPR CG  HG3  sing N N 193 
DPR CD  HD2  sing N N 194 
DPR CD  HD3  sing N N 195 
DPR C   O    doub N N 196 
DPR C   OXT  sing N N 197 
DPR OXT HXT  sing N N 198 
DSN N   CA   sing N N 199 
DSN N   H    sing N N 200 
DSN N   H2   sing N N 201 
DSN CA  C    sing N N 202 
DSN CA  CB   sing N N 203 
DSN CA  HA   sing N N 204 
DSN C   O    doub N N 205 
DSN C   OXT  sing N N 206 
DSN OXT HXT  sing N N 207 
DSN CB  OG   sing N N 208 
DSN CB  HB2  sing N N 209 
DSN CB  HB3  sing N N 210 
DSN OG  HG   sing N N 211 
DTR N   CA   sing N N 212 
DTR N   H    sing N N 213 
DTR N   H2   sing N N 214 
DTR CA  CB   sing N N 215 
DTR CA  C    sing N N 216 
DTR CA  HA   sing N N 217 
DTR CB  CG   sing N N 218 
DTR CB  HB2  sing N N 219 
DTR CB  HB3  sing N N 220 
DTR CG  CD1  doub Y N 221 
DTR CG  CD2  sing Y N 222 
DTR CD1 NE1  sing Y N 223 
DTR CD1 HD1  sing N N 224 
DTR NE1 CE2  sing Y N 225 
DTR NE1 HE1  sing N N 226 
DTR CE2 CZ2  doub Y N 227 
DTR CE2 CD2  sing Y N 228 
DTR CZ2 CH2  sing Y N 229 
DTR CZ2 HZ2  sing N N 230 
DTR CH2 CZ3  doub Y N 231 
DTR CH2 HH2  sing N N 232 
DTR CZ3 CE3  sing Y N 233 
DTR CZ3 HZ3  sing N N 234 
DTR CE3 CD2  doub Y N 235 
DTR CE3 HE3  sing N N 236 
DTR C   O    doub N N 237 
DTR C   OXT  sing N N 238 
DTR OXT HXT  sing N N 239 
GLN N   CA   sing N N 240 
GLN N   H    sing N N 241 
GLN N   H2   sing N N 242 
GLN CA  C    sing N N 243 
GLN CA  CB   sing N N 244 
GLN CA  HA   sing N N 245 
GLN C   O    doub N N 246 
GLN C   OXT  sing N N 247 
GLN CB  CG   sing N N 248 
GLN CB  HB2  sing N N 249 
GLN CB  HB3  sing N N 250 
GLN CG  CD   sing N N 251 
GLN CG  HG2  sing N N 252 
GLN CG  HG3  sing N N 253 
GLN CD  OE1  doub N N 254 
GLN CD  NE2  sing N N 255 
GLN NE2 HE21 sing N N 256 
GLN NE2 HE22 sing N N 257 
GLN OXT HXT  sing N N 258 
GLU N   CA   sing N N 259 
GLU N   H    sing N N 260 
GLU N   H2   sing N N 261 
GLU CA  C    sing N N 262 
GLU CA  CB   sing N N 263 
GLU CA  HA   sing N N 264 
GLU C   O    doub N N 265 
GLU C   OXT  sing N N 266 
GLU CB  CG   sing N N 267 
GLU CB  HB2  sing N N 268 
GLU CB  HB3  sing N N 269 
GLU CG  CD   sing N N 270 
GLU CG  HG2  sing N N 271 
GLU CG  HG3  sing N N 272 
GLU CD  OE1  doub N N 273 
GLU CD  OE2  sing N N 274 
GLU OE2 HE2  sing N N 275 
GLU OXT HXT  sing N N 276 
GLY N   CA   sing N N 277 
GLY N   H    sing N N 278 
GLY N   H2   sing N N 279 
GLY CA  C    sing N N 280 
GLY CA  HA2  sing N N 281 
GLY CA  HA3  sing N N 282 
GLY C   O    doub N N 283 
GLY C   OXT  sing N N 284 
GLY OXT HXT  sing N N 285 
HOH O   H1   sing N N 286 
HOH O   H2   sing N N 287 
ILE N   CA   sing N N 288 
ILE N   H    sing N N 289 
ILE N   H2   sing N N 290 
ILE CA  C    sing N N 291 
ILE CA  CB   sing N N 292 
ILE CA  HA   sing N N 293 
ILE C   O    doub N N 294 
ILE C   OXT  sing N N 295 
ILE CB  CG1  sing N N 296 
ILE CB  CG2  sing N N 297 
ILE CB  HB   sing N N 298 
ILE CG1 CD1  sing N N 299 
ILE CG1 HG12 sing N N 300 
ILE CG1 HG13 sing N N 301 
ILE CG2 HG21 sing N N 302 
ILE CG2 HG22 sing N N 303 
ILE CG2 HG23 sing N N 304 
ILE CD1 HD11 sing N N 305 
ILE CD1 HD12 sing N N 306 
ILE CD1 HD13 sing N N 307 
ILE OXT HXT  sing N N 308 
LEU N   CA   sing N N 309 
LEU N   H    sing N N 310 
LEU N   H2   sing N N 311 
LEU CA  C    sing N N 312 
LEU CA  CB   sing N N 313 
LEU CA  HA   sing N N 314 
LEU C   O    doub N N 315 
LEU C   OXT  sing N N 316 
LEU CB  CG   sing N N 317 
LEU CB  HB2  sing N N 318 
LEU CB  HB3  sing N N 319 
LEU CG  CD1  sing N N 320 
LEU CG  CD2  sing N N 321 
LEU CG  HG   sing N N 322 
LEU CD1 HD11 sing N N 323 
LEU CD1 HD12 sing N N 324 
LEU CD1 HD13 sing N N 325 
LEU CD2 HD21 sing N N 326 
LEU CD2 HD22 sing N N 327 
LEU CD2 HD23 sing N N 328 
LEU OXT HXT  sing N N 329 
LYS N   CA   sing N N 330 
LYS N   H    sing N N 331 
LYS N   H2   sing N N 332 
LYS CA  C    sing N N 333 
LYS CA  CB   sing N N 334 
LYS CA  HA   sing N N 335 
LYS C   O    doub N N 336 
LYS C   OXT  sing N N 337 
LYS CB  CG   sing N N 338 
LYS CB  HB2  sing N N 339 
LYS CB  HB3  sing N N 340 
LYS CG  CD   sing N N 341 
LYS CG  HG2  sing N N 342 
LYS CG  HG3  sing N N 343 
LYS CD  CE   sing N N 344 
LYS CD  HD2  sing N N 345 
LYS CD  HD3  sing N N 346 
LYS CE  NZ   sing N N 347 
LYS CE  HE2  sing N N 348 
LYS CE  HE3  sing N N 349 
LYS NZ  HZ1  sing N N 350 
LYS NZ  HZ2  sing N N 351 
LYS NZ  HZ3  sing N N 352 
LYS OXT HXT  sing N N 353 
MET N   CA   sing N N 354 
MET N   H    sing N N 355 
MET N   H2   sing N N 356 
MET CA  C    sing N N 357 
MET CA  CB   sing N N 358 
MET CA  HA   sing N N 359 
MET C   O    doub N N 360 
MET C   OXT  sing N N 361 
MET CB  CG   sing N N 362 
MET CB  HB2  sing N N 363 
MET CB  HB3  sing N N 364 
MET CG  SD   sing N N 365 
MET CG  HG2  sing N N 366 
MET CG  HG3  sing N N 367 
MET SD  CE   sing N N 368 
MET CE  HE1  sing N N 369 
MET CE  HE2  sing N N 370 
MET CE  HE3  sing N N 371 
MET OXT HXT  sing N N 372 
NH2 N   HN1  sing N N 373 
NH2 N   HN2  sing N N 374 
SER N   CA   sing N N 375 
SER N   H    sing N N 376 
SER N   H2   sing N N 377 
SER CA  C    sing N N 378 
SER CA  CB   sing N N 379 
SER CA  HA   sing N N 380 
SER C   O    doub N N 381 
SER C   OXT  sing N N 382 
SER CB  OG   sing N N 383 
SER CB  HB2  sing N N 384 
SER CB  HB3  sing N N 385 
SER OG  HG   sing N N 386 
SER OXT HXT  sing N N 387 
THR N   CA   sing N N 388 
THR N   H    sing N N 389 
THR N   H2   sing N N 390 
THR CA  C    sing N N 391 
THR CA  CB   sing N N 392 
THR CA  HA   sing N N 393 
THR C   O    doub N N 394 
THR C   OXT  sing N N 395 
THR CB  OG1  sing N N 396 
THR CB  CG2  sing N N 397 
THR CB  HB   sing N N 398 
THR OG1 HG1  sing N N 399 
THR CG2 HG21 sing N N 400 
THR CG2 HG22 sing N N 401 
THR CG2 HG23 sing N N 402 
THR OXT HXT  sing N N 403 
TRP N   CA   sing N N 404 
TRP N   H    sing N N 405 
TRP N   H2   sing N N 406 
TRP CA  C    sing N N 407 
TRP CA  CB   sing N N 408 
TRP CA  HA   sing N N 409 
TRP C   O    doub N N 410 
TRP C   OXT  sing N N 411 
TRP CB  CG   sing N N 412 
TRP CB  HB2  sing N N 413 
TRP CB  HB3  sing N N 414 
TRP CG  CD1  doub Y N 415 
TRP CG  CD2  sing Y N 416 
TRP CD1 NE1  sing Y N 417 
TRP CD1 HD1  sing N N 418 
TRP CD2 CE2  doub Y N 419 
TRP CD2 CE3  sing Y N 420 
TRP NE1 CE2  sing Y N 421 
TRP NE1 HE1  sing N N 422 
TRP CE2 CZ2  sing Y N 423 
TRP CE3 CZ3  doub Y N 424 
TRP CE3 HE3  sing N N 425 
TRP CZ2 CH2  doub Y N 426 
TRP CZ2 HZ2  sing N N 427 
TRP CZ3 CH2  sing Y N 428 
TRP CZ3 HZ3  sing N N 429 
TRP CH2 HH2  sing N N 430 
TRP OXT HXT  sing N N 431 
VAL N   CA   sing N N 432 
VAL N   H    sing N N 433 
VAL N   H2   sing N N 434 
VAL CA  C    sing N N 435 
VAL CA  CB   sing N N 436 
VAL CA  HA   sing N N 437 
VAL C   O    doub N N 438 
VAL C   OXT  sing N N 439 
VAL CB  CG1  sing N N 440 
VAL CB  CG2  sing N N 441 
VAL CB  HB   sing N N 442 
VAL CG1 HG11 sing N N 443 
VAL CG1 HG12 sing N N 444 
VAL CG1 HG13 sing N N 445 
VAL CG2 HG21 sing N N 446 
VAL CG2 HG22 sing N N 447 
VAL CG2 HG23 sing N N 448 
VAL OXT HXT  sing N N 449 
# 
_pdbx_reflns_twin.type         hemihedral 
_pdbx_reflns_twin.operator     h,-h-k,-l 
_pdbx_reflns_twin.fraction     0.326 
_pdbx_reflns_twin.domain_id    ? 
_pdbx_reflns_twin.crystal_id   1 
_pdbx_reflns_twin.diffrn_id    1 
# 
_atom_sites.entry_id                    2R3C 
_atom_sites.fract_transf_matrix[1][1]   -0.00411897 
_atom_sites.fract_transf_matrix[1][2]   0.02151909 
_atom_sites.fract_transf_matrix[1][3]   0.01129627 
_atom_sites.fract_transf_matrix[2][1]   0.00586878 
_atom_sites.fract_transf_matrix[2][2]   0.02114029 
_atom_sites.fract_transf_matrix[2][3]   -0.01123691 
_atom_sites.fract_transf_matrix[3][1]   -0.00666267 
_atom_sites.fract_transf_matrix[3][2]   0.00027741 
_atom_sites.fract_transf_matrix[3][3]   -0.00295786 
_atom_sites.fract_transf_vector[1]      0.327219 
_atom_sites.fract_transf_vector[2]      0.227767 
_atom_sites.fract_transf_vector[3]      -0.102399 
# 
loop_
_atom_type.symbol 
C  
CL 
N  
O  
S  
Y  
# 
loop_
_atom_site.group_PDB 
_atom_site.id 
_atom_site.type_symbol 
_atom_site.label_atom_id 
_atom_site.label_alt_id 
_atom_site.label_comp_id 
_atom_site.label_asym_id 
_atom_site.label_entity_id 
_atom_site.label_seq_id 
_atom_site.pdbx_PDB_ins_code 
_atom_site.Cartn_x 
_atom_site.Cartn_y 
_atom_site.Cartn_z 
_atom_site.occupancy 
_atom_site.B_iso_or_equiv 
_atom_site.pdbx_formal_charge 
_atom_site.auth_seq_id 
_atom_site.auth_comp_id 
_atom_site.auth_asym_id 
_atom_site.auth_atom_id 
_atom_site.pdbx_PDB_model_num 
HETATM 1    C  C   . ACE A 1 1  ? -33.468 -9.750  -10.586 1.00 30.84 ? 0   ACE A C   1 
HETATM 2    O  O   . ACE A 1 1  ? -32.620 -9.343  -9.795  1.00 30.68 ? 0   ACE A O   1 
HETATM 3    C  CH3 . ACE A 1 1  ? -34.768 -9.014  -10.752 1.00 30.07 ? 0   ACE A CH3 1 
ATOM   4    N  N   . ARG A 1 2  ? -33.303 -10.837 -11.338 1.00 30.63 ? 1   ARG A N   1 
ATOM   5    C  CA  . ARG A 1 2  ? -32.093 -11.656 -11.294 1.00 30.88 ? 1   ARG A CA  1 
ATOM   6    C  C   . ARG A 1 2  ? -30.862 -10.963 -11.879 1.00 31.80 ? 1   ARG A C   1 
ATOM   7    O  O   . ARG A 1 2  ? -29.784 -11.027 -11.290 1.00 30.82 ? 1   ARG A O   1 
ATOM   8    C  CB  . ARG A 1 2  ? -32.323 -12.988 -12.012 1.00 30.07 ? 1   ARG A CB  1 
ATOM   9    C  CG  . ARG A 1 2  ? -33.051 -14.018 -11.170 1.00 31.91 ? 1   ARG A CG  1 
ATOM   10   C  CD  . ARG A 1 2  ? -33.517 -15.219 -11.994 1.00 32.36 ? 1   ARG A CD  1 
ATOM   11   N  NE  . ARG A 1 2  ? -32.437 -16.125 -12.399 1.00 32.74 ? 1   ARG A NE  1 
ATOM   12   C  CZ  . ARG A 1 2  ? -32.519 -17.006 -13.396 1.00 32.71 ? 1   ARG A CZ  1 
ATOM   13   N  NH1 . ARG A 1 2  ? -33.624 -17.120 -14.120 1.00 32.30 ? 1   ARG A NH1 1 
ATOM   14   N  NH2 . ARG A 1 2  ? -31.492 -17.800 -13.659 1.00 33.01 ? 1   ARG A NH2 1 
ATOM   15   N  N   . MET A 1 3  ? -31.053 -10.259 -13.003 1.00 32.54 ? 2   MET A N   1 
ATOM   16   C  CA  . MET A 1 3  ? -29.981 -9.534  -13.724 1.00 33.98 ? 2   MET A CA  1 
ATOM   17   C  C   . MET A 1 3  ? -29.352 -8.481  -12.869 1.00 34.05 ? 2   MET A C   1 
ATOM   18   O  O   . MET A 1 3  ? -28.161 -8.206  -12.881 1.00 34.40 ? 2   MET A O   1 
ATOM   19   C  CB  . MET A 1 3  ? -30.547 -8.859  -14.957 1.00 34.76 ? 2   MET A CB  1 
ATOM   20   C  CG  . MET A 1 3  ? -30.369 -9.661  -16.200 1.00 36.61 ? 2   MET A CG  1 
ATOM   21   S  SD  . MET A 1 3  ? -31.066 -8.822  -17.611 1.00 41.91 ? 2   MET A SD  1 
ATOM   22   C  CE  . MET A 1 3  ? -32.151 -10.092 -18.211 1.00 39.39 ? 2   MET A CE  1 
ATOM   23   N  N   . LYS A 1 4  ? -30.214 -8.001  -12.014 1.00 34.60 ? 3   LYS A N   1 
ATOM   24   C  CA  . LYS A 1 4  ? -29.883 -6.990  -11.078 1.00 35.63 ? 3   LYS A CA  1 
ATOM   25   C  C   . LYS A 1 4  ? -28.973 -7.467  -9.947  1.00 35.86 ? 3   LYS A C   1 
ATOM   26   O  O   . LYS A 1 4  ? -28.083 -6.738  -9.476  1.00 33.68 ? 3   LYS A O   1 
ATOM   27   C  CB  . LYS A 1 4  ? -31.205 -6.485  -10.583 1.00 38.25 ? 3   LYS A CB  1 
ATOM   28   C  CG  . LYS A 1 4  ? -31.137 -5.081  -10.321 1.00 40.94 ? 3   LYS A CG  1 
ATOM   29   C  CD  . LYS A 1 4  ? -30.994 -4.820  -8.845  1.00 43.82 ? 3   LYS A CD  1 
ATOM   30   C  CE  . LYS A 1 4  ? -32.218 -4.070  -8.415  1.00 45.84 ? 3   LYS A CE  1 
ATOM   31   N  NZ  . LYS A 1 4  ? -33.338 -5.077  -8.414  1.00 47.85 ? 3   LYS A NZ  1 
ATOM   32   N  N   . GLN A 1 5  ? -29.320 -8.635  -9.421  1.00 35.29 ? 4   GLN A N   1 
ATOM   33   C  CA  . GLN A 1 5  ? -28.564 -9.281  -8.364  1.00 34.93 ? 4   GLN A CA  1 
ATOM   34   C  C   . GLN A 1 5  ? -27.221 -9.737  -8.920  1.00 32.68 ? 4   GLN A C   1 
ATOM   35   O  O   . GLN A 1 5  ? -26.208 -9.649  -8.227  1.00 31.99 ? 4   GLN A O   1 
ATOM   36   C  CB  . GLN A 1 5  ? -29.347 -10.453 -7.766  1.00 37.92 ? 4   GLN A CB  1 
ATOM   37   C  CG  . GLN A 1 5  ? -30.364 -9.991  -6.730  1.00 44.18 ? 4   GLN A CG  1 
ATOM   38   C  CD  . GLN A 1 5  ? -31.293 -11.085 -6.240  1.00 47.11 ? 4   GLN A CD  1 
ATOM   39   O  OE1 . GLN A 1 5  ? -30.848 -12.128 -5.759  1.00 50.86 ? 4   GLN A OE1 1 
ATOM   40   N  NE2 . GLN A 1 5  ? -32.595 -10.831 -6.317  1.00 48.68 ? 4   GLN A NE2 1 
ATOM   41   N  N   . ILE A 1 6  ? -27.214 -10.120 -10.205 1.00 30.34 ? 5   ILE A N   1 
ATOM   42   C  CA  . ILE A 1 6  ? -26.009 -10.552 -10.923 1.00 27.94 ? 5   ILE A CA  1 
ATOM   43   C  C   . ILE A 1 6  ? -25.074 -9.342  -11.059 1.00 27.67 ? 5   ILE A C   1 
ATOM   44   O  O   . ILE A 1 6  ? -23.884 -9.455  -10.770 1.00 28.06 ? 5   ILE A O   1 
ATOM   45   C  CB  . ILE A 1 6  ? -26.366 -11.167 -12.335 1.00 27.47 ? 5   ILE A CB  1 
ATOM   46   C  CG1 . ILE A 1 6  ? -26.934 -12.581 -12.165 1.00 28.71 ? 5   ILE A CG1 1 
ATOM   47   C  CG2 . ILE A 1 6  ? -25.161 -11.184 -13.291 1.00 24.80 ? 5   ILE A CG2 1 
ATOM   48   C  CD1 . ILE A 1 6  ? -27.667 -13.125 -13.400 1.00 29.88 ? 5   ILE A CD1 1 
ATOM   49   N  N   . GLU A 1 7  ? -25.644 -8.186  -11.420 1.00 26.62 ? 6   GLU A N   1 
ATOM   50   C  CA  . GLU A 1 7  ? -24.902 -6.927  -11.589 1.00 26.80 ? 6   GLU A CA  1 
ATOM   51   C  C   . GLU A 1 7  ? -24.202 -6.447  -10.310 1.00 26.49 ? 6   GLU A C   1 
ATOM   52   O  O   . GLU A 1 7  ? -23.035 -6.039  -10.355 1.00 24.99 ? 6   GLU A O   1 
ATOM   53   C  CB  . GLU A 1 7  ? -25.822 -5.829  -12.138 1.00 27.73 ? 6   GLU A CB  1 
ATOM   54   C  CG  . GLU A 1 7  ? -26.067 -5.927  -13.648 1.00 29.51 ? 6   GLU A CG  1 
ATOM   55   C  CD  . GLU A 1 7  ? -27.221 -5.059  -14.159 1.00 31.71 ? 6   GLU A CD  1 
ATOM   56   O  OE1 . GLU A 1 7  ? -27.292 -4.859  -15.391 1.00 33.77 ? 6   GLU A OE1 1 
ATOM   57   O  OE2 . GLU A 1 7  ? -28.061 -4.591  -13.357 1.00 30.67 ? 6   GLU A OE2 1 
ATOM   58   N  N   . ASP A 1 8  ? -24.900 -6.567  -9.176  1.00 26.53 ? 7   ASP A N   1 
ATOM   59   C  CA  . ASP A 1 8  ? -24.371 -6.171  -7.868  1.00 26.62 ? 7   ASP A CA  1 
ATOM   60   C  C   . ASP A 1 8  ? -23.350 -7.178  -7.339  1.00 26.17 ? 7   ASP A C   1 
ATOM   61   O  O   . ASP A 1 8  ? -22.438 -6.809  -6.594  1.00 26.46 ? 7   ASP A O   1 
ATOM   62   C  CB  . ASP A 1 8  ? -25.510 -5.957  -6.861  1.00 27.89 ? 7   ASP A CB  1 
ATOM   63   C  CG  . ASP A 1 8  ? -26.301 -4.670  -7.122  1.00 30.87 ? 7   ASP A CG  1 
ATOM   64   O  OD1 . ASP A 1 8  ? -27.356 -4.484  -6.476  1.00 33.62 ? 7   ASP A OD1 1 
ATOM   65   O  OD2 . ASP A 1 8  ? -25.877 -3.838  -7.959  1.00 29.89 ? 7   ASP A OD2 1 
ATOM   66   N  N   . LYS A 1 9  ? -23.480 -8.431  -7.781  1.00 25.27 ? 8   LYS A N   1 
ATOM   67   C  CA  . LYS A 1 9  ? -22.567 -9.509  -7.396  1.00 25.45 ? 8   LYS A CA  1 
ATOM   68   C  C   . LYS A 1 9  ? -21.239 -9.329  -8.137  1.00 24.08 ? 8   LYS A C   1 
ATOM   69   O  O   . LYS A 1 9  ? -20.175 -9.511  -7.547  1.00 25.05 ? 8   LYS A O   1 
ATOM   70   C  CB  . LYS A 1 9  ? -23.180 -10.879 -7.723  1.00 26.56 ? 8   LYS A CB  1 
ATOM   71   C  CG  . LYS A 1 9  ? -22.460 -12.075 -7.119  1.00 27.92 ? 8   LYS A CG  1 
ATOM   72   C  CD  . LYS A 1 9  ? -22.410 -11.998 -5.598  1.00 33.03 ? 8   LYS A CD  1 
ATOM   73   C  CE  . LYS A 1 9  ? -21.613 -13.137 -5.020  1.00 34.19 ? 8   LYS A CE  1 
ATOM   74   N  NZ  . LYS A 1 9  ? -21.369 -12.977 -3.559  1.00 34.88 ? 8   LYS A NZ  1 
ATOM   75   N  N   . ILE A 1 10 ? -21.326 -8.914  -9.405  1.00 21.85 ? 9   ILE A N   1 
ATOM   76   C  CA  . ILE A 1 10 ? -20.172 -8.657  -10.273 1.00 21.77 ? 9   ILE A CA  1 
ATOM   77   C  C   . ILE A 1 10 ? -19.328 -7.504  -9.699  1.00 22.33 ? 9   ILE A C   1 
ATOM   78   O  O   . ILE A 1 10 ? -18.094 -7.552  -9.739  1.00 23.18 ? 9   ILE A O   1 
ATOM   79   C  CB  . ILE A 1 10 ? -20.652 -8.365  -11.735 1.00 22.12 ? 9   ILE A CB  1 
ATOM   80   C  CG1 . ILE A 1 10 ? -20.932 -9.687  -12.453 1.00 21.03 ? 9   ILE A CG1 1 
ATOM   81   C  CG2 . ILE A 1 10 ? -19.658 -7.503  -12.523 1.00 22.91 ? 9   ILE A CG2 1 
ATOM   82   C  CD1 . ILE A 1 10 ? -21.613 -9.532  -13.783 1.00 21.86 ? 9   ILE A CD1 1 
ATOM   83   N  N   . GLU A 1 11 ? -20.011 -6.509  -9.131  1.00 21.42 ? 10  GLU A N   1 
ATOM   84   C  CA  . GLU A 1 11 ? -19.371 -5.345  -8.516  1.00 20.46 ? 10  GLU A CA  1 
ATOM   85   C  C   . GLU A 1 11 ? -18.625 -5.741  -7.248  1.00 20.58 ? 10  GLU A C   1 
ATOM   86   O  O   . GLU A 1 11 ? -17.577 -5.179  -6.942  1.00 21.80 ? 10  GLU A O   1 
ATOM   87   C  CB  . GLU A 1 11 ? -20.413 -4.280  -8.204  1.00 19.32 ? 10  GLU A CB  1 
ATOM   88   C  CG  . GLU A 1 11 ? -20.983 -3.626  -9.455  1.00 18.92 ? 10  GLU A CG  1 
ATOM   89   C  CD  . GLU A 1 11 ? -22.264 -2.845  -9.207  1.00 19.03 ? 10  GLU A CD  1 
ATOM   90   O  OE1 . GLU A 1 11 ? -22.737 -2.199  -10.167 1.00 22.61 ? 10  GLU A OE1 1 
ATOM   91   O  OE2 . GLU A 1 11 ? -22.806 -2.876  -8.077  1.00 17.93 ? 10  GLU A OE2 1 
ATOM   92   N  N   . GLU A 1 12 ? -19.155 -6.741  -6.542  1.00 21.60 ? 11  GLU A N   1 
ATOM   93   C  CA  . GLU A 1 12 ? -18.534 -7.252  -5.323  1.00 23.43 ? 11  GLU A CA  1 
ATOM   94   C  C   . GLU A 1 12 ? -17.310 -8.114  -5.649  1.00 21.51 ? 11  GLU A C   1 
ATOM   95   O  O   . GLU A 1 12 ? -16.327 -8.098  -4.901  1.00 21.50 ? 11  GLU A O   1 
ATOM   96   C  CB  . GLU A 1 12 ? -19.548 -8.023  -4.478  1.00 27.27 ? 11  GLU A CB  1 
ATOM   97   C  CG  . GLU A 1 12 ? -20.543 -7.112  -3.754  1.00 34.49 ? 11  GLU A CG  1 
ATOM   98   C  CD  . GLU A 1 12 ? -21.539 -7.862  -2.875  1.00 38.14 ? 11  GLU A CD  1 
ATOM   99   O  OE1 . GLU A 1 12 ? -22.489 -7.217  -2.384  1.00 41.53 ? 11  GLU A OE1 1 
ATOM   100  O  OE2 . GLU A 1 12 ? -21.381 -9.088  -2.666  1.00 43.12 ? 11  GLU A OE2 1 
ATOM   101  N  N   . ILE A 1 13 ? -17.358 -8.802  -6.795  1.00 20.12 ? 12  ILE A N   1 
ATOM   102  C  CA  . ILE A 1 13 ? -16.251 -9.643  -7.274  1.00 21.11 ? 12  ILE A CA  1 
ATOM   103  C  C   . ILE A 1 13 ? -15.124 -8.721  -7.751  1.00 21.45 ? 12  ILE A C   1 
ATOM   104  O  O   . ILE A 1 13 ? -13.952 -8.986  -7.470  1.00 22.09 ? 12  ILE A O   1 
ATOM   105  C  CB  . ILE A 1 13 ? -16.696 -10.618 -8.428  1.00 21.39 ? 12  ILE A CB  1 
ATOM   106  C  CG1 . ILE A 1 13 ? -17.675 -11.662 -7.875  1.00 22.28 ? 12  ILE A CG1 1 
ATOM   107  C  CG2 . ILE A 1 13 ? -15.479 -11.352 -9.054  1.00 21.22 ? 12  ILE A CG2 1 
ATOM   108  C  CD1 . ILE A 1 13 ? -18.363 -12.520 -8.936  1.00 22.85 ? 12  ILE A CD1 1 
ATOM   109  N  N   . GLU A 1 14 ? -15.497 -7.629  -8.426  1.00 21.78 ? 13  GLU A N   1 
ATOM   110  C  CA  . GLU A 1 14 ? -14.547 -6.625  -8.935  1.00 23.50 ? 13  GLU A CA  1 
ATOM   111  C  C   . GLU A 1 14 ? -13.853 -5.884  -7.801  1.00 21.72 ? 13  GLU A C   1 
ATOM   112  O  O   . GLU A 1 14 ? -12.666 -5.584  -7.893  1.00 22.18 ? 13  GLU A O   1 
ATOM   113  C  CB  . GLU A 1 14 ? -15.246 -5.614  -9.837  1.00 26.35 ? 13  GLU A CB  1 
ATOM   114  C  CG  . GLU A 1 14 ? -15.153 -5.926  -11.311 1.00 34.92 ? 13  GLU A CG  1 
ATOM   115  C  CD  . GLU A 1 14 ? -14.724 -4.716  -12.129 1.00 40.53 ? 13  GLU A CD  1 
ATOM   116  O  OE1 . GLU A 1 14 ? -15.562 -3.810  -12.347 1.00 43.58 ? 13  GLU A OE1 1 
ATOM   117  O  OE2 . GLU A 1 14 ? -13.548 -4.669  -12.560 1.00 41.94 ? 13  GLU A OE2 1 
ATOM   118  N  N   . SER A 1 15 ? -14.610 -5.628  -6.728  1.00 21.39 ? 14  SER A N   1 
ATOM   119  C  CA  . SER A 1 15 ? -14.133 -4.955  -5.513  1.00 21.99 ? 14  SER A CA  1 
ATOM   120  C  C   . SER A 1 15 ? -13.065 -5.813  -4.863  1.00 21.82 ? 14  SER A C   1 
ATOM   121  O  O   . SER A 1 15 ? -11.990 -5.329  -4.498  1.00 20.39 ? 14  SER A O   1 
ATOM   122  C  CB  . SER A 1 15 ? -15.296 -4.750  -4.530  1.00 22.06 ? 14  SER A CB  1 
ATOM   123  O  OG  . SER A 1 15 ? -14.837 -4.374  -3.240  1.00 23.85 ? 14  SER A OG  1 
ATOM   124  N  N   . LYS A 1 16 ? -13.360 -7.109  -4.799  1.00 20.48 ? 15  LYS A N   1 
ATOM   125  C  CA  . LYS A 1 16 ? -12.461 -8.083  -4.225  1.00 21.29 ? 15  LYS A CA  1 
ATOM   126  C  C   . LYS A 1 16 ? -11.187 -8.274  -5.027  1.00 20.99 ? 15  LYS A C   1 
ATOM   127  O  O   . LYS A 1 16 ? -10.119 -8.488  -4.450  1.00 20.22 ? 15  LYS A O   1 
ATOM   128  C  CB  . LYS A 1 16 ? -13.157 -9.429  -4.051  1.00 23.76 ? 15  LYS A CB  1 
ATOM   129  C  CG  . LYS A 1 16 ? -13.675 -9.721  -2.641  1.00 31.05 ? 15  LYS A CG  1 
ATOM   130  C  CD  . LYS A 1 16 ? -12.604 -9.534  -1.532  1.00 36.29 ? 15  LYS A CD  1 
ATOM   131  C  CE  . LYS A 1 16 ? -11.398 -10.477 -1.673  1.00 37.81 ? 15  LYS A CE  1 
ATOM   132  N  NZ  . LYS A 1 16 ? -10.277 -10.180 -0.756  1.00 39.88 ? 15  LYS A NZ  1 
ATOM   133  N  N   . GLN A 1 17 ? -11.308 -8.133  -6.349  1.00 19.66 ? 16  GLN A N   1 
ATOM   134  C  CA  . GLN A 1 17 ? -10.196 -8.266  -7.279  1.00 19.07 ? 16  GLN A CA  1 
ATOM   135  C  C   . GLN A 1 17 ? -9.215  -7.100  -7.105  1.00 18.49 ? 16  GLN A C   1 
ATOM   136  O  O   . GLN A 1 17 ? -8.000  -7.284  -7.200  1.00 18.14 ? 16  GLN A O   1 
ATOM   137  C  CB  . GLN A 1 17 ? -10.740 -8.305  -8.701  1.00 19.25 ? 16  GLN A CB  1 
ATOM   138  C  CG  . GLN A 1 17 ? -9.851  -8.985  -9.694  1.00 21.66 ? 16  GLN A CG  1 
ATOM   139  C  CD  . GLN A 1 17 ? -10.600 -9.348  -10.946 1.00 22.23 ? 16  GLN A CD  1 
ATOM   140  O  OE1 . GLN A 1 17 ? -10.855 -10.521 -11.210 1.00 25.20 ? 16  GLN A OE1 1 
ATOM   141  N  NE2 . GLN A 1 17 ? -10.967 -8.343  -11.728 1.00 23.01 ? 16  GLN A NE2 1 
ATOM   142  N  N   . LYS A 1 18 ? -9.755  -5.921  -6.791  1.00 18.43 ? 17  LYS A N   1 
ATOM   143  C  CA  . LYS A 1 18 ? -8.942  -4.726  -6.569  1.00 20.43 ? 17  LYS A CA  1 
ATOM   144  C  C   . LYS A 1 18 ? -8.197  -4.816  -5.245  1.00 21.78 ? 17  LYS A C   1 
ATOM   145  O  O   . LYS A 1 18 ? -7.065  -4.340  -5.138  1.00 22.65 ? 17  LYS A O   1 
ATOM   146  C  CB  . LYS A 1 18 ? -9.791  -3.450  -6.619  1.00 21.17 ? 17  LYS A CB  1 
ATOM   147  C  CG  . LYS A 1 18 ? -10.283 -3.045  -8.006  1.00 23.93 ? 17  LYS A CG  1 
ATOM   148  C  CD  . LYS A 1 18 ? -9.140  -2.764  -8.989  1.00 25.35 ? 17  LYS A CD  1 
ATOM   149  C  CE  . LYS A 1 18 ? -9.669  -2.290  -10.341 1.00 26.82 ? 17  LYS A CE  1 
ATOM   150  N  NZ  . LYS A 1 18 ? -10.628 -3.262  -10.948 1.00 28.16 ? 17  LYS A NZ  1 
ATOM   151  N  N   . LYS A 1 19 ? -8.820  -5.462  -4.254  1.00 23.80 ? 18  LYS A N   1 
ATOM   152  C  CA  . LYS A 1 19 ? -8.210  -5.663  -2.935  1.00 25.60 ? 18  LYS A CA  1 
ATOM   153  C  C   . LYS A 1 19 ? -7.043  -6.647  -3.083  1.00 24.51 ? 18  LYS A C   1 
ATOM   154  O  O   . LYS A 1 19 ? -5.963  -6.414  -2.532  1.00 24.84 ? 18  LYS A O   1 
ATOM   155  C  CB  . LYS A 1 19 ? -9.241  -6.187  -1.926  1.00 26.96 ? 18  LYS A CB  1 
ATOM   156  C  CG  . LYS A 1 19 ? -8.707  -6.391  -0.500  1.00 32.19 ? 18  LYS A CG  1 
ATOM   157  C  CD  . LYS A 1 19 ? -9.832  -6.764  0.460   1.00 36.65 ? 18  LYS A CD  1 
ATOM   158  C  CE  . LYS A 1 19 ? -9.439  -7.884  1.426   1.00 39.90 ? 18  LYS A CE  1 
ATOM   159  N  NZ  . LYS A 1 19 ? -8.339  -7.543  2.371   1.00 40.52 ? 18  LYS A NZ  1 
ATOM   160  N  N   . ILE A 1 20 ? -7.254  -7.679  -3.910  1.00 22.49 ? 19  ILE A N   1 
ATOM   161  C  CA  . ILE A 1 20 ? -6.261  -8.721  -4.211  1.00 21.16 ? 19  ILE A CA  1 
ATOM   162  C  C   . ILE A 1 20 ? -5.065  -8.113  -4.953  1.00 21.41 ? 19  ILE A C   1 
ATOM   163  O  O   . ILE A 1 20 ? -3.917  -8.376  -4.587  1.00 21.06 ? 19  ILE A O   1 
ATOM   164  C  CB  . ILE A 1 20 ? -6.913  -9.902  -5.016  1.00 19.58 ? 19  ILE A CB  1 
ATOM   165  C  CG1 . ILE A 1 20 ? -7.803  -10.720 -4.076  1.00 20.11 ? 19  ILE A CG1 1 
ATOM   166  C  CG2 . ILE A 1 20 ? -5.863  -10.807 -5.683  1.00 17.82 ? 19  ILE A CG2 1 
ATOM   167  C  CD1 . ILE A 1 20 ? -8.654  -11.762 -4.756  1.00 19.60 ? 19  ILE A CD1 1 
ATOM   168  N  N   . GLU A 1 21 ? -5.350  -7.256  -5.937  1.00 20.68 ? 20  GLU A N   1 
ATOM   169  C  CA  . GLU A 1 21 ? -4.327  -6.575  -6.739  1.00 22.20 ? 20  GLU A CA  1 
ATOM   170  C  C   . GLU A 1 21 ? -3.437  -5.684  -5.879  1.00 20.66 ? 20  GLU A C   1 
ATOM   171  O  O   . GLU A 1 21 ? -2.223  -5.653  -6.067  1.00 20.84 ? 20  GLU A O   1 
ATOM   172  C  CB  . GLU A 1 21 ? -4.976  -5.716  -7.813  1.00 24.90 ? 20  GLU A CB  1 
ATOM   173  C  CG  . GLU A 1 21 ? -5.470  -6.460  -9.027  1.00 29.81 ? 20  GLU A CG  1 
ATOM   174  C  CD  . GLU A 1 21 ? -6.275  -5.552  -9.941  1.00 34.41 ? 20  GLU A CD  1 
ATOM   175  O  OE1 . GLU A 1 21 ? -7.301  -6.014  -10.478 1.00 36.80 ? 20  GLU A OE1 1 
ATOM   176  O  OE2 . GLU A 1 21 ? -5.897  -4.371  -10.119 1.00 38.05 ? 20  GLU A OE2 1 
ATOM   177  N  N   . ASN A 1 22 ? -4.062  -4.988  -4.925  1.00 20.51 ? 21  ASN A N   1 
ATOM   178  C  CA  . ASN A 1 22 ? -3.366  -4.098  -3.990  1.00 21.81 ? 21  ASN A CA  1 
ATOM   179  C  C   . ASN A 1 22 ? -2.475  -4.896  -3.030  1.00 21.77 ? 21  ASN A C   1 
ATOM   180  O  O   . ASN A 1 22 ? -1.366  -4.462  -2.707  1.00 21.49 ? 21  ASN A O   1 
ATOM   181  C  CB  . ASN A 1 22 ? -4.364  -3.244  -3.188  1.00 22.83 ? 21  ASN A CB  1 
ATOM   182  C  CG  . ASN A 1 22 ? -5.027  -2.146  -4.026  1.00 23.93 ? 21  ASN A CG  1 
ATOM   183  O  OD1 . ASN A 1 22 ? -4.597  -1.844  -5.142  1.00 27.62 ? 21  ASN A OD1 1 
ATOM   184  N  ND2 . ASN A 1 22 ? -6.081  -1.543  -3.479  1.00 24.32 ? 21  ASN A ND2 1 
ATOM   185  N  N   . GLU A 1 23 ? -2.952  -6.077  -2.623  1.00 22.45 ? 22  GLU A N   1 
ATOM   186  C  CA  . GLU A 1 23 ? -2.219  -6.974  -1.721  1.00 22.58 ? 22  GLU A CA  1 
ATOM   187  C  C   . GLU A 1 23 ? -0.979  -7.534  -2.414  1.00 22.02 ? 22  GLU A C   1 
ATOM   188  O  O   . GLU A 1 23 ? 0.086   -7.597  -1.802  1.00 21.39 ? 22  GLU A O   1 
ATOM   189  C  CB  . GLU A 1 23 ? -3.103  -8.137  -1.247  1.00 25.81 ? 22  GLU A CB  1 
ATOM   190  C  CG  . GLU A 1 23 ? -4.232  -7.757  -0.285  1.00 31.29 ? 22  GLU A CG  1 
ATOM   191  C  CD  . GLU A 1 23 ? -5.159  -8.927  0.066   1.00 34.71 ? 22  GLU A CD  1 
ATOM   192  O  OE1 . GLU A 1 23 ? -5.689  -8.944  1.199   1.00 37.46 ? 22  GLU A OE1 1 
ATOM   193  O  OE2 . GLU A 1 23 ? -5.380  -9.818  -0.785  1.00 36.89 ? 22  GLU A OE2 1 
ATOM   194  N  N   . ILE A 1 24 ? -1.118  -7.873  -3.703  1.00 20.63 ? 23  ILE A N   1 
ATOM   195  C  CA  . ILE A 1 24 ? -0.028  -8.421  -4.533  1.00 21.01 ? 23  ILE A CA  1 
ATOM   196  C  C   . ILE A 1 24 ? 1.064   -7.368  -4.764  1.00 21.35 ? 23  ILE A C   1 
ATOM   197  O  O   . ILE A 1 24 ? 2.250   -7.674  -4.681  1.00 20.53 ? 23  ILE A O   1 
ATOM   198  C  CB  . ILE A 1 24 ? -0.578  -9.006  -5.899  1.00 21.21 ? 23  ILE A CB  1 
ATOM   199  C  CG1 . ILE A 1 24 ? -1.364  -10.300 -5.633  1.00 20.93 ? 23  ILE A CG1 1 
ATOM   200  C  CG2 . ILE A 1 24 ? 0.570   -9.286  -6.924  1.00 20.21 ? 23  ILE A CG2 1 
ATOM   201  C  CD1 . ILE A 1 24 ? -2.066  -10.883 -6.849  1.00 20.48 ? 23  ILE A CD1 1 
ATOM   202  N  N   . ALA A 1 25 ? 0.651   -6.124  -5.002  1.00 22.05 ? 24  ALA A N   1 
ATOM   203  C  CA  . ALA A 1 25 ? 1.581   -5.009  -5.206  1.00 23.67 ? 24  ALA A CA  1 
ATOM   204  C  C   . ALA A 1 25 ? 2.461   -4.807  -3.979  1.00 24.74 ? 24  ALA A C   1 
ATOM   205  O  O   . ALA A 1 25 ? 3.658   -4.616  -4.107  1.00 26.17 ? 24  ALA A O   1 
ATOM   206  C  CB  . ALA A 1 25 ? 0.817   -3.739  -5.517  1.00 24.77 ? 24  ALA A CB  1 
ATOM   207  N  N   . ARG A 1 26 ? 1.845   -4.896  -2.795  1.00 24.45 ? 25  ARG A N   1 
ATOM   208  C  CA  . ARG A 1 26 ? 2.529   -4.757  -1.500  1.00 24.68 ? 25  ARG A CA  1 
ATOM   209  C  C   . ARG A 1 26 ? 3.485   -5.915  -1.255  1.00 24.54 ? 25  ARG A C   1 
ATOM   210  O  O   . ARG A 1 26 ? 4.616   -5.706  -0.831  1.00 23.41 ? 25  ARG A O   1 
ATOM   211  C  CB  . ARG A 1 26 ? 1.469   -4.627  -0.386  1.00 26.57 ? 25  ARG A CB  1 
ATOM   212  C  CG  . ARG A 1 26 ? 1.870   -4.608  1.097   1.00 33.37 ? 25  ARG A CG  1 
ATOM   213  C  CD  . ARG A 1 26 ? 0.649   -4.040  1.819   1.00 38.97 ? 25  ARG A CD  1 
ATOM   214  N  NE  . ARG A 1 26 ? 0.574   -3.990  3.286   1.00 43.32 ? 25  ARG A NE  1 
ATOM   215  C  CZ  . ARG A 1 26 ? 0.315   -5.042  4.065   1.00 45.84 ? 25  ARG A CZ  1 
ATOM   216  N  NH1 . ARG A 1 26 ? 0.142   -6.253  3.535   1.00 46.10 ? 25  ARG A NH1 1 
ATOM   217  N  NH2 . ARG A 1 26 ? -0.115  -4.843  5.311   1.00 45.63 ? 25  ARG A NH2 1 
ATOM   218  N  N   . ILE A 1 27 ? 3.047   -7.128  -1.594  1.00 23.38 ? 26  ILE A N   1 
ATOM   219  C  CA  . ILE A 1 27 ? 3.855   -8.359  -1.439  1.00 21.97 ? 26  ILE A CA  1 
ATOM   220  C  C   . ILE A 1 27 ? 5.088   -8.291  -2.343  1.00 22.37 ? 26  ILE A C   1 
ATOM   221  O  O   . ILE A 1 27 ? 6.200   -8.582  -1.897  1.00 22.85 ? 26  ILE A O   1 
ATOM   222  C  CB  . ILE A 1 27 ? 3.026   -9.679  -1.758  1.00 21.36 ? 26  ILE A CB  1 
ATOM   223  C  CG1 . ILE A 1 27 ? 2.014   -9.947  -0.646  1.00 21.38 ? 26  ILE A CG1 1 
ATOM   224  C  CG2 . ILE A 1 27 ? 3.942   -10.909 -1.951  1.00 19.29 ? 26  ILE A CG2 1 
ATOM   225  C  CD1 . ILE A 1 27 ? 0.993   -11.012 -1.004  1.00 21.17 ? 26  ILE A CD1 1 
ATOM   226  N  N   . LYS A 1 28 ? 4.878   -7.839  -3.585  1.00 22.19 ? 27  LYS A N   1 
ATOM   227  C  CA  . LYS A 1 28 ? 5.942   -7.692  -4.590  1.00 23.76 ? 27  LYS A CA  1 
ATOM   228  C  C   . LYS A 1 28 ? 7.068   -6.764  -4.164  1.00 23.87 ? 27  LYS A C   1 
ATOM   229  O  O   . LYS A 1 28 ? 8.242   -7.066  -4.390  1.00 25.19 ? 27  LYS A O   1 
ATOM   230  C  CB  . LYS A 1 28 ? 5.381   -7.204  -5.929  1.00 24.87 ? 27  LYS A CB  1 
ATOM   231  C  CG  . LYS A 1 28 ? 4.793   -8.295  -6.803  1.00 29.06 ? 27  LYS A CG  1 
ATOM   232  C  CD  . LYS A 1 28 ? 4.291   -7.717  -8.127  1.00 33.36 ? 27  LYS A CD  1 
ATOM   233  C  CE  . LYS A 1 28 ? 5.006   -8.330  -9.334  1.00 35.87 ? 27  LYS A CE  1 
ATOM   234  N  NZ  . LYS A 1 28 ? 4.689   -9.780  -9.559  1.00 40.68 ? 27  LYS A NZ  1 
ATOM   235  N  N   . LYS A 1 29 ? 6.706   -5.668  -3.500  1.00 24.20 ? 28  LYS A N   1 
ATOM   236  C  CA  . LYS A 1 29 ? 7.691   -4.702  -3.028  1.00 25.75 ? 28  LYS A CA  1 
ATOM   237  C  C   . LYS A 1 29 ? 8.475   -5.232  -1.828  1.00 24.71 ? 28  LYS A C   1 
ATOM   238  O  O   . LYS A 1 29 ? 9.698   -5.075  -1.787  1.00 24.26 ? 28  LYS A O   1 
ATOM   239  C  CB  . LYS A 1 29 ? 7.039   -3.357  -2.713  1.00 27.19 ? 28  LYS A CB  1 
ATOM   240  C  CG  . LYS A 1 29 ? 6.317   -2.741  -3.915  1.00 33.24 ? 28  LYS A CG  1 
ATOM   241  C  CD  . LYS A 1 29 ? 6.343   -1.212  -3.988  1.00 36.85 ? 28  LYS A CD  1 
ATOM   242  C  CE  . LYS A 1 29 ? 5.588   -0.531  -2.860  1.00 38.97 ? 28  LYS A CE  1 
ATOM   243  N  NZ  . LYS A 1 29 ? 6.382   -0.531  -1.607  1.00 41.89 ? 28  LYS A NZ  1 
ATOM   244  N  N   . LEU A 1 30 ? 7.788   -5.916  -0.903  1.00 22.74 ? 29  LEU A N   1 
ATOM   245  C  CA  . LEU A 1 30 ? 8.443   -6.495  0.278   1.00 23.50 ? 29  LEU A CA  1 
ATOM   246  C  C   . LEU A 1 30 ? 9.354   -7.646  -0.156  1.00 24.24 ? 29  LEU A C   1 
ATOM   247  O  O   . LEU A 1 30 ? 10.475  -7.780  0.347   1.00 23.62 ? 29  LEU A O   1 
ATOM   248  C  CB  . LEU A 1 30 ? 7.419   -6.960  1.334   1.00 23.54 ? 29  LEU A CB  1 
ATOM   249  C  CG  . LEU A 1 30 ? 7.914   -7.561  2.670   1.00 22.13 ? 29  LEU A CG  1 
ATOM   250  C  CD1 . LEU A 1 30 ? 9.000   -6.704  3.340   1.00 21.39 ? 29  LEU A CD1 1 
ATOM   251  C  CD2 . LEU A 1 30 ? 6.736   -7.766  3.610   1.00 20.68 ? 29  LEU A CD2 1 
ATOM   252  N  N   . LEU A 1 31 ? 8.903   -8.401  -1.160  1.00 24.55 ? 30  LEU A N   1 
ATOM   253  C  CA  . LEU A 1 31 ? 9.672   -9.516  -1.700  1.00 23.31 ? 30  LEU A CA  1 
ATOM   254  C  C   . LEU A 1 31 ? 10.948  -9.005  -2.368  1.00 23.93 ? 30  LEU A C   1 
ATOM   255  O  O   . LEU A 1 31 ? 11.998  -9.638  -2.244  1.00 24.20 ? 30  LEU A O   1 
ATOM   256  C  CB  . LEU A 1 31 ? 8.825   -10.350 -2.670  1.00 22.85 ? 30  LEU A CB  1 
ATOM   257  C  CG  . LEU A 1 31 ? 9.407   -11.610 -3.325  1.00 22.47 ? 30  LEU A CG  1 
ATOM   258  C  CD1 . LEU A 1 31 ? 9.998   -12.588 -2.313  1.00 21.38 ? 30  LEU A CD1 1 
ATOM   259  C  CD2 . LEU A 1 31 ? 8.340   -12.284 -4.154  1.00 21.40 ? 30  LEU A CD2 1 
ATOM   260  N  N   . GLN A 1 32 ? 10.866  -7.840  -3.018  1.00 24.52 ? 31  GLN A N   1 
ATOM   261  C  CA  . GLN A 1 32 ? 12.030  -7.234  -3.673  1.00 24.78 ? 31  GLN A CA  1 
ATOM   262  C  C   . GLN A 1 32 ? 13.015  -6.656  -2.661  1.00 23.54 ? 31  GLN A C   1 
ATOM   263  O  O   . GLN A 1 32 ? 14.207  -6.553  -2.942  1.00 23.50 ? 31  GLN A O   1 
ATOM   264  C  CB  . GLN A 1 32 ? 11.618  -6.161  -4.686  1.00 27.18 ? 31  GLN A CB  1 
ATOM   265  C  CG  . GLN A 1 32 ? 10.993  -6.698  -5.991  1.00 31.56 ? 31  GLN A CG  1 
ATOM   266  C  CD  . GLN A 1 32 ? 11.874  -7.691  -6.760  1.00 34.46 ? 31  GLN A CD  1 
ATOM   267  O  OE1 . GLN A 1 32 ? 11.399  -8.746  -7.187  1.00 37.32 ? 31  GLN A OE1 1 
ATOM   268  N  NE2 . GLN A 1 32 ? 13.148  -7.353  -6.948  1.00 33.34 ? 31  GLN A NE2 1 
ATOM   269  N  N   . LEU A 1 33 ? 12.509  -6.307  -1.478  1.00 23.04 ? 32  LEU A N   1 
ATOM   270  C  CA  . LEU A 1 33 ? 13.345  -5.782  -0.398  1.00 23.41 ? 32  LEU A CA  1 
ATOM   271  C  C   . LEU A 1 33 ? 14.140  -6.933  0.220   1.00 22.99 ? 32  LEU A C   1 
ATOM   272  O  O   . LEU A 1 33 ? 15.332  -6.790  0.488   1.00 23.38 ? 32  LEU A O   1 
ATOM   273  C  CB  . LEU A 1 33 ? 12.504  -5.081  0.678   1.00 22.24 ? 32  LEU A CB  1 
ATOM   274  C  CG  . LEU A 1 33 ? 11.984  -3.661  0.425   1.00 22.99 ? 32  LEU A CG  1 
ATOM   275  C  CD1 . LEU A 1 33 ? 11.046  -3.252  1.539   1.00 22.43 ? 32  LEU A CD1 1 
ATOM   276  C  CD2 . LEU A 1 33 ? 13.127  -2.673  0.311   1.00 24.84 ? 32  LEU A CD2 1 
ATOM   277  N  N   . THR A 1 34 ? 13.493  -8.091  0.374   1.00 20.47 ? 33  THR A N   1 
ATOM   278  C  CA  . THR A 1 34 ? 14.152  -9.270  0.944   1.00 20.52 ? 33  THR A CA  1 
ATOM   279  C  C   . THR A 1 34 ? 15.252  -9.831  0.028   1.00 19.74 ? 33  THR A C   1 
ATOM   280  O  O   . THR A 1 34 ? 16.295  -10.262 0.516   1.00 19.75 ? 33  THR A O   1 
ATOM   281  C  CB  . THR A 1 34 ? 13.145  -10.379 1.297   1.00 19.80 ? 33  THR A CB  1 
ATOM   282  O  OG1 . THR A 1 34 ? 12.404  -10.771 0.134   1.00 21.10 ? 33  THR A OG1 1 
ATOM   283  C  CG2 . THR A 1 34 ? 12.195  -9.931  2.401   1.00 19.04 ? 33  THR A CG2 1 
ATOM   284  N  N   . VAL A 1 35 ? 15.019  -9.779  -1.290  1.00 19.63 ? 34  VAL A N   1 
ATOM   285  C  CA  . VAL A 1 35 ? 15.971  -10.233 -2.322  1.00 18.69 ? 34  VAL A CA  1 
ATOM   286  C  C   . VAL A 1 35 ? 17.230  -9.355  -2.244  1.00 18.69 ? 34  VAL A C   1 
ATOM   287  O  O   . VAL A 1 35 ? 18.350  -9.859  -2.326  1.00 19.53 ? 34  VAL A O   1 
ATOM   288  C  CB  . VAL A 1 35 ? 15.330  -10.142 -3.766  1.00 19.79 ? 34  VAL A CB  1 
ATOM   289  C  CG1 . VAL A 1 35 ? 16.370  -10.374 -4.877  1.00 19.63 ? 34  VAL A CG1 1 
ATOM   290  C  CG2 . VAL A 1 35 ? 14.207  -11.167 -3.912  1.00 17.99 ? 34  VAL A CG2 1 
ATOM   291  N  N   . TRP A 1 36 ? 17.017  -8.052  -2.044  1.00 18.41 ? 35  TRP A N   1 
ATOM   292  C  CA  . TRP A 1 36 ? 18.087  -7.061  -1.911  1.00 18.23 ? 35  TRP A CA  1 
ATOM   293  C  C   . TRP A 1 36 ? 18.853  -7.350  -0.608  1.00 17.39 ? 35  TRP A C   1 
ATOM   294  O  O   . TRP A 1 36 ? 20.078  -7.284  -0.585  1.00 16.77 ? 35  TRP A O   1 
ATOM   295  C  CB  . TRP A 1 36 ? 17.485  -5.632  -1.895  1.00 20.28 ? 35  TRP A CB  1 
ATOM   296  C  CG  . TRP A 1 36 ? 18.483  -4.479  -1.754  1.00 20.86 ? 35  TRP A CG  1 
ATOM   297  C  CD1 . TRP A 1 36 ? 19.088  -3.792  -2.770  1.00 22.69 ? 35  TRP A CD1 1 
ATOM   298  C  CD2 . TRP A 1 36 ? 19.022  -3.934  -0.529  1.00 20.88 ? 35  TRP A CD2 1 
ATOM   299  N  NE1 . TRP A 1 36 ? 19.976  -2.869  -2.263  1.00 23.64 ? 35  TRP A NE1 1 
ATOM   300  C  CE2 . TRP A 1 36 ? 19.960  -2.934  -0.902  1.00 22.53 ? 35  TRP A CE2 1 
ATOM   301  C  CE3 . TRP A 1 36 ? 18.811  -4.207  0.839   1.00 20.73 ? 35  TRP A CE3 1 
ATOM   302  C  CZ2 . TRP A 1 36 ? 20.697  -2.196  0.065   1.00 22.59 ? 35  TRP A CZ2 1 
ATOM   303  C  CZ3 . TRP A 1 36 ? 19.546  -3.475  1.800   1.00 20.91 ? 35  TRP A CZ3 1 
ATOM   304  C  CH2 . TRP A 1 36 ? 20.480  -2.479  1.400   1.00 22.21 ? 35  TRP A CH2 1 
ATOM   305  N  N   . GLY A 1 37 ? 18.109  -7.654  0.461   1.00 16.97 ? 36  GLY A N   1 
ATOM   306  C  CA  . GLY A 1 37 ? 18.684  -7.956  1.767   1.00 17.63 ? 36  GLY A CA  1 
ATOM   307  C  C   . GLY A 1 37 ? 19.587  -9.182  1.799   1.00 16.68 ? 36  GLY A C   1 
ATOM   308  O  O   . GLY A 1 37 ? 20.671  -9.134  2.378   1.00 14.81 ? 36  GLY A O   1 
ATOM   309  N  N   . ILE A 1 38 ? 19.153  -10.263 1.150   1.00 16.66 ? 37  ILE A N   1 
ATOM   310  C  CA  . ILE A 1 38 ? 19.929  -11.508 1.063   1.00 17.40 ? 37  ILE A CA  1 
ATOM   311  C  C   . ILE A 1 38 ? 21.214  -11.253 0.252   1.00 18.61 ? 37  ILE A C   1 
ATOM   312  O  O   . ILE A 1 38 ? 22.272  -11.801 0.570   1.00 18.43 ? 37  ILE A O   1 
ATOM   313  C  CB  . ILE A 1 38 ? 19.077  -12.645 0.419   1.00 17.91 ? 37  ILE A CB  1 
ATOM   314  C  CG1 . ILE A 1 38 ? 17.945  -13.026 1.371   1.00 18.18 ? 37  ILE A CG1 1 
ATOM   315  C  CG2 . ILE A 1 38 ? 19.910  -13.907 0.126   1.00 17.37 ? 37  ILE A CG2 1 
ATOM   316  C  CD1 . ILE A 1 38 ? 16.804  -13.687 0.692   1.00 17.05 ? 37  ILE A CD1 1 
ATOM   317  N  N   . LYS A 1 39 ? 21.119  -10.349 -0.728  1.00 18.79 ? 38  LYS A N   1 
ATOM   318  C  CA  . LYS A 1 39 ? 22.243  -9.977  -1.599  1.00 20.95 ? 38  LYS A CA  1 
ATOM   319  C  C   . LYS A 1 39 ? 23.359  -9.251  -0.861  1.00 19.37 ? 38  LYS A C   1 
ATOM   320  O  O   . LYS A 1 39 ? 24.533  -9.533  -1.096  1.00 18.97 ? 38  LYS A O   1 
ATOM   321  C  CB  . LYS A 1 39 ? 21.748  -9.122  -2.773  1.00 21.45 ? 38  LYS A CB  1 
ATOM   322  C  CG  . LYS A 1 39 ? 22.702  -9.040  -3.963  1.00 24.21 ? 38  LYS A CG  1 
ATOM   323  C  CD  . LYS A 1 39 ? 22.201  -8.038  -5.006  1.00 28.36 ? 38  LYS A CD  1 
ATOM   324  C  CE  . LYS A 1 39 ? 23.182  -7.869  -6.162  1.00 30.33 ? 38  LYS A CE  1 
ATOM   325  N  NZ  . LYS A 1 39 ? 23.326  -9.111  -6.963  1.00 33.22 ? 38  LYS A NZ  1 
ATOM   326  N  N   . GLN A 1 40 ? 22.984  -8.349  0.049   1.00 19.00 ? 39  GLN A N   1 
ATOM   327  C  CA  . GLN A 1 40 ? 23.960  -7.588  0.835   1.00 20.53 ? 39  GLN A CA  1 
ATOM   328  C  C   . GLN A 1 40 ? 24.619  -8.464  1.877   1.00 20.01 ? 39  GLN A C   1 
ATOM   329  O  O   . GLN A 1 40 ? 25.815  -8.316  2.132   1.00 21.27 ? 39  GLN A O   1 
ATOM   330  C  CB  . GLN A 1 40 ? 23.327  -6.386  1.541   1.00 21.05 ? 39  GLN A CB  1 
ATOM   331  C  CG  . GLN A 1 40 ? 22.439  -5.512  0.692   1.00 23.10 ? 39  GLN A CG  1 
ATOM   332  C  CD  . GLN A 1 40 ? 23.057  -5.048  -0.612  1.00 26.07 ? 39  GLN A CD  1 
ATOM   333  O  OE1 . GLN A 1 40 ? 22.591  -5.419  -1.694  1.00 29.91 ? 39  GLN A OE1 1 
ATOM   334  N  NE2 . GLN A 1 40 ? 24.087  -4.218  -0.522  1.00 27.98 ? 39  GLN A NE2 1 
ATOM   335  N  N   . LEU A 1 41 ? 23.831  -9.367  2.472   1.00 19.38 ? 40  LEU A N   1 
ATOM   336  C  CA  . LEU A 1 41 ? 24.333  -10.296 3.486   1.00 19.99 ? 40  LEU A CA  1 
ATOM   337  C  C   . LEU A 1 41 ? 25.314  -11.278 2.877   1.00 19.65 ? 40  LEU A C   1 
ATOM   338  O  O   . LEU A 1 41 ? 26.382  -11.492 3.445   1.00 21.31 ? 40  LEU A O   1 
ATOM   339  C  CB  . LEU A 1 41 ? 23.204  -11.064 4.189   1.00 18.54 ? 40  LEU A CB  1 
ATOM   340  C  CG  . LEU A 1 41 ? 22.281  -10.325 5.162   1.00 19.17 ? 40  LEU A CG  1 
ATOM   341  C  CD1 . LEU A 1 41 ? 21.419  -11.342 5.892   1.00 16.81 ? 40  LEU A CD1 1 
ATOM   342  C  CD2 . LEU A 1 41 ? 23.083  -9.490  6.150   1.00 20.51 ? 40  LEU A CD2 1 
ATOM   343  N  N   . GLN A 1 42 ? 24.985  -11.801 1.690   1.00 18.79 ? 41  GLN A N   1 
ATOM   344  C  CA  . GLN A 1 42 ? 25.855  -12.745 0.981   1.00 20.51 ? 41  GLN A CA  1 
ATOM   345  C  C   . GLN A 1 42 ? 27.166  -12.073 0.576   1.00 21.20 ? 41  GLN A C   1 
ATOM   346  O  O   . GLN A 1 42 ? 28.233  -12.641 0.789   1.00 20.98 ? 41  GLN A O   1 
ATOM   347  C  CB  . GLN A 1 42 ? 25.175  -13.307 -0.271  1.00 19.45 ? 41  GLN A CB  1 
ATOM   348  C  CG  . GLN A 1 42 ? 25.933  -14.475 -0.900  1.00 19.58 ? 41  GLN A CG  1 
ATOM   349  C  CD  . GLN A 1 42 ? 25.575  -14.729 -2.345  1.00 20.31 ? 41  GLN A CD  1 
ATOM   350  O  OE1 . GLN A 1 42 ? 25.116  -13.836 -3.061  1.00 21.99 ? 41  GLN A OE1 1 
ATOM   351  N  NE2 . GLN A 1 42 ? 25.803  -15.955 -2.792  1.00 21.89 ? 41  GLN A NE2 1 
ATOM   352  N  N   . ALA A 1 43 ? 27.065  -10.852 0.041   1.00 21.97 ? 42  ALA A N   1 
ATOM   353  C  CA  . ALA A 1 43 ? 28.223  -10.061 -0.399  1.00 24.93 ? 42  ALA A CA  1 
ATOM   354  C  C   . ALA A 1 43 ? 29.174  -9.747  0.756   1.00 25.66 ? 42  ALA A C   1 
ATOM   355  O  O   . ALA A 1 43 ? 30.392  -9.748  0.572   1.00 26.84 ? 42  ALA A O   1 
ATOM   356  C  CB  . ALA A 1 43 ? 27.764  -8.772  -1.069  1.00 25.69 ? 42  ALA A CB  1 
ATOM   357  N  N   . ARG A 1 44 ? 28.606  -9.538  1.946   1.00 27.35 ? 43  ARG A N   1 
ATOM   358  C  CA  . ARG A 1 44 ? 29.374  -9.246  3.159   1.00 29.23 ? 43  ARG A CA  1 
ATOM   359  C  C   . ARG A 1 44 ? 30.092  -10.481 3.718   1.00 29.77 ? 43  ARG A C   1 
ATOM   360  O  O   . ARG A 1 44 ? 31.247  -10.370 4.130   1.00 31.26 ? 43  ARG A O   1 
ATOM   361  C  CB  . ARG A 1 44 ? 28.477  -8.636  4.243   1.00 31.18 ? 43  ARG A CB  1 
ATOM   362  C  CG  . ARG A 1 44 ? 29.210  -8.246  5.531   1.00 34.63 ? 43  ARG A CG  1 
ATOM   363  C  CD  . ARG A 1 44 ? 28.276  -7.651  6.556   1.00 40.69 ? 43  ARG A CD  1 
ATOM   364  N  NE  . ARG A 1 44 ? 27.693  -6.387  6.115   1.00 45.24 ? 43  ARG A NE  1 
ATOM   365  C  CZ  . ARG A 1 44 ? 28.108  -5.189  6.516   1.00 47.82 ? 43  ARG A CZ  1 
ATOM   366  N  NH1 . ARG A 1 44 ? 29.116  -5.072  7.378   1.00 50.14 ? 43  ARG A NH1 1 
ATOM   367  N  NH2 . ARG A 1 44 ? 27.518  -4.099  6.047   1.00 49.06 ? 43  ARG A NH2 1 
ATOM   368  N  N   . ILE A 1 45 ? 29.431  -11.645 3.708   1.00 29.11 ? 44  ILE A N   1 
ATOM   369  C  CA  . ILE A 1 45 ? 30.045  -12.867 4.243   1.00 30.52 ? 44  ILE A CA  1 
ATOM   370  C  C   . ILE A 1 45 ? 31.024  -13.578 3.304   1.00 30.30 ? 44  ILE A C   1 
ATOM   371  O  O   . ILE A 1 45 ? 31.822  -14.410 3.752   1.00 32.75 ? 44  ILE A O   1 
ATOM   372  C  CB  . ILE A 1 45 ? 29.006  -13.867 4.884   1.00 31.96 ? 44  ILE A CB  1 
ATOM   373  C  CG1 . ILE A 1 45 ? 28.309  -14.745 3.845   1.00 34.03 ? 44  ILE A CG1 1 
ATOM   374  C  CG2 . ILE A 1 45 ? 27.983  -13.105 5.711   1.00 30.68 ? 44  ILE A CG2 1 
ATOM   375  C  CD1 . ILE A 1 45 ? 27.421  -15.800 4.468   1.00 35.89 ? 44  ILE A CD1 1 
ATOM   376  N  N   . LEU A 1 46 ? 30.951  -13.253 2.013   1.00 29.16 ? 45  LEU A N   1 
ATOM   377  C  CA  . LEU A 1 46 ? 31.852  -13.822 1.014   1.00 27.31 ? 45  LEU A CA  1 
ATOM   378  C  C   . LEU A 1 46 ? 33.009  -12.864 0.755   1.00 26.44 ? 45  LEU A C   1 
ATOM   379  O  O   . LEU A 1 46 ? 34.084  -13.276 0.325   1.00 25.60 ? 45  LEU A O   1 
ATOM   380  C  CB  . LEU A 1 46 ? 31.121  -14.118 -0.298  1.00 27.54 ? 45  LEU A CB  1 
ATOM   381  C  CG  . LEU A 1 46 ? 30.185  -15.327 -0.401  1.00 25.30 ? 45  LEU A CG  1 
ATOM   382  C  CD1 . LEU A 1 46 ? 29.660  -15.386 -1.822  1.00 25.50 ? 45  LEU A CD1 1 
ATOM   383  C  CD2 . LEU A 1 46 ? 30.906  -16.625 -0.056  1.00 24.96 ? 45  LEU A CD2 1 
HETATM 384  N  N   . NH2 A 1 47 ? 32.807  -11.582 1.044   1.00 25.76 ? 46  NH2 A N   1 
ATOM   385  N  N   . GLN B 1 5  ? 25.433  1.303   21.566  1.00 50.57 ? 4   GLN B N   1 
ATOM   386  C  CA  . GLN B 1 5  ? 23.995  1.150   22.024  1.00 50.23 ? 4   GLN B CA  1 
ATOM   387  C  C   . GLN B 1 5  ? 23.074  2.331   21.710  1.00 50.47 ? 4   GLN B C   1 
ATOM   388  O  O   . GLN B 1 5  ? 21.869  2.162   21.524  1.00 51.25 ? 4   GLN B O   1 
ATOM   389  C  CB  . GLN B 1 5  ? 23.901  0.746   23.524  1.00 50.64 ? 4   GLN B CB  1 
ATOM   390  C  CG  . GLN B 1 5  ? 23.412  1.829   24.575  0.10 50.10 ? 4   GLN B CG  1 
ATOM   391  C  CD  . GLN B 1 5  ? 21.977  1.641   25.101  0.10 49.96 ? 4   GLN B CD  1 
ATOM   392  O  OE1 . GLN B 1 5  ? 21.410  2.543   25.723  0.10 49.88 ? 4   GLN B OE1 1 
ATOM   393  N  NE2 . GLN B 1 5  ? 21.414  0.457   24.893  0.10 49.74 ? 4   GLN B NE2 1 
ATOM   394  N  N   . ILE B 1 6  ? 23.627  3.540   21.736  1.00 49.68 ? 5   ILE B N   1 
ATOM   395  C  CA  . ILE B 1 6  ? 22.864  4.764   21.405  1.00 48.49 ? 5   ILE B CA  1 
ATOM   396  C  C   . ILE B 1 6  ? 22.621  4.744   19.888  1.00 48.14 ? 5   ILE B C   1 
ATOM   397  O  O   . ILE B 1 6  ? 21.514  5.011   19.420  1.00 48.12 ? 5   ILE B O   1 
ATOM   398  C  CB  . ILE B 1 6  ? 23.641  6.080   21.838  1.00 49.00 ? 5   ILE B CB  1 
ATOM   399  C  CG1 . ILE B 1 6  ? 23.232  6.488   23.247  1.00 48.93 ? 5   ILE B CG1 1 
ATOM   400  C  CG2 . ILE B 1 6  ? 23.393  7.286   20.843  1.00 47.80 ? 5   ILE B CG2 1 
ATOM   401  C  CD1 . ILE B 1 6  ? 24.292  7.272   23.973  1.00 50.77 ? 5   ILE B CD1 1 
ATOM   402  N  N   . GLU B 1 7  ? 23.671  4.428   19.135  1.00 47.05 ? 6   GLU B N   1 
ATOM   403  C  CA  . GLU B 1 7  ? 23.552  4.223   17.697  1.00 46.98 ? 6   GLU B CA  1 
ATOM   404  C  C   . GLU B 1 7  ? 22.469  3.200   17.376  1.00 45.70 ? 6   GLU B C   1 
ATOM   405  O  O   . GLU B 1 7  ? 21.568  3.465   16.580  1.00 45.72 ? 6   GLU B O   1 
ATOM   406  C  CB  . GLU B 1 7  ? 24.890  3.776   17.107  1.00 49.13 ? 6   GLU B CB  1 
ATOM   407  C  CG  . GLU B 1 7  ? 26.104  4.333   17.832  1.00 54.12 ? 6   GLU B CG  1 
ATOM   408  C  CD  . GLU B 1 7  ? 27.376  3.573   17.508  1.00 56.32 ? 6   GLU B CD  1 
ATOM   409  O  OE1 . GLU B 1 7  ? 28.286  4.170   16.895  1.00 57.09 ? 6   GLU B OE1 1 
ATOM   410  O  OE2 . GLU B 1 7  ? 27.465  2.380   17.866  1.00 57.31 ? 6   GLU B OE2 1 
ATOM   411  N  N   . ASP B 1 8  ? 22.561  2.029   17.999  1.00 44.15 ? 7   ASP B N   1 
ATOM   412  C  CA  . ASP B 1 8  ? 21.619  0.927   17.710  1.00 42.40 ? 7   ASP B CA  1 
ATOM   413  C  C   . ASP B 1 8  ? 20.182  1.266   18.087  1.00 41.62 ? 7   ASP B C   1 
ATOM   414  O  O   . ASP B 1 8  ? 19.218  0.678   17.575  1.00 42.77 ? 7   ASP B O   1 
ATOM   415  C  CB  . ASP B 1 8  ? 22.027  -0.440  18.319  1.00 43.21 ? 7   ASP B CB  1 
ATOM   416  C  CG  . ASP B 1 8  ? 23.082  -1.172  17.493  1.00 44.02 ? 7   ASP B CG  1 
ATOM   417  O  OD1 . ASP B 1 8  ? 23.236  -0.868  16.291  1.00 42.23 ? 7   ASP B OD1 1 
ATOM   418  O  OD2 . ASP B 1 8  ? 23.752  -2.069  18.049  1.00 45.68 ? 7   ASP B OD2 1 
ATOM   419  N  N   . LYS B 1 9  ? 20.045  2.267   18.949  1.00 39.48 ? 8   LYS B N   1 
ATOM   420  C  CA  . LYS B 1 9  ? 18.711  2.728   19.344  1.00 38.16 ? 8   LYS B CA  1 
ATOM   421  C  C   . LYS B 1 9  ? 18.173  3.777   18.376  1.00 36.14 ? 8   LYS B C   1 
ATOM   422  O  O   . LYS B 1 9  ? 16.962  3.955   18.225  1.00 35.34 ? 8   LYS B O   1 
ATOM   423  C  CB  . LYS B 1 9  ? 18.690  3.309   20.759  1.00 39.63 ? 8   LYS B CB  1 
ATOM   424  C  CG  . LYS B 1 9  ? 17.261  3.524   21.213  1.00 42.98 ? 8   LYS B CG  1 
ATOM   425  C  CD  . LYS B 1 9  ? 17.060  4.145   22.541  1.00 45.87 ? 8   LYS B CD  1 
ATOM   426  C  CE  . LYS B 1 9  ? 15.692  3.714   23.110  1.00 47.80 ? 8   LYS B CE  1 
ATOM   427  N  NZ  . LYS B 1 9  ? 14.599  3.311   22.127  1.00 48.33 ? 8   LYS B NZ  1 
ATOM   428  N  N   . ILE B 1 10 ? 19.098  4.529   17.791  1.00 33.30 ? 9   ILE B N   1 
ATOM   429  C  CA  . ILE B 1 10 ? 18.785  5.557   16.811  1.00 31.86 ? 9   ILE B CA  1 
ATOM   430  C  C   . ILE B 1 10 ? 18.199  4.868   15.577  1.00 31.54 ? 9   ILE B C   1 
ATOM   431  O  O   . ILE B 1 10 ? 17.288  5.400   14.930  1.00 31.21 ? 9   ILE B O   1 
ATOM   432  C  CB  . ILE B 1 10 ? 20.057  6.406   16.503  1.00 32.52 ? 9   ILE B CB  1 
ATOM   433  C  CG1 . ILE B 1 10 ? 20.208  7.492   17.571  1.00 31.87 ? 9   ILE B CG1 1 
ATOM   434  C  CG2 . ILE B 1 10 ? 20.042  6.974   15.096  1.00 33.79 ? 9   ILE B CG2 1 
ATOM   435  C  CD1 . ILE B 1 10 ? 21.539  8.193   17.535  1.00 33.56 ? 9   ILE B CD1 1 
ATOM   436  N  N   . GLU B 1 11 ? 18.680  3.646   15.336  1.00 30.80 ? 10  GLU B N   1 
ATOM   437  C  CA  . GLU B 1 11 ? 18.241  2.798   14.232  1.00 30.97 ? 10  GLU B CA  1 
ATOM   438  C  C   . GLU B 1 11 ? 16.807  2.315   14.425  1.00 29.89 ? 10  GLU B C   1 
ATOM   439  O  O   . GLU B 1 11 ? 16.048  2.254   13.459  1.00 30.03 ? 10  GLU B O   1 
ATOM   440  C  CB  . GLU B 1 11 ? 19.200  1.617   14.057  1.00 30.36 ? 10  GLU B CB  1 
ATOM   441  C  CG  . GLU B 1 11 ? 20.553  2.034   13.480  1.00 32.30 ? 10  GLU B CG  1 
ATOM   442  C  CD  . GLU B 1 11 ? 21.671  1.027   13.718  1.00 35.88 ? 10  GLU B CD  1 
ATOM   443  O  OE1 . GLU B 1 11 ? 21.389  -0.097  14.198  1.00 36.33 ? 10  GLU B OE1 1 
ATOM   444  O  OE2 . GLU B 1 11 ? 22.845  1.368   13.429  1.00 36.11 ? 10  GLU B OE2 1 
ATOM   445  N  N   . GLU B 1 12 ? 16.428  2.058   15.680  1.00 30.68 ? 11  GLU B N   1 
ATOM   446  C  CA  . GLU B 1 12 ? 15.073  1.610   16.024  1.00 31.38 ? 11  GLU B CA  1 
ATOM   447  C  C   . GLU B 1 12 ? 14.069  2.754   15.833  1.00 30.72 ? 11  GLU B C   1 
ATOM   448  O  O   . GLU B 1 12 ? 12.948  2.521   15.361  1.00 29.42 ? 11  GLU B O   1 
ATOM   449  C  CB  . GLU B 1 12 ? 14.999  1.084   17.468  1.00 33.11 ? 11  GLU B CB  1 
ATOM   450  C  CG  . GLU B 1 12 ? 14.229  -0.258  17.650  1.00 35.83 ? 11  GLU B CG  1 
ATOM   451  C  CD  . GLU B 1 12 ? 12.707  -0.159  17.467  0.10 35.16 ? 11  GLU B CD  1 
ATOM   452  O  OE1 . GLU B 1 12 ? 12.235  -0.053  16.313  0.10 35.26 ? 11  GLU B OE1 1 
ATOM   453  O  OE2 . GLU B 1 12 ? 11.979  -0.214  18.481  0.10 35.43 ? 11  GLU B OE2 1 
ATOM   454  N  N   . ILE B 1 13 ? 14.495  3.976   16.173  1.00 29.02 ? 12  ILE B N   1 
ATOM   455  C  CA  . ILE B 1 13 ? 13.683  5.189   16.033  1.00 28.29 ? 12  ILE B CA  1 
ATOM   456  C  C   . ILE B 1 13 ? 13.445  5.460   14.541  1.00 26.96 ? 12  ILE B C   1 
ATOM   457  O  O   . ILE B 1 13 ? 12.315  5.750   14.141  1.00 26.33 ? 12  ILE B O   1 
ATOM   458  C  CB  . ILE B 1 13 ? 14.368  6.410   16.736  1.00 29.82 ? 12  ILE B CB  1 
ATOM   459  C  CG1 . ILE B 1 13 ? 14.395  6.167   18.248  1.00 31.84 ? 12  ILE B CG1 1 
ATOM   460  C  CG2 . ILE B 1 13 ? 13.631  7.738   16.426  1.00 30.98 ? 12  ILE B CG2 1 
ATOM   461  C  CD1 . ILE B 1 13 ? 15.209  7.174   19.038  1.00 32.01 ? 12  ILE B CD1 1 
ATOM   462  N  N   . GLU B 1 14 ? 14.496  5.277   13.731  1.00 25.61 ? 13  GLU B N   1 
ATOM   463  C  CA  . GLU B 1 14 ? 14.435  5.473   12.277  1.00 26.04 ? 13  GLU B CA  1 
ATOM   464  C  C   . GLU B 1 14 ? 13.550  4.441   11.588  1.00 24.09 ? 13  GLU B C   1 
ATOM   465  O  O   . GLU B 1 14 ? 12.862  4.759   10.624  1.00 24.62 ? 13  GLU B O   1 
ATOM   466  C  CB  . GLU B 1 14 ? 15.825  5.437   11.654  1.00 28.27 ? 13  GLU B CB  1 
ATOM   467  C  CG  . GLU B 1 14 ? 16.453  6.795   11.486  1.00 34.24 ? 13  GLU B CG  1 
ATOM   468  C  CD  . GLU B 1 14 ? 17.282  6.893   10.220  1.00 38.62 ? 13  GLU B CD  1 
ATOM   469  O  OE1 . GLU B 1 14 ? 18.440  6.420   10.234  1.00 40.14 ? 13  GLU B OE1 1 
ATOM   470  O  OE2 . GLU B 1 14 ? 16.776  7.438   9.210   1.00 39.43 ? 13  GLU B OE2 1 
ATOM   471  N  N   . SER B 1 15 ? 13.555  3.220   12.124  1.00 23.11 ? 14  SER B N   1 
ATOM   472  C  CA  . SER B 1 15 ? 12.747  2.110   11.620  1.00 23.68 ? 14  SER B CA  1 
ATOM   473  C  C   . SER B 1 15 ? 11.260  2.403   11.824  1.00 23.57 ? 14  SER B C   1 
ATOM   474  O  O   . SER B 1 15 ? 10.467  2.267   10.896  1.00 24.30 ? 14  SER B O   1 
ATOM   475  C  CB  . SER B 1 15 ? 13.126  0.815   12.346  1.00 23.37 ? 14  SER B CB  1 
ATOM   476  O  OG  . SER B 1 15 ? 12.212  -0.230  12.059  1.00 28.28 ? 14  SER B OG  1 
ATOM   477  N  N   . LYS B 1 16 ? 10.919  2.880   13.023  1.00 22.45 ? 15  LYS B N   1 
ATOM   478  C  CA  . LYS B 1 16 ? 9.545   3.212   13.378  1.00 22.62 ? 15  LYS B CA  1 
ATOM   479  C  C   . LYS B 1 16 ? 9.074   4.439   12.611  1.00 21.25 ? 15  LYS B C   1 
ATOM   480  O  O   . LYS B 1 16 ? 7.897   4.542   12.254  1.00 20.68 ? 15  LYS B O   1 
ATOM   481  C  CB  . LYS B 1 16 ? 9.423   3.435   14.881  1.00 24.88 ? 15  LYS B CB  1 
ATOM   482  C  CG  . LYS B 1 16 ? 8.043   3.116   15.392  1.00 31.46 ? 15  LYS B CG  1 
ATOM   483  C  CD  . LYS B 1 16 ? 8.068   2.667   16.835  1.00 35.18 ? 15  LYS B CD  1 
ATOM   484  C  CE  . LYS B 1 16 ? 7.001   1.604   17.043  1.00 37.71 ? 15  LYS B CE  1 
ATOM   485  N  NZ  . LYS B 1 16 ? 6.288   1.748   18.338  1.00 39.89 ? 15  LYS B NZ  1 
ATOM   486  N  N   . GLN B 1 17 ? 10.025  5.324   12.301  1.00 20.00 ? 16  GLN B N   1 
ATOM   487  C  CA  . GLN B 1 17 ? 9.755   6.537   11.541  1.00 20.22 ? 16  GLN B CA  1 
ATOM   488  C  C   . GLN B 1 17 ? 9.412   6.179   10.080  1.00 20.90 ? 16  GLN B C   1 
ATOM   489  O  O   . GLN B 1 17 ? 8.538   6.807   9.484   1.00 22.21 ? 16  GLN B O   1 
ATOM   490  C  CB  . GLN B 1 17 ? 10.955  7.479   11.618  1.00 20.26 ? 16  GLN B CB  1 
ATOM   491  C  CG  . GLN B 1 17 ? 10.689  8.887   11.158  1.00 22.18 ? 16  GLN B CG  1 
ATOM   492  C  CD  . GLN B 1 17 ? 11.824  9.822   11.492  1.00 22.70 ? 16  GLN B CD  1 
ATOM   493  O  OE1 . GLN B 1 17 ? 12.847  9.843   10.815  1.00 24.74 ? 16  GLN B OE1 1 
ATOM   494  N  NE2 . GLN B 1 17 ? 11.646  10.608  12.541  1.00 22.72 ? 16  GLN B NE2 1 
ATOM   495  N  N   . LYS B 1 18 ? 10.060  5.140   9.538   1.00 20.71 ? 17  LYS B N   1 
ATOM   496  C  CA  . LYS B 1 18 ? 9.794   4.672   8.173   1.00 21.16 ? 17  LYS B CA  1 
ATOM   497  C  C   . LYS B 1 18 ? 8.441   3.959   8.097   1.00 21.12 ? 17  LYS B C   1 
ATOM   498  O  O   . LYS B 1 18 ? 7.755   4.043   7.080   1.00 22.66 ? 17  LYS B O   1 
ATOM   499  C  CB  . LYS B 1 18 ? 10.905  3.748   7.667   1.00 22.03 ? 17  LYS B CB  1 
ATOM   500  C  CG  . LYS B 1 18 ? 12.196  4.453   7.243   1.00 25.39 ? 17  LYS B CG  1 
ATOM   501  C  CD  . LYS B 1 18 ? 12.009  5.339   6.009   1.00 26.14 ? 17  LYS B CD  1 
ATOM   502  C  CE  . LYS B 1 18 ? 13.326  5.948   5.538   1.00 27.59 ? 17  LYS B CE  1 
ATOM   503  N  NZ  . LYS B 1 18 ? 14.014  6.746   6.594   1.00 27.83 ? 17  LYS B NZ  1 
ATOM   504  N  N   . LYS B 1 19 ? 8.062   3.264   9.163   1.00 21.83 ? 18  LYS B N   1 
ATOM   505  C  CA  . LYS B 1 19 ? 6.740   2.647   9.232   1.00 22.01 ? 18  LYS B CA  1 
ATOM   506  C  C   . LYS B 1 19 ? 5.646   3.709   9.300   1.00 21.21 ? 18  LYS B C   1 
ATOM   507  O  O   . LYS B 1 19 ? 4.589   3.573   8.684   1.00 21.13 ? 18  LYS B O   1 
ATOM   508  C  CB  . LYS B 1 19 ? 6.645   1.716   10.443  1.00 24.01 ? 18  LYS B CB  1 
ATOM   509  C  CG  . LYS B 1 19 ? 5.222   1.387   10.863  1.00 26.55 ? 18  LYS B CG  1 
ATOM   510  C  CD  . LYS B 1 19 ? 5.174   0.869   12.291  1.00 31.05 ? 18  LYS B CD  1 
ATOM   511  C  CE  . LYS B 1 19 ? 4.395   -0.434  12.379  1.00 33.95 ? 18  LYS B CE  1 
ATOM   512  N  NZ  . LYS B 1 19 ? 2.951   -0.199  12.659  1.00 37.16 ? 18  LYS B NZ  1 
ATOM   513  N  N   . ILE B 1 20 ? 5.916   4.765   10.057  1.00 20.43 ? 19  ILE B N   1 
ATOM   514  C  CA  . ILE B 1 20 ? 5.007   5.913   10.184  1.00 19.47 ? 19  ILE B CA  1 
ATOM   515  C  C   . ILE B 1 20 ? 4.836   6.616   8.832   1.00 21.15 ? 19  ILE B C   1 
ATOM   516  O  O   . ILE B 1 20 ? 3.721   6.985   8.461   1.00 20.33 ? 19  ILE B O   1 
ATOM   517  C  CB  . ILE B 1 20 ? 5.497   6.899   11.314  1.00 19.18 ? 19  ILE B CB  1 
ATOM   518  C  CG1 . ILE B 1 20 ? 5.150   6.317   12.690  1.00 19.11 ? 19  ILE B CG1 1 
ATOM   519  C  CG2 . ILE B 1 20 ? 4.882   8.299   11.183  1.00 17.35 ? 19  ILE B CG2 1 
ATOM   520  C  CD1 . ILE B 1 20 ? 5.818   7.020   13.852  1.00 19.42 ? 19  ILE B CD1 1 
ATOM   521  N  N   . GLU B 1 21 ? 5.929   6.724   8.076   1.00 21.61 ? 20  GLU B N   1 
ATOM   522  C  CA  . GLU B 1 21 ? 5.908   7.346   6.750   1.00 23.60 ? 20  GLU B CA  1 
ATOM   523  C  C   . GLU B 1 21 ? 5.121   6.527   5.732   1.00 22.38 ? 20  GLU B C   1 
ATOM   524  O  O   . GLU B 1 21 ? 4.449   7.093   4.874   1.00 21.18 ? 20  GLU B O   1 
ATOM   525  C  CB  . GLU B 1 21 ? 7.325   7.559   6.243   1.00 25.77 ? 20  GLU B CB  1 
ATOM   526  C  CG  . GLU B 1 21 ? 7.947   8.837   6.745   1.00 31.97 ? 20  GLU B CG  1 
ATOM   527  C  CD  . GLU B 1 21 ? 9.449   8.861   6.586   1.00 35.98 ? 20  GLU B CD  1 
ATOM   528  O  OE1 . GLU B 1 21 ? 10.113  9.317   7.533   1.00 39.50 ? 20  GLU B OE1 1 
ATOM   529  O  OE2 . GLU B 1 21 ? 9.972   8.427   5.534   1.00 38.79 ? 20  GLU B OE2 1 
ATOM   530  N  N   . ASN B 1 22 ? 5.190   5.200   5.866   1.00 24.38 ? 21  ASN B N   1 
ATOM   531  C  CA  . ASN B 1 22 ? 4.477   4.268   4.986   1.00 27.73 ? 21  ASN B CA  1 
ATOM   532  C  C   . ASN B 1 22 ? 2.976   4.296   5.287   1.00 28.89 ? 21  ASN B C   1 
ATOM   533  O  O   . ASN B 1 22 ? 2.153   4.232   4.368   1.00 30.20 ? 21  ASN B O   1 
ATOM   534  C  CB  . ASN B 1 22 ? 5.027   2.839   5.134   1.00 29.34 ? 21  ASN B CB  1 
ATOM   535  C  CG  . ASN B 1 22 ? 6.420   2.672   4.523   1.00 31.08 ? 21  ASN B CG  1 
ATOM   536  O  OD1 . ASN B 1 22 ? 6.795   3.378   3.583   1.00 33.43 ? 21  ASN B OD1 1 
ATOM   537  N  ND2 . ASN B 1 22 ? 7.190   1.729   5.057   1.00 31.47 ? 21  ASN B ND2 1 
ATOM   538  N  N   . GLU B 1 23 ? 2.641   4.466   6.570   1.00 29.10 ? 22  GLU B N   1 
ATOM   539  C  CA  . GLU B 1 23 ? 1.252   4.545   7.037   1.00 28.79 ? 22  GLU B CA  1 
ATOM   540  C  C   . GLU B 1 23 ? 0.592   5.827   6.544   1.00 27.80 ? 22  GLU B C   1 
ATOM   541  O  O   . GLU B 1 23 ? -0.544  5.796   6.070   1.00 27.73 ? 22  GLU B O   1 
ATOM   542  C  CB  . GLU B 1 23 ? 1.182   4.528   8.566   1.00 31.45 ? 22  GLU B CB  1 
ATOM   543  C  CG  . GLU B 1 23 ? 1.496   3.196   9.209   1.00 35.78 ? 22  GLU B CG  1 
ATOM   544  C  CD  . GLU B 1 23 ? 1.388   3.251   10.719  1.00 38.72 ? 22  GLU B CD  1 
ATOM   545  O  OE1 . GLU B 1 23 ? 2.393   3.595   11.373  1.00 40.40 ? 22  GLU B OE1 1 
ATOM   546  O  OE2 . GLU B 1 23 ? 0.294   2.961   11.253  1.00 41.35 ? 22  GLU B OE2 1 
ATOM   547  N  N   . ILE B 1 24 ? 1.336   6.935   6.628   1.00 25.77 ? 23  ILE B N   1 
ATOM   548  C  CA  . ILE B 1 24 ? 0.875   8.260   6.203   1.00 25.71 ? 23  ILE B CA  1 
ATOM   549  C  C   . ILE B 1 24 ? 0.622   8.306   4.688   1.00 26.35 ? 23  ILE B C   1 
ATOM   550  O  O   . ILE B 1 24 ? -0.373  8.890   4.256   1.00 26.39 ? 23  ILE B O   1 
ATOM   551  C  CB  . ILE B 1 24 ? 1.851   9.391   6.705   1.00 25.23 ? 23  ILE B CB  1 
ATOM   552  C  CG1 . ILE B 1 24 ? 1.642   9.598   8.207   1.00 24.49 ? 23  ILE B CG1 1 
ATOM   553  C  CG2 . ILE B 1 24 ? 1.627   10.735  5.973   1.00 25.82 ? 23  ILE B CG2 1 
ATOM   554  C  CD1 . ILE B 1 24 ? 2.697   10.434  8.875   1.00 27.50 ? 23  ILE B CD1 1 
ATOM   555  N  N   . ALA B 1 25 ? 1.466   7.614   3.915   1.00 25.98 ? 24  ALA B N   1 
ATOM   556  C  CA  . ALA B 1 25 ? 1.337   7.541   2.454   1.00 26.69 ? 24  ALA B CA  1 
ATOM   557  C  C   . ALA B 1 25 ? 0.056   6.798   2.066   1.00 27.08 ? 24  ALA B C   1 
ATOM   558  O  O   . ALA B 1 25 ? -0.640  7.203   1.130   1.00 27.91 ? 24  ALA B O   1 
ATOM   559  C  CB  . ALA B 1 25 ? 2.548   6.847   1.843   1.00 28.06 ? 24  ALA B CB  1 
ATOM   560  N  N   . ARG B 1 26 ? -0.264  5.748   2.830   1.00 26.48 ? 25  ARG B N   1 
ATOM   561  C  CA  . ARG B 1 26 ? -1.469  4.940   2.622   1.00 27.50 ? 25  ARG B CA  1 
ATOM   562  C  C   . ARG B 1 26 ? -2.737  5.700   3.021   1.00 27.27 ? 25  ARG B C   1 
ATOM   563  O  O   . ARG B 1 26 ? -3.739  5.652   2.300   1.00 27.66 ? 25  ARG B O   1 
ATOM   564  C  CB  . ARG B 1 26 ? -1.394  3.625   3.402   1.00 28.69 ? 25  ARG B CB  1 
ATOM   565  C  CG  . ARG B 1 26 ? -0.593  2.534   2.720   1.00 31.71 ? 25  ARG B CG  1 
ATOM   566  C  CD  . ARG B 1 26 ? -0.755  1.197   3.436   1.00 34.15 ? 25  ARG B CD  1 
ATOM   567  N  NE  . ARG B 1 26 ? -0.108  1.176   4.745   1.00 38.77 ? 25  ARG B NE  1 
ATOM   568  C  CZ  . ARG B 1 26 ? 1.133   0.747   4.972   1.00 39.10 ? 25  ARG B CZ  1 
ATOM   569  N  NH1 . ARG B 1 26 ? 1.884   0.289   3.977   1.00 39.29 ? 25  ARG B NH1 1 
ATOM   570  N  NH2 . ARG B 1 26 ? 1.629   0.791   6.201   1.00 39.56 ? 25  ARG B NH2 1 
ATOM   571  N  N   . ILE B 1 27 ? -2.662  6.431   4.140   1.00 25.81 ? 26  ILE B N   1 
ATOM   572  C  CA  . ILE B 1 27 ? -3.773  7.238   4.666   1.00 26.51 ? 26  ILE B CA  1 
ATOM   573  C  C   . ILE B 1 27 ? -4.174  8.301   3.644   1.00 27.70 ? 26  ILE B C   1 
ATOM   574  O  O   . ILE B 1 27 ? -5.361  8.461   3.350   1.00 28.80 ? 26  ILE B O   1 
ATOM   575  C  CB  . ILE B 1 27 ? -3.388  7.918   6.041   1.00 25.38 ? 26  ILE B CB  1 
ATOM   576  C  CG1 . ILE B 1 27 ? -3.440  6.889   7.170   1.00 25.53 ? 26  ILE B CG1 1 
ATOM   577  C  CG2 . ILE B 1 27 ? -4.306  9.114   6.389   1.00 24.03 ? 26  ILE B CG2 1 
ATOM   578  C  CD1 . ILE B 1 27 ? -2.784  7.362   8.446   1.00 25.28 ? 26  ILE B CD1 1 
ATOM   579  N  N   . LYS B 1 28 ? -3.162  8.957   3.066   1.00 27.80 ? 27  LYS B N   1 
ATOM   580  C  CA  . LYS B 1 28 ? -3.349  10.027  2.084   1.00 27.99 ? 27  LYS B CA  1 
ATOM   581  C  C   . LYS B 1 28 ? -4.004  9.619   0.775   1.00 27.41 ? 27  LYS B C   1 
ATOM   582  O  O   . LYS B 1 28 ? -4.758  10.405  0.190   1.00 27.36 ? 27  LYS B O   1 
ATOM   583  C  CB  . LYS B 1 28 ? -2.027  10.742  1.823   1.00 29.92 ? 27  LYS B CB  1 
ATOM   584  C  CG  . LYS B 1 28 ? -1.555  11.517  3.032   1.00 31.29 ? 27  LYS B CG  1 
ATOM   585  C  CD  . LYS B 1 28 ? -0.785  12.767  2.674   1.00 35.73 ? 27  LYS B CD  1 
ATOM   586  C  CE  . LYS B 1 28 ? 0.663   12.477  2.326   1.00 38.34 ? 27  LYS B CE  1 
ATOM   587  N  NZ  . LYS B 1 28 ? 1.468   13.731  2.207   1.00 41.12 ? 27  LYS B NZ  1 
ATOM   588  N  N   . LYS B 1 29 ? -3.721  8.392   0.334   1.00 27.42 ? 28  LYS B N   1 
ATOM   589  C  CA  . LYS B 1 29 ? -4.300  7.833   -0.890  1.00 27.49 ? 28  LYS B CA  1 
ATOM   590  C  C   . LYS B 1 29 ? -5.785  7.566   -0.665  1.00 27.22 ? 28  LYS B C   1 
ATOM   591  O  O   . LYS B 1 29 ? -6.617  7.944   -1.495  1.00 26.23 ? 28  LYS B O   1 
ATOM   592  C  CB  . LYS B 1 29 ? -3.616  6.523   -1.275  1.00 28.76 ? 28  LYS B CB  1 
ATOM   593  C  CG  . LYS B 1 29 ? -2.313  6.690   -2.006  1.00 31.59 ? 28  LYS B CG  1 
ATOM   594  C  CD  . LYS B 1 29 ? -1.852  5.353   -2.563  1.00 34.87 ? 28  LYS B CD  1 
ATOM   595  C  CE  . LYS B 1 29 ? -0.389  5.390   -2.966  1.00 37.65 ? 28  LYS B CE  1 
ATOM   596  N  NZ  . LYS B 1 29 ? 0.488   5.688   -1.793  1.00 39.48 ? 28  LYS B NZ  1 
ATOM   597  N  N   . LEU B 1 30 ? -6.098  6.969   0.491   1.00 25.15 ? 29  LEU B N   1 
ATOM   598  C  CA  . LEU B 1 30 ? -7.473  6.650   0.866   1.00 24.42 ? 29  LEU B CA  1 
ATOM   599  C  C   . LEU B 1 30 ? -8.279  7.929   1.107   1.00 24.35 ? 29  LEU B C   1 
ATOM   600  O  O   . LEU B 1 30 ? -9.444  8.002   0.714   1.00 24.36 ? 29  LEU B O   1 
ATOM   601  C  CB  . LEU B 1 30 ? -7.504  5.730   2.100   1.00 24.27 ? 29  LEU B CB  1 
ATOM   602  C  CG  . LEU B 1 30 ? -8.844  5.188   2.644   1.00 24.75 ? 29  LEU B CG  1 
ATOM   603  C  CD1 . LEU B 1 30 ? -9.721  4.581   1.540   1.00 24.40 ? 29  LEU B CD1 1 
ATOM   604  C  CD2 . LEU B 1 30 ? -8.580  4.168   3.749   1.00 22.67 ? 29  LEU B CD2 1 
ATOM   605  N  N   . LEU B 1 31 ? -7.631  8.950   1.678   1.00 24.49 ? 30  LEU B N   1 
ATOM   606  C  CA  . LEU B 1 31 ? -8.280  10.236  1.951   1.00 23.39 ? 30  LEU B CA  1 
ATOM   607  C  C   . LEU B 1 31 ? -8.638  10.982  0.659   1.00 23.23 ? 30  LEU B C   1 
ATOM   608  O  O   . LEU B 1 31 ? -9.695  11.612  0.585   1.00 23.36 ? 30  LEU B O   1 
ATOM   609  C  CB  . LEU B 1 31 ? -7.414  11.102  2.878   1.00 23.03 ? 30  LEU B CB  1 
ATOM   610  C  CG  . LEU B 1 31 ? -7.927  12.448  3.414   1.00 21.83 ? 30  LEU B CG  1 
ATOM   611  C  CD1 . LEU B 1 31 ? -9.254  12.313  4.161   1.00 20.54 ? 30  LEU B CD1 1 
ATOM   612  C  CD2 . LEU B 1 31 ? -6.861  13.063  4.307   1.00 20.60 ? 30  LEU B CD2 1 
ATOM   613  N  N   . GLN B 1 32 ? -7.797  10.848  -0.371  1.00 23.39 ? 31  GLN B N   1 
ATOM   614  C  CA  . GLN B 1 32 ? -8.059  11.482  -1.668  1.00 22.74 ? 31  GLN B CA  1 
ATOM   615  C  C   . GLN B 1 32 ? -9.214  10.787  -2.383  1.00 21.78 ? 31  GLN B C   1 
ATOM   616  O  O   . GLN B 1 32 ? -9.966  11.423  -3.120  1.00 21.55 ? 31  GLN B O   1 
ATOM   617  C  CB  . GLN B 1 32 ? -6.815  11.491  -2.563  1.00 23.15 ? 31  GLN B CB  1 
ATOM   618  C  CG  . GLN B 1 32 ? -5.778  12.562  -2.206  1.00 26.44 ? 31  GLN B CG  1 
ATOM   619  C  CD  . GLN B 1 32 ? -6.314  13.991  -2.278  1.00 27.88 ? 31  GLN B CD  1 
ATOM   620  O  OE1 . GLN B 1 32 ? -6.253  14.734  -1.295  1.00 31.06 ? 31  GLN B OE1 1 
ATOM   621  N  NE2 . GLN B 1 32 ? -6.832  14.379  -3.441  1.00 27.16 ? 31  GLN B NE2 1 
ATOM   622  N  N   . LEU B 1 33 ? -9.368  9.489   -2.119  1.00 20.81 ? 32  LEU B N   1 
ATOM   623  C  CA  . LEU B 1 33 ? -10.447 8.696   -2.697  1.00 21.50 ? 32  LEU B CA  1 
ATOM   624  C  C   . LEU B 1 33 ? -11.789 9.105   -2.080  1.00 21.68 ? 32  LEU B C   1 
ATOM   625  O  O   . LEU B 1 33 ? -12.777 9.255   -2.803  1.00 21.84 ? 32  LEU B O   1 
ATOM   626  C  CB  . LEU B 1 33 ? -10.197 7.197   -2.493  1.00 22.12 ? 32  LEU B CB  1 
ATOM   627  C  CG  . LEU B 1 33 ? -9.126  6.495   -3.335  1.00 22.28 ? 32  LEU B CG  1 
ATOM   628  C  CD1 . LEU B 1 33 ? -8.844  5.110   -2.774  1.00 22.31 ? 32  LEU B CD1 1 
ATOM   629  C  CD2 . LEU B 1 33 ? -9.554  6.422   -4.791  1.00 24.60 ? 32  LEU B CD2 1 
ATOM   630  N  N   . THR B 1 34 ? -11.799 9.358   -0.764  1.00 21.73 ? 33  THR B N   1 
ATOM   631  C  CA  . THR B 1 34 ? -13.018 9.778   -0.060  1.00 20.37 ? 33  THR B CA  1 
ATOM   632  C  C   . THR B 1 34 ? -13.458 11.171  -0.520  1.00 20.58 ? 33  THR B C   1 
ATOM   633  O  O   . THR B 1 34 ? -14.651 11.425  -0.653  1.00 20.09 ? 33  THR B O   1 
ATOM   634  C  CB  . THR B 1 34 ? -12.869 9.768   1.489   1.00 20.11 ? 33  THR B CB  1 
ATOM   635  O  OG1 . THR B 1 34 ? -11.787 10.611  1.892   1.00 21.81 ? 33  THR B OG1 1 
ATOM   636  C  CG2 . THR B 1 34 ? -12.653 8.361   2.007   1.00 20.23 ? 33  THR B CG2 1 
ATOM   637  N  N   . VAL B 1 35 ? -12.482 12.038  -0.817  1.00 21.06 ? 34  VAL B N   1 
ATOM   638  C  CA  . VAL B 1 35 ? -12.737 13.406  -1.299  1.00 20.82 ? 34  VAL B CA  1 
ATOM   639  C  C   . VAL B 1 35 ? -13.378 13.311  -2.689  1.00 21.55 ? 34  VAL B C   1 
ATOM   640  O  O   . VAL B 1 35 ? -14.399 13.956  -2.946  1.00 22.89 ? 34  VAL B O   1 
ATOM   641  C  CB  . VAL B 1 35 ? -11.418 14.262  -1.358  1.00 20.81 ? 34  VAL B CB  1 
ATOM   642  C  CG1 . VAL B 1 35 ? -11.642 15.607  -2.051  1.00 18.88 ? 34  VAL B CG1 1 
ATOM   643  C  CG2 . VAL B 1 35 ? -10.891 14.512  0.045   1.00 19.83 ? 34  VAL B CG2 1 
ATOM   644  N  N   . TRP B 1 36 ? -12.807 12.454  -3.542  1.00 21.70 ? 35  TRP B N   1 
ATOM   645  C  CA  . TRP B 1 36 ? -13.303 12.224  -4.902  1.00 22.39 ? 35  TRP B CA  1 
ATOM   646  C  C   . TRP B 1 36 ? -14.730 11.682  -4.800  1.00 22.83 ? 35  TRP B C   1 
ATOM   647  O  O   . TRP B 1 36 ? -15.624 12.165  -5.497  1.00 23.42 ? 35  TRP B O   1 
ATOM   648  C  CB  . TRP B 1 36 ? -12.388 11.222  -5.647  1.00 23.19 ? 35  TRP B CB  1 
ATOM   649  C  CG  . TRP B 1 36 ? -12.829 10.858  -7.071  1.00 25.00 ? 35  TRP B CG  1 
ATOM   650  C  CD1 . TRP B 1 36 ? -12.497 11.514  -8.229  1.00 25.86 ? 35  TRP B CD1 1 
ATOM   651  C  CD2 . TRP B 1 36 ? -13.705 9.787   -7.460  1.00 24.67 ? 35  TRP B CD2 1 
ATOM   652  N  NE1 . TRP B 1 36 ? -13.114 10.923  -9.309  1.00 25.68 ? 35  TRP B NE1 1 
ATOM   653  C  CE2 . TRP B 1 36 ? -13.861 9.855   -8.869  1.00 24.59 ? 35  TRP B CE2 1 
ATOM   654  C  CE3 . TRP B 1 36 ? -14.385 8.764   -6.751  1.00 23.52 ? 35  TRP B CE3 1 
ATOM   655  C  CZ2 . TRP B 1 36 ? -14.679 8.959   -9.593  1.00 24.23 ? 35  TRP B CZ2 1 
ATOM   656  C  CZ3 . TRP B 1 36 ? -15.205 7.869   -7.464  1.00 21.97 ? 35  TRP B CZ3 1 
ATOM   657  C  CH2 . TRP B 1 36 ? -15.339 7.972   -8.877  1.00 23.73 ? 35  TRP B CH2 1 
ATOM   658  N  N   . GLY B 1 37 ? -14.914 10.712  -3.896  1.00 22.99 ? 36  GLY B N   1 
ATOM   659  C  CA  . GLY B 1 37 ? -16.199 10.067  -3.646  1.00 21.90 ? 36  GLY B CA  1 
ATOM   660  C  C   . GLY B 1 37 ? -17.335 10.980  -3.212  1.00 21.33 ? 36  GLY B C   1 
ATOM   661  O  O   . GLY B 1 37 ? -18.456 10.829  -3.692  1.00 21.16 ? 36  GLY B O   1 
ATOM   662  N  N   . ILE B 1 38 ? -17.037 11.945  -2.338  1.00 21.41 ? 37  ILE B N   1 
ATOM   663  C  CA  . ILE B 1 38 ? -18.026 12.917  -1.844  1.00 22.13 ? 37  ILE B CA  1 
ATOM   664  C  C   . ILE B 1 38 ? -18.407 13.899  -2.969  1.00 23.35 ? 37  ILE B C   1 
ATOM   665  O  O   . ILE B 1 38 ? -19.552 14.363  -3.045  1.00 22.80 ? 37  ILE B O   1 
ATOM   666  C  CB  . ILE B 1 38 ? -17.474 13.657  -0.572  1.00 20.68 ? 37  ILE B CB  1 
ATOM   667  C  CG1 . ILE B 1 38 ? -17.424 12.677  0.597   1.00 17.55 ? 37  ILE B CG1 1 
ATOM   668  C  CG2 . ILE B 1 38 ? -18.357 14.833  -0.157  1.00 19.35 ? 37  ILE B CG2 1 
ATOM   669  C  CD1 . ILE B 1 38 ? -16.412 13.017  1.622   1.00 17.71 ? 37  ILE B CD1 1 
ATOM   670  N  N   . LYS B 1 39 ? -17.447 14.143  -3.864  1.00 24.66 ? 38  LYS B N   1 
ATOM   671  C  CA  . LYS B 1 39 ? -17.602 15.028  -5.021  1.00 25.05 ? 38  LYS B CA  1 
ATOM   672  C  C   . LYS B 1 39 ? -18.609 14.446  -6.002  1.00 24.46 ? 38  LYS B C   1 
ATOM   673  O  O   . LYS B 1 39 ? -19.546 15.132  -6.410  1.00 23.88 ? 38  LYS B O   1 
ATOM   674  C  CB  . LYS B 1 39 ? -16.236 15.232  -5.694  1.00 26.79 ? 38  LYS B CB  1 
ATOM   675  C  CG  . LYS B 1 39 ? -16.168 16.340  -6.741  1.00 27.77 ? 38  LYS B CG  1 
ATOM   676  C  CD  . LYS B 1 39 ? -14.720 16.729  -7.023  1.00 30.69 ? 38  LYS B CD  1 
ATOM   677  C  CE  . LYS B 1 39 ? -14.590 17.645  -8.236  1.00 33.87 ? 38  LYS B CE  1 
ATOM   678  N  NZ  . LYS B 1 39 ? -15.450 18.856  -8.159  1.00 34.31 ? 38  LYS B NZ  1 
ATOM   679  N  N   . GLN B 1 40 ? -18.461 13.153  -6.295  1.00 23.79 ? 39  GLN B N   1 
ATOM   680  C  CA  . GLN B 1 40 ? -19.358 12.464  -7.218  1.00 24.70 ? 39  GLN B CA  1 
ATOM   681  C  C   . GLN B 1 40 ? -20.765 12.361  -6.652  1.00 23.89 ? 39  GLN B C   1 
ATOM   682  O  O   . GLN B 1 40 ? -21.731 12.524  -7.392  1.00 25.29 ? 39  GLN B O   1 
ATOM   683  C  CB  . GLN B 1 40 ? -18.841 11.067  -7.561  1.00 25.97 ? 39  GLN B CB  1 
ATOM   684  C  CG  . GLN B 1 40 ? -17.374 10.996  -7.931  1.00 27.71 ? 39  GLN B CG  1 
ATOM   685  C  CD  . GLN B 1 40 ? -16.955 11.922  -9.062  1.00 31.84 ? 39  GLN B CD  1 
ATOM   686  O  OE1 . GLN B 1 40 ? -17.441 11.805  -10.186 1.00 32.82 ? 39  GLN B OE1 1 
ATOM   687  N  NE2 . GLN B 1 40 ? -16.017 12.830  -8.770  1.00 31.60 ? 39  GLN B NE2 1 
ATOM   688  N  N   . LEU B 1 41 ? -20.869 12.131  -5.337  1.00 23.57 ? 40  LEU B N   1 
ATOM   689  C  CA  . LEU B 1 41 ? -22.168 12.019  -4.658  1.00 23.80 ? 40  LEU B CA  1 
ATOM   690  C  C   . LEU B 1 41 ? -22.941 13.330  -4.664  1.00 22.81 ? 40  LEU B C   1 
ATOM   691  O  O   . LEU B 1 41 ? -24.149 13.328  -4.892  1.00 22.78 ? 40  LEU B O   1 
ATOM   692  C  CB  . LEU B 1 41 ? -22.020 11.526  -3.210  1.00 25.04 ? 40  LEU B CB  1 
ATOM   693  C  CG  . LEU B 1 41 ? -21.586 10.091  -2.909  1.00 25.48 ? 40  LEU B CG  1 
ATOM   694  C  CD1 . LEU B 1 41 ? -21.644 9.852   -1.414  1.00 26.85 ? 40  LEU B CD1 1 
ATOM   695  C  CD2 . LEU B 1 41 ? -22.450 9.086   -3.657  1.00 29.35 ? 40  LEU B CD2 1 
ATOM   696  N  N   . GLN B 1 42 ? -22.229 14.439  -4.455  1.00 22.07 ? 41  GLN B N   1 
ATOM   697  C  CA  . GLN B 1 42 ? -22.841 15.768  -4.447  1.00 22.93 ? 41  GLN B CA  1 
ATOM   698  C  C   . GLN B 1 42 ? -23.340 16.152  -5.842  1.00 22.68 ? 41  GLN B C   1 
ATOM   699  O  O   . GLN B 1 42 ? -24.485 16.575  -5.983  1.00 22.96 ? 41  GLN B O   1 
ATOM   700  C  CB  . GLN B 1 42 ? -21.856 16.821  -3.923  1.00 22.38 ? 41  GLN B CB  1 
ATOM   701  C  CG  . GLN B 1 42 ? -22.475 18.207  -3.733  1.00 21.37 ? 41  GLN B CG  1 
ATOM   702  C  CD  . GLN B 1 42 ? -21.468 19.291  -3.416  1.00 21.30 ? 41  GLN B CD  1 
ATOM   703  O  OE1 . GLN B 1 42 ? -20.313 19.248  -3.850  1.00 22.48 ? 41  GLN B OE1 1 
ATOM   704  N  NE2 . GLN B 1 42 ? -21.911 20.291  -2.666  1.00 21.23 ? 41  GLN B NE2 1 
ATOM   705  N  N   . ALA B 1 43 ? -22.500 15.938  -6.859  1.00 22.35 ? 42  ALA B N   1 
ATOM   706  C  CA  . ALA B 1 43 ? -22.828 16.247  -8.258  1.00 24.75 ? 42  ALA B CA  1 
ATOM   707  C  C   . ALA B 1 43 ? -24.024 15.431  -8.770  1.00 26.04 ? 42  ALA B C   1 
ATOM   708  O  O   . ALA B 1 43 ? -24.743 15.865  -9.670  1.00 27.09 ? 42  ALA B O   1 
ATOM   709  C  CB  . ALA B 1 43 ? -21.612 16.021  -9.145  1.00 23.12 ? 42  ALA B CB  1 
ATOM   710  N  N   . ARG B 1 44 ? -24.249 14.279  -8.139  1.00 27.62 ? 43  ARG B N   1 
ATOM   711  C  CA  . ARG B 1 44 ? -25.351 13.378  -8.462  1.00 30.64 ? 43  ARG B CA  1 
ATOM   712  C  C   . ARG B 1 44 ? -26.675 13.879  -7.859  1.00 31.47 ? 43  ARG B C   1 
ATOM   713  O  O   . ARG B 1 44 ? -27.693 13.948  -8.560  1.00 32.38 ? 43  ARG B O   1 
ATOM   714  C  CB  . ARG B 1 44 ? -25.028 11.976  -7.942  1.00 33.50 ? 43  ARG B CB  1 
ATOM   715  C  CG  . ARG B 1 44 ? -26.089 10.944  -8.236  1.00 38.94 ? 43  ARG B CG  1 
ATOM   716  C  CD  . ARG B 1 44 ? -25.570 9.537   -8.085  1.00 44.40 ? 43  ARG B CD  1 
ATOM   717  N  NE  . ARG B 1 44 ? -26.359 8.640   -8.923  1.00 48.59 ? 43  ARG B NE  1 
ATOM   718  C  CZ  . ARG B 1 44 ? -25.949 8.145   -10.087 1.00 50.69 ? 43  ARG B CZ  1 
ATOM   719  N  NH1 . ARG B 1 44 ? -26.757 7.352   -10.779 1.00 51.37 ? 43  ARG B NH1 1 
ATOM   720  N  NH2 . ARG B 1 44 ? -24.718 8.383   -10.534 1.00 51.36 ? 43  ARG B NH2 1 
ATOM   721  N  N   . ILE B 1 45 ? -26.630 14.254  -6.574  1.00 30.97 ? 44  ILE B N   1 
ATOM   722  C  CA  . ILE B 1 45 ? -27.783 14.758  -5.815  1.00 31.52 ? 44  ILE B CA  1 
ATOM   723  C  C   . ILE B 1 45 ? -28.263 16.121  -6.353  1.00 32.92 ? 44  ILE B C   1 
ATOM   724  O  O   . ILE B 1 45 ? -29.473 16.365  -6.453  1.00 33.99 ? 44  ILE B O   1 
ATOM   725  C  CB  . ILE B 1 45 ? -27.452 14.855  -4.275  1.00 30.08 ? 44  ILE B CB  1 
ATOM   726  C  CG1 . ILE B 1 45 ? -27.089 13.478  -3.722  1.00 30.14 ? 44  ILE B CG1 1 
ATOM   727  C  CG2 . ILE B 1 45 ? -28.662 15.331  -3.476  1.00 30.93 ? 44  ILE B CG2 1 
ATOM   728  C  CD1 . ILE B 1 45 ? -26.342 13.511  -2.407  1.00 29.63 ? 44  ILE B CD1 1 
ATOM   729  N  N   . LEU B 1 46 ? -27.311 16.982  -6.721  1.00 33.33 ? 45  LEU B N   1 
ATOM   730  C  CA  . LEU B 1 46 ? -27.616 18.312  -7.251  1.00 33.38 ? 45  LEU B CA  1 
ATOM   731  C  C   . LEU B 1 46 ? -27.919 18.323  -8.744  1.00 33.80 ? 45  LEU B C   1 
ATOM   732  O  O   . LEU B 1 46 ? -27.796 17.303  -9.425  1.00 34.41 ? 45  LEU B O   1 
ATOM   733  C  CB  . LEU B 1 46 ? -26.481 19.296  -6.941  1.00 31.77 ? 45  LEU B CB  1 
ATOM   734  C  CG  . LEU B 1 46 ? -26.188 19.629  -5.473  1.00 31.82 ? 45  LEU B CG  1 
ATOM   735  C  CD1 . LEU B 1 46 ? -25.010 20.577  -5.406  1.00 31.99 ? 45  LEU B CD1 1 
ATOM   736  C  CD2 . LEU B 1 46 ? -27.396 20.249  -4.796  1.00 32.17 ? 45  LEU B CD2 1 
HETATM 737  N  N   . NH2 B 1 47 ? -28.357 19.467  -9.257  1.00 34.50 ? 46  NH2 B N   1 
ATOM   738  N  N   . GLY C 2 4  ? -11.410 8.162   -12.735 1.00 33.40 ? 3   GLY C N   1 
ATOM   739  C  CA  . GLY C 2 4  ? -11.163 7.961   -11.281 1.00 33.44 ? 3   GLY C CA  1 
ATOM   740  C  C   . GLY C 2 4  ? -12.029 6.830   -10.719 1.00 34.32 ? 3   GLY C C   1 
ATOM   741  O  O   . GLY C 2 4  ? -12.868 6.271   -11.430 1.00 35.18 ? 3   GLY C O   1 
HETATM 742  N  N   . DAL C 2 5  ? -11.827 6.509   -9.440  1.00 35.48 ? 4   DAL C N   1 
HETATM 743  C  CA  . DAL C 2 5  ? -12.568 5.455   -8.731  1.00 36.31 ? 4   DAL C CA  1 
HETATM 744  C  CB  . DAL C 2 5  ? -12.292 5.532   -7.234  1.00 37.22 ? 4   DAL C CB  1 
HETATM 745  C  C   . DAL C 2 5  ? -12.322 4.037   -9.226  1.00 37.35 ? 4   DAL C C   1 
HETATM 746  O  O   . DAL C 2 5  ? -13.251 3.218   -9.275  1.00 37.04 ? 4   DAL C O   1 
HETATM 747  N  N   . DCY C 2 6  ? -11.074 3.763   -9.607  1.00 37.54 ? 5   DCY C N   1 
HETATM 748  C  CA  . DCY C 2 6  ? -10.681 2.449   -10.107 1.00 38.33 ? 5   DCY C CA  1 
HETATM 749  C  C   . DCY C 2 6  ? -11.193 2.124   -11.508 1.00 38.05 ? 5   DCY C C   1 
HETATM 750  O  O   . DCY C 2 6  ? -11.226 0.965   -11.893 1.00 37.63 ? 5   DCY C O   1 
HETATM 751  C  CB  . DCY C 2 6  ? -9.170  2.273   -10.004 1.00 38.98 ? 5   DCY C CB  1 
HETATM 752  S  SG  . DCY C 2 6  ? -8.579  2.237   -8.278  1.00 44.56 ? 5   DCY C SG  1 
HETATM 753  N  N   . DGL C 2 7  ? -11.595 3.159   -12.250 1.00 37.83 ? 6   DGL C N   1 
HETATM 754  C  CA  . DGL C 2 7  ? -12.161 3.024   -13.604 1.00 39.40 ? 6   DGL C CA  1 
HETATM 755  C  C   . DGL C 2 7  ? -13.709 3.090   -13.596 1.00 38.03 ? 6   DGL C C   1 
HETATM 756  O  O   . DGL C 2 7  ? -14.358 3.005   -14.628 1.00 39.74 ? 6   DGL C O   1 
HETATM 757  C  CB  . DGL C 2 7  ? -11.615 4.136   -14.514 1.00 41.81 ? 6   DGL C CB  1 
HETATM 758  C  CG  . DGL C 2 7  ? -10.157 4.052   -14.968 1.00 47.83 ? 6   DGL C CG  1 
HETATM 759  C  CD  . DGL C 2 7  ? -9.529  5.424   -15.099 1.00 52.45 ? 6   DGL C CD  1 
HETATM 760  O  OE1 . DGL C 2 7  ? -9.604  5.964   -16.223 1.00 53.48 ? 6   DGL C OE1 1 
HETATM 761  O  OE2 . DGL C 2 7  ? -8.983  5.939   -14.076 1.00 55.55 ? 6   DGL C OE2 1 
HETATM 762  N  N   . DSN C 2 8  ? -14.302 3.258   -12.416 1.00 35.89 ? 7   DSN C N   1 
HETATM 763  C  CA  . DSN C 2 8  ? -15.766 3.375   -12.258 1.00 33.19 ? 7   DSN C CA  1 
HETATM 764  C  C   . DSN C 2 8  ? -16.349 2.104   -11.638 1.00 32.30 ? 7   DSN C C   1 
HETATM 765  O  O   . DSN C 2 8  ? -15.957 1.738   -10.532 1.00 31.30 ? 7   DSN C O   1 
HETATM 766  C  CB  . DSN C 2 8  ? -16.134 4.623   -11.421 1.00 33.14 ? 7   DSN C CB  1 
HETATM 767  O  OG  . DSN C 2 8  ? -15.471 5.771   -11.919 1.00 32.33 ? 7   DSN C OG  1 
HETATM 768  N  N   . DPR C 2 9  ? -17.284 1.406   -12.347 1.00 32.37 ? 8   DPR C N   1 
HETATM 769  C  CA  . DPR C 2 9  ? -17.912 0.157   -11.866 1.00 31.31 ? 8   DPR C CA  1 
HETATM 770  C  CB  . DPR C 2 9  ? -18.771 -0.284  -13.058 1.00 32.83 ? 8   DPR C CB  1 
HETATM 771  C  CG  . DPR C 2 9  ? -19.128 1.016   -13.718 1.00 33.38 ? 8   DPR C CG  1 
HETATM 772  C  CD  . DPR C 2 9  ? -17.806 1.740   -13.691 1.00 33.02 ? 8   DPR C CD  1 
HETATM 773  C  C   . DPR C 2 9  ? -18.697 0.135   -10.545 1.00 29.92 ? 8   DPR C C   1 
HETATM 774  O  O   . DPR C 2 9  ? -18.826 -0.928  -9.924  1.00 29.09 ? 8   DPR C O   1 
HETATM 775  N  N   . DGL C 2 10 ? -19.213 1.292   -10.124 1.00 28.00 ? 9   DGL C N   1 
HETATM 776  C  CA  . DGL C 2 10 ? -19.973 1.400   -8.868  1.00 26.48 ? 9   DGL C CA  1 
HETATM 777  C  C   . DGL C 2 10 ? -19.104 1.835   -7.675  1.00 25.54 ? 9   DGL C C   1 
HETATM 778  O  O   . DGL C 2 10 ? -19.597 1.960   -6.546  1.00 25.44 ? 9   DGL C O   1 
HETATM 779  C  CB  . DGL C 2 10 ? -21.160 2.370   -9.026  1.00 25.09 ? 9   DGL C CB  1 
HETATM 780  C  CG  . DGL C 2 10 ? -22.277 1.917   -9.985  1.00 26.67 ? 9   DGL C CG  1 
HETATM 781  C  CD  . DGL C 2 10 ? -23.215 0.845   -9.425  1.00 26.03 ? 9   DGL C CD  1 
HETATM 782  O  OE1 . DGL C 2 10 ? -23.124 0.491   -8.227  1.00 25.97 ? 9   DGL C OE1 1 
HETATM 783  O  OE2 . DGL C 2 10 ? -24.057 0.346   -10.203 1.00 27.69 ? 9   DGL C OE2 1 
HETATM 784  N  N   . DTR C 2 11 ? -17.808 2.035   -7.934  1.00 24.36 ? 10  DTR C N   1 
HETATM 785  C  CA  . DTR C 2 11 ? -16.837 2.480   -6.922  1.00 24.11 ? 10  DTR C CA  1 
HETATM 786  C  CB  . DTR C 2 11 ? -16.336 3.887   -7.261  1.00 23.17 ? 10  DTR C CB  1 
HETATM 787  C  CG  . DTR C 2 11 ? -17.395 4.932   -7.241  1.00 23.31 ? 10  DTR C CG  1 
HETATM 788  C  CD1 . DTR C 2 11 ? -18.112 5.395   -8.308  1.00 22.77 ? 10  DTR C CD1 1 
HETATM 789  N  NE1 . DTR C 2 11 ? -18.955 6.406   -7.914  1.00 23.01 ? 10  DTR C NE1 1 
HETATM 790  C  CE2 . DTR C 2 11 ? -18.801 6.612   -6.568  1.00 23.03 ? 10  DTR C CE2 1 
HETATM 791  C  CZ2 . DTR C 2 11 ? -19.441 7.532   -5.706  1.00 22.09 ? 10  DTR C CZ2 1 
HETATM 792  C  CH2 . DTR C 2 11 ? -19.081 7.516   -4.370  1.00 22.23 ? 10  DTR C CH2 1 
HETATM 793  C  CZ3 . DTR C 2 11 ? -18.105 6.604   -3.876  1.00 23.53 ? 10  DTR C CZ3 1 
HETATM 794  C  CE3 . DTR C 2 11 ? -17.471 5.687   -4.743  1.00 23.22 ? 10  DTR C CE3 1 
HETATM 795  C  CD2 . DTR C 2 11 ? -17.822 5.686   -6.108  1.00 22.47 ? 10  DTR C CD2 1 
HETATM 796  C  C   . DTR C 2 11 ? -15.625 1.566   -6.748  1.00 22.99 ? 10  DTR C C   1 
HETATM 797  O  O   . DTR C 2 11 ? -14.568 2.001   -6.272  1.00 21.78 ? 10  DTR C O   1 
HETATM 798  N  N   . DGN C 2 12 ? -15.789 0.293   -7.096  1.00 22.12 ? 11  DGN C N   1 
HETATM 799  C  CA  . DGN C 2 12 ? -14.707 -0.679  -6.990  1.00 22.37 ? 11  DGN C CA  1 
HETATM 800  C  C   . DGN C 2 12 ? -14.372 -1.012  -5.542  1.00 22.78 ? 11  DGN C C   1 
HETATM 801  O  O   . DGN C 2 12 ? -13.237 -1.390  -5.240  1.00 23.11 ? 11  DGN C O   1 
HETATM 802  C  CB  . DGN C 2 12 ? -15.042 -1.935  -7.793  1.00 22.13 ? 11  DGN C CB  1 
HETATM 803  C  CG  . DGN C 2 12 ? -15.178 -1.705  -9.299  1.00 23.93 ? 11  DGN C CG  1 
HETATM 804  C  CD  . DGN C 2 12 ? -13.863 -1.368  -9.968  1.00 23.12 ? 11  DGN C CD  1 
HETATM 805  O  OE1 . DGN C 2 12 ? -13.000 -2.226  -10.115 1.00 26.63 ? 11  DGN C OE1 1 
HETATM 806  N  NE2 . DGN C 2 12 ? -13.701 -0.113  -10.370 1.00 22.74 ? 11  DGN C NE2 1 
HETATM 807  N  N   . DTR C 2 13 ? -15.345 -0.801  -4.649  1.00 23.23 ? 12  DTR C N   1 
HETATM 808  C  CA  . DTR C 2 13 ? -15.172 -1.039  -3.213  1.00 24.13 ? 12  DTR C CA  1 
HETATM 809  C  CB  . DTR C 2 13 ? -16.544 -1.096  -2.489  1.00 24.68 ? 12  DTR C CB  1 
HETATM 810  C  CG  . DTR C 2 13 ? -17.382 0.174   -2.590  1.00 25.32 ? 12  DTR C CG  1 
HETATM 811  C  CD1 . DTR C 2 13 ? -18.256 0.503   -3.595  1.00 26.67 ? 12  DTR C CD1 1 
HETATM 812  N  NE1 . DTR C 2 13 ? -18.701 1.794   -3.439  1.00 25.87 ? 12  DTR C NE1 1 
HETATM 813  C  CE2 . DTR C 2 13 ? -18.136 2.329   -2.308  1.00 27.21 ? 12  DTR C CE2 1 
HETATM 814  C  CZ2 . DTR C 2 13 ? -18.281 3.614   -1.738  1.00 27.96 ? 12  DTR C CZ2 1 
HETATM 815  C  CH2 . DTR C 2 13 ? -17.575 3.888   -0.575  1.00 27.37 ? 12  DTR C CH2 1 
HETATM 816  C  CZ3 . DTR C 2 13 ? -16.738 2.912   0.030   1.00 26.83 ? 12  DTR C CZ3 1 
HETATM 817  C  CE3 . DTR C 2 13 ? -16.598 1.627   -0.543  1.00 26.57 ? 12  DTR C CE3 1 
HETATM 818  C  CD2 . DTR C 2 13 ? -17.305 1.328   -1.735  1.00 26.87 ? 12  DTR C CD2 1 
HETATM 819  C  C   . DTR C 2 13 ? -14.248 0.031   -2.601  1.00 23.76 ? 12  DTR C C   1 
HETATM 820  O  O   . DTR C 2 13 ? -13.500 -0.250  -1.660  1.00 24.17 ? 12  DTR C O   1 
HETATM 821  N  N   . DLE C 2 14 ? -14.342 1.253   -3.145  1.00 23.69 ? 13  DLE C N   1 
HETATM 822  C  CA  . DLE C 2 14 ? -13.551 2.413   -2.716  1.00 23.43 ? 13  DLE C CA  1 
HETATM 823  C  CB  . DLE C 2 14 ? -14.135 3.713   -3.291  1.00 23.53 ? 13  DLE C CB  1 
HETATM 824  C  CG  . DLE C 2 14 ? -14.241 5.029   -2.501  1.00 24.81 ? 13  DLE C CG  1 
HETATM 825  C  CD1 . DLE C 2 14 ? -13.288 5.151   -1.320  1.00 20.94 ? 13  DLE C CD1 1 
HETATM 826  C  CD2 . DLE C 2 14 ? -14.060 6.159   -3.483  1.00 23.21 ? 13  DLE C CD2 1 
HETATM 827  C  C   . DLE C 2 14 ? -12.117 2.243   -3.201  1.00 25.08 ? 13  DLE C C   1 
HETATM 828  O  O   . DLE C 2 14 ? -11.178 2.477   -2.442  1.00 24.87 ? 13  DLE C O   1 
HETATM 829  N  N   . DCY C 2 15 ? -11.969 1.803   -4.456  1.00 25.77 ? 14  DCY C N   1 
HETATM 830  C  CA  . DCY C 2 15 ? -10.667 1.553   -5.088  1.00 27.53 ? 14  DCY C CA  1 
HETATM 831  C  C   . DCY C 2 15 ? -9.904  0.485   -4.294  1.00 26.01 ? 14  DCY C C   1 
HETATM 832  O  O   . DCY C 2 15 ? -8.694  0.601   -4.081  1.00 26.72 ? 14  DCY C O   1 
HETATM 833  C  CB  . DCY C 2 15 ? -10.885 1.098   -6.540  1.00 30.75 ? 14  DCY C CB  1 
HETATM 834  S  SG  . DCY C 2 15 ? -9.412  0.550   -7.487  1.00 39.31 ? 14  DCY C SG  1 
HETATM 835  N  N   . DAL C 2 16 ? -10.659 -0.491  -3.783  1.00 24.54 ? 15  DAL C N   1 
HETATM 836  C  CA  . DAL C 2 16 ? -10.138 -1.600  -2.986  1.00 23.91 ? 15  DAL C CA  1 
HETATM 837  C  CB  . DAL C 2 16 ? -11.181 -2.694  -2.894  1.00 23.41 ? 15  DAL C CB  1 
HETATM 838  C  C   . DAL C 2 16 ? -9.711  -1.178  -1.578  1.00 25.24 ? 15  DAL C C   1 
HETATM 839  O  O   . DAL C 2 16 ? -8.785  -1.760  -1.002  1.00 25.40 ? 15  DAL C O   1 
HETATM 840  N  N   . DAL C 2 17 ? -10.399 -0.171  -1.038  1.00 24.15 ? 16  DAL C N   1 
HETATM 841  C  CA  . DAL C 2 17 ? -10.130 0.345   0.301   1.00 25.09 ? 16  DAL C CA  1 
HETATM 842  C  CB  . DAL C 2 17 ? -11.328 1.135   0.802   1.00 23.43 ? 16  DAL C CB  1 
HETATM 843  C  C   . DAL C 2 17 ? -8.872  1.205   0.327   1.00 26.07 ? 16  DAL C C   1 
HETATM 844  O  O   . DAL C 2 17 ? -8.172  1.268   1.338   1.00 28.36 ? 16  DAL C O   1 
HETATM 845  N  N   . NH2 C 2 18 ? -8.570  1.869   -0.783  1.00 25.10 ? 17  NH2 C N   1 
HETATM 846  N  N   . DLY D 2 3  ? 23.272  2.416   -2.965  1.00 41.88 ? 2   DLY D N   1 
HETATM 847  C  CA  . DLY D 2 3  ? 22.203  2.815   -1.998  1.00 41.99 ? 2   DLY D CA  1 
HETATM 848  C  C   . DLY D 2 3  ? 21.257  1.668   -1.638  1.00 40.17 ? 2   DLY D C   1 
HETATM 849  O  O   . DLY D 2 3  ? 21.699  0.572   -1.284  1.00 40.39 ? 2   DLY D O   1 
HETATM 850  C  CB  . DLY D 2 3  ? 22.818  3.411   -0.723  1.00 43.89 ? 2   DLY D CB  1 
HETATM 851  C  CG  . DLY D 2 3  ? 23.331  4.837   -0.877  1.00 47.53 ? 2   DLY D CG  1 
HETATM 852  C  CD  . DLY D 2 3  ? 23.634  5.463   0.477   1.00 50.45 ? 2   DLY D CD  1 
HETATM 853  C  CE  . DLY D 2 3  ? 24.014  6.936   0.338   1.00 52.38 ? 2   DLY D CE  1 
HETATM 854  N  NZ  . DLY D 2 3  ? 24.261  7.590   1.661   1.00 52.66 ? 2   DLY D NZ  1 
ATOM   855  N  N   . GLY D 2 4  ? 19.956  1.953   -1.694  1.00 36.78 ? 3   GLY D N   1 
ATOM   856  C  CA  . GLY D 2 4  ? 18.896  0.990   -1.390  1.00 34.07 ? 3   GLY D CA  1 
ATOM   857  C  C   . GLY D 2 4  ? 18.687  0.810   0.120   1.00 31.69 ? 3   GLY D C   1 
ATOM   858  O  O   . GLY D 2 4  ? 19.384  1.437   0.923   1.00 30.05 ? 3   GLY D O   1 
HETATM 859  N  N   . DAL D 2 5  ? 17.746  -0.065  0.495   1.00 30.75 ? 4   DAL D N   1 
HETATM 860  C  CA  . DAL D 2 5  ? 17.425  -0.358  1.901   1.00 29.03 ? 4   DAL D CA  1 
HETATM 861  C  CB  . DAL D 2 5  ? 16.356  -1.443  1.989   1.00 27.28 ? 4   DAL D CB  1 
HETATM 862  C  C   . DAL D 2 5  ? 17.008  0.855   2.718   1.00 29.24 ? 4   DAL D C   1 
HETATM 863  O  O   . DAL D 2 5  ? 17.471  1.040   3.850   1.00 27.26 ? 4   DAL D O   1 
HETATM 864  N  N   . DCY D 2 6  ? 16.202  1.713   2.098   1.00 30.24 ? 5   DCY D N   1 
HETATM 865  C  CA  . DCY D 2 6  ? 15.698  2.924   2.731   1.00 32.96 ? 5   DCY D CA  1 
HETATM 866  C  C   . DCY D 2 6  ? 16.729  4.019   2.983   1.00 33.59 ? 5   DCY D C   1 
HETATM 867  O  O   . DCY D 2 6  ? 16.487  4.935   3.768   1.00 33.93 ? 5   DCY D O   1 
HETATM 868  C  CB  . DCY D 2 6  ? 14.494  3.440   1.949   1.00 34.66 ? 5   DCY D CB  1 
HETATM 869  S  SG  . DCY D 2 6  ? 13.108  2.250   1.997   1.00 39.83 ? 5   DCY D SG  1 
HETATM 870  N  N   . DGL D 2 7  ? 17.909  3.857   2.384   1.00 34.74 ? 6   DGL D N   1 
HETATM 871  C  CA  . DGL D 2 7  ? 19.018  4.802   2.514   1.00 35.87 ? 6   DGL D CA  1 
HETATM 872  C  C   . DGL D 2 7  ? 20.182  4.240   3.341   1.00 33.74 ? 6   DGL D C   1 
HETATM 873  O  O   . DGL D 2 7  ? 21.100  4.975   3.717   1.00 33.59 ? 6   DGL D O   1 
HETATM 874  C  CB  . DGL D 2 7  ? 19.489  5.241   1.122   1.00 39.15 ? 6   DGL D CB  1 
HETATM 875  C  CG  . DGL D 2 7  ? 18.557  6.261   0.467   1.00 45.60 ? 6   DGL D CG  1 
HETATM 876  C  CD  . DGL D 2 7  ? 18.423  6.080   -1.036  1.00 50.78 ? 6   DGL D CD  1 
HETATM 877  O  OE1 . DGL D 2 7  ? 17.819  5.068   -1.469  1.00 53.82 ? 6   DGL D OE1 1 
HETATM 878  O  OE2 . DGL D 2 7  ? 18.900  6.964   -1.783  1.00 54.56 ? 6   DGL D OE2 1 
HETATM 879  N  N   . DSN D 2 8  ? 20.119  2.941   3.640   1.00 31.25 ? 7   DSN D N   1 
HETATM 880  C  CA  . DSN D 2 8  ? 21.139  2.253   4.427   1.00 28.94 ? 7   DSN D CA  1 
HETATM 881  C  C   . DSN D 2 8  ? 20.697  2.261   5.897   1.00 28.75 ? 7   DSN D C   1 
HETATM 882  O  O   . DSN D 2 8  ? 19.624  1.746   6.217   1.00 26.68 ? 7   DSN D O   1 
HETATM 883  C  CB  . DSN D 2 8  ? 21.312  0.824   3.918   1.00 28.58 ? 7   DSN D CB  1 
HETATM 884  O  OG  . DSN D 2 8  ? 21.636  0.815   2.540   1.00 28.79 ? 7   DSN D OG  1 
HETATM 885  N  N   . DPR D 2 9  ? 21.511  2.859   6.805   1.00 29.38 ? 8   DPR D N   1 
HETATM 886  C  CA  . DPR D 2 9  ? 21.204  2.944   8.246   1.00 29.24 ? 8   DPR D CA  1 
HETATM 887  C  CB  . DPR D 2 9  ? 22.406  3.710   8.817   1.00 30.62 ? 8   DPR D CB  1 
HETATM 888  C  CG  . DPR D 2 9  ? 23.510  3.458   7.815   1.00 30.91 ? 8   DPR D CG  1 
HETATM 889  C  CD  . DPR D 2 9  ? 22.779  3.558   6.510   1.00 29.45 ? 8   DPR D CD  1 
HETATM 890  C  C   . DPR D 2 9  ? 20.920  1.651   9.029   1.00 28.91 ? 8   DPR D C   1 
HETATM 891  O  O   . DPR D 2 9  ? 20.123  1.671   9.981   1.00 30.28 ? 8   DPR D O   1 
HETATM 892  N  N   . DGL D 2 10 ? 21.546  0.541   8.621   1.00 25.40 ? 9   DGL D N   1 
HETATM 893  C  CA  . DGL D 2 10 ? 21.354  -0.752  9.290   1.00 22.93 ? 9   DGL D CA  1 
HETATM 894  C  C   . DGL D 2 10 ? 20.198  -1.578  8.712   1.00 22.69 ? 9   DGL D C   1 
HETATM 895  O  O   . DGL D 2 10 ? 19.913  -2.688  9.187   1.00 21.93 ? 9   DGL D O   1 
HETATM 896  C  CB  . DGL D 2 10 ? 22.651  -1.580  9.257   1.00 21.93 ? 9   DGL D CB  1 
HETATM 897  C  CG  . DGL D 2 10 ? 23.846  -0.999  10.046  1.00 22.42 ? 9   DGL D CG  1 
HETATM 898  C  CD  . DGL D 2 10 ? 23.764  -1.180  11.561  1.00 21.58 ? 9   DGL D CD  1 
HETATM 899  O  OE1 . DGL D 2 10 ? 22.791  -1.779  12.070  1.00 20.57 ? 9   DGL D OE1 1 
HETATM 900  O  OE2 . DGL D 2 10 ? 24.690  -0.711  12.253  1.00 23.47 ? 9   DGL D OE2 1 
HETATM 901  N  N   . DTR D 2 11 ? 19.516  -1.018  7.712   1.00 21.15 ? 10  DTR D N   1 
HETATM 902  C  CA  . DTR D 2 11 ? 18.405  -1.702  7.043   1.00 20.84 ? 10  DTR D CA  1 
HETATM 903  C  CB  . DTR D 2 11 ? 18.778  -1.999  5.583   1.00 19.91 ? 10  DTR D CB  1 
HETATM 904  C  CG  . DTR D 2 11 ? 19.903  -3.002  5.399   1.00 20.85 ? 10  DTR D CG  1 
HETATM 905  C  CD1 . DTR D 2 11 ? 21.221  -2.723  5.159   1.00 18.50 ? 10  DTR D CD1 1 
HETATM 906  N  NE1 . DTR D 2 11 ? 21.929  -3.886  4.973   1.00 20.20 ? 10  DTR D NE1 1 
HETATM 907  C  CE2 . DTR D 2 11 ? 21.086  -4.949  5.097   1.00 19.91 ? 10  DTR D CE2 1 
HETATM 908  C  CZ2 . DTR D 2 11 ? 21.340  -6.344  4.997   1.00 19.08 ? 10  DTR D CZ2 1 
HETATM 909  C  CH2 . DTR D 2 11 ? 20.277  -7.212  5.171   1.00 21.06 ? 10  DTR D CH2 1 
HETATM 910  C  CZ3 . DTR D 2 11 ? 18.964  -6.728  5.449   1.00 20.42 ? 10  DTR D CZ3 1 
HETATM 911  C  CE3 . DTR D 2 11 ? 18.711  -5.330  5.550   1.00 20.58 ? 10  DTR D CE3 1 
HETATM 912  C  CD2 . DTR D 2 11 ? 19.783  -4.434  5.375   1.00 19.26 ? 10  DTR D CD2 1 
HETATM 913  C  C   . DTR D 2 11 ? 17.065  -0.959  7.089   1.00 20.72 ? 10  DTR D C   1 
HETATM 914  O  O   . DTR D 2 11 ? 16.149  -1.272  6.323   1.00 19.25 ? 10  DTR D O   1 
HETATM 915  N  N   . DGN D 2 12 ? 16.934  -0.029  8.035   1.00 21.44 ? 11  DGN D N   1 
HETATM 916  C  CA  . DGN D 2 12 ? 15.713  0.771   8.191   1.00 21.68 ? 11  DGN D CA  1 
HETATM 917  C  C   . DGN D 2 12 ? 14.470  -0.026  8.586   1.00 20.76 ? 11  DGN D C   1 
HETATM 918  O  O   . DGN D 2 12 ? 13.350  0.363   8.251   1.00 21.35 ? 11  DGN D O   1 
HETATM 919  C  CB  . DGN D 2 12 ? 15.954  1.922   9.168   1.00 24.11 ? 11  DGN D CB  1 
HETATM 920  C  CG  . DGN D 2 12 ? 16.992  2.946   8.700   1.00 27.63 ? 11  DGN D CG  1 
HETATM 921  C  CD  . DGN D 2 12 ? 16.565  3.712   7.457   1.00 29.79 ? 11  DGN D CD  1 
HETATM 922  O  OE1 . DGN D 2 12 ? 15.622  4.498   7.493   1.00 31.61 ? 11  DGN D OE1 1 
HETATM 923  N  NE2 . DGN D 2 12 ? 17.265  3.484   6.352   1.00 30.79 ? 11  DGN D NE2 1 
HETATM 924  N  N   . DTR D 2 13 ? 14.691  -1.173  9.234   1.00 20.80 ? 12  DTR D N   1 
HETATM 925  C  CA  . DTR D 2 13 ? 13.625  -2.076  9.662   1.00 19.69 ? 12  DTR D CA  1 
HETATM 926  C  CB  . DTR D 2 13 ? 14.165  -3.091  10.697  1.00 19.97 ? 12  DTR D CB  1 
HETATM 927  C  CG  . DTR D 2 13 ? 15.303  -3.964  10.189  1.00 20.02 ? 12  DTR D CG  1 
HETATM 928  C  CD1 . DTR D 2 13 ? 16.639  -3.658  10.194  1.00 20.95 ? 12  DTR D CD1 1 
HETATM 929  N  NE1 . DTR D 2 13 ? 17.353  -4.622  9.519   1.00 21.55 ? 12  DTR D NE1 1 
HETATM 930  C  CE2 . DTR D 2 13 ? 16.490  -5.589  9.074   1.00 21.47 ? 12  DTR D CE2 1 
HETATM 931  C  CZ2 . DTR D 2 13 ? 16.741  -6.768  8.331   1.00 21.56 ? 12  DTR D CZ2 1 
HETATM 932  C  CH2 . DTR D 2 13 ? 15.661  -7.571  8.006   1.00 22.87 ? 12  DTR D CH2 1 
HETATM 933  C  CZ3 . DTR D 2 13 ? 14.340  -7.232  8.404   1.00 22.25 ? 12  DTR D CZ3 1 
HETATM 934  C  CE3 . DTR D 2 13 ? 14.093  -6.053  9.150   1.00 22.36 ? 12  DTR D CE3 1 
HETATM 935  C  CD2 . DTR D 2 13 ? 15.183  -5.214  9.485   1.00 21.48 ? 12  DTR D CD2 1 
HETATM 936  C  C   . DTR D 2 13 ? 13.002  -2.788  8.448   1.00 19.38 ? 12  DTR D C   1 
HETATM 937  O  O   . DTR D 2 13 ? 11.814  -3.121  8.457   1.00 19.08 ? 12  DTR D O   1 
HETATM 938  N  N   . DLE D 2 14 ? 13.835  -3.048  7.432   1.00 19.45 ? 13  DLE D N   1 
HETATM 939  C  CA  . DLE D 2 14 ? 13.410  -3.711  6.194   1.00 22.68 ? 13  DLE D CA  1 
HETATM 940  C  CB  . DLE D 2 14 ? 14.614  -4.185  5.367   1.00 22.18 ? 13  DLE D CB  1 
HETATM 941  C  CG  . DLE D 2 14 ? 14.638  -5.578  4.714   1.00 22.19 ? 13  DLE D CG  1 
HETATM 942  C  CD1 . DLE D 2 14 ? 13.280  -6.123  4.347   1.00 18.54 ? 13  DLE D CD1 1 
HETATM 943  C  CD2 . DLE D 2 14 ? 15.554  -5.530  3.522   1.00 21.52 ? 13  DLE D CD2 1 
HETATM 944  C  C   . DLE D 2 14 ? 12.594  -2.730  5.372   1.00 24.60 ? 13  DLE D C   1 
HETATM 945  O  O   . DLE D 2 14 ? 11.550  -3.090  4.828   1.00 24.68 ? 13  DLE D O   1 
HETATM 946  N  N   . DCY D 2 15 ? 13.062  -1.484  5.328   1.00 26.11 ? 14  DCY D N   1 
HETATM 947  C  CA  . DCY D 2 15 ? 12.390  -0.402  4.621   1.00 27.37 ? 14  DCY D CA  1 
HETATM 948  C  C   . DCY D 2 15 ? 11.006  -0.165  5.238   1.00 26.59 ? 14  DCY D C   1 
HETATM 949  O  O   . DCY D 2 15 ? 10.043  0.103   4.524   1.00 27.55 ? 14  DCY D O   1 
HETATM 950  C  CB  . DCY D 2 15 ? 13.231  0.865   4.721   1.00 28.99 ? 14  DCY D CB  1 
HETATM 951  S  SG  . DCY D 2 15 ? 12.487  2.326   3.936   1.00 36.18 ? 14  DCY D SG  1 
HETATM 952  N  N   . DAL D 2 16 ? 10.919  -0.344  6.559   1.00 24.98 ? 15  DAL D N   1 
HETATM 953  C  CA  . DAL D 2 16 ? 9.677   -0.183  7.316   1.00 25.27 ? 15  DAL D CA  1 
HETATM 954  C  CB  . DAL D 2 16 ? 9.988   -0.068  8.794   1.00 23.37 ? 15  DAL D CB  1 
HETATM 955  C  C   . DAL D 2 16 ? 8.694   -1.334  7.083   1.00 25.45 ? 15  DAL D C   1 
HETATM 956  O  O   . DAL D 2 16 ? 7.477   -1.120  7.042   1.00 28.54 ? 15  DAL D O   1 
HETATM 957  N  N   . DAL D 2 17 ? 9.236   -2.542  6.905   1.00 24.26 ? 16  DAL D N   1 
HETATM 958  C  CA  . DAL D 2 17 ? 8.448   -3.751  6.684   1.00 22.64 ? 16  DAL D CA  1 
HETATM 959  C  CB  . DAL D 2 17 ? 9.307   -4.977  6.918   1.00 21.64 ? 16  DAL D CB  1 
HETATM 960  C  C   . DAL D 2 17 ? 7.836   -3.789  5.288   1.00 23.00 ? 16  DAL D C   1 
HETATM 961  O  O   . DAL D 2 17 ? 6.820   -4.447  5.061   1.00 22.09 ? 16  DAL D O   1 
HETATM 962  N  N   . NH2 D 2 18 ? 8.436   -3.065  4.347   1.00 23.24 ? 17  NH2 D N   1 
HETATM 963  Y  Y   . YT3 E 3 .  ? -24.655 -1.463  -8.731  1.00 28.45 ? 501 YT3 A Y   1 
HETATM 964  Y  Y   . YT3 F 3 .  ? -9.964  -12.589 -8.618  0.33 22.63 ? 502 YT3 A Y   1 
HETATM 965  CL CL  . CL  G 4 .  ? 11.652  -13.489 0.978   0.33 14.15 ? 503 CL  A CL  1 
HETATM 966  Y  Y   . YT3 H 3 .  ? 23.586  -1.110  14.233  1.00 35.29 ? 101 YT3 B Y   1 
HETATM 967  Y  Y   . YT3 I 3 .  ? 9.016   10.005  14.181  0.33 25.61 ? 102 YT3 B Y   1 
HETATM 968  Y  Y   . YT3 J 3 .  ? -12.582 10.962  4.577   0.33 32.38 ? 103 YT3 B Y   1 
HETATM 969  O  O   . HOH K 5 .  ? 8.539   -9.474  -6.786  1.00 21.70 ? 601 HOH A O   1 
HETATM 970  O  O   . HOH K 5 .  ? 25.430  -11.237 -3.346  1.00 16.57 ? 602 HOH A O   1 
HETATM 971  O  O   . HOH K 5 .  ? 33.081  -18.930 4.691   1.00 17.08 ? 603 HOH A O   1 
HETATM 972  O  O   . HOH K 5 .  ? 18.434  -6.846  -5.556  1.00 30.56 ? 604 HOH A O   1 
HETATM 973  O  O   . HOH K 5 .  ? -19.530 -3.634  -13.288 1.00 22.89 ? 605 HOH A O   1 
HETATM 974  O  O   . HOH K 5 .  ? 3.767   -1.043  0.170   1.00 36.71 ? 606 HOH A O   1 
HETATM 975  O  O   . HOH K 5 .  ? 27.463  -6.220  1.246   1.00 25.62 ? 607 HOH A O   1 
HETATM 976  O  O   . HOH K 5 .  ? 5.045   -3.532  0.790   1.00 20.52 ? 608 HOH A O   1 
HETATM 977  O  O   . HOH K 5 .  ? 8.533   -0.957  0.013   1.00 34.30 ? 609 HOH A O   1 
HETATM 978  O  O   . HOH K 5 .  ? 31.581  -9.726  -1.903  1.00 27.61 ? 610 HOH A O   1 
HETATM 979  O  O   . HOH K 5 .  ? 25.276  -2.660  6.683   1.00 36.62 ? 611 HOH A O   1 
HETATM 980  O  O   . HOH K 5 .  ? 7.720   -4.367  -6.807  1.00 45.99 ? 612 HOH A O   1 
HETATM 981  O  O   . HOH K 5 .  ? -5.879  0.252   -7.054  1.00 31.94 ? 613 HOH A O   1 
HETATM 982  O  O   . HOH K 5 .  ? -25.615 -5.074  -17.304 1.00 38.51 ? 614 HOH A O   1 
HETATM 983  O  O   . HOH K 5 .  ? -10.168 -3.221  5.629   1.00 47.91 ? 615 HOH A O   1 
HETATM 984  O  O   . HOH K 5 .  ? -22.004 -1.354  -12.654 1.00 42.75 ? 616 HOH A O   1 
HETATM 985  O  O   . HOH K 5 .  ? 4.734   2.702   -2.225  1.00 47.30 ? 617 HOH A O   1 
HETATM 986  O  O   . HOH K 5 .  ? -5.669  -4.648  -0.129  1.00 30.55 ? 618 HOH A O   1 
HETATM 987  O  O   . HOH K 5 .  ? 27.045  -5.081  -1.234  1.00 37.07 ? 619 HOH A O   1 
HETATM 988  O  O   . HOH K 5 .  ? 10.746  -2.958  -3.045  1.00 22.32 ? 620 HOH A O   1 
HETATM 989  O  O   . HOH K 5 .  ? -22.992 -4.424  -4.895  1.00 47.52 ? 621 HOH A O   1 
HETATM 990  O  O   . HOH K 5 .  ? 4.513   -3.561  -6.425  1.00 24.79 ? 622 HOH A O   1 
HETATM 991  O  O   . HOH K 5 .  ? 8.658   1.227   -3.784  1.00 41.28 ? 623 HOH A O   1 
HETATM 992  O  O   . HOH K 5 .  ? -26.002 -9.108  -5.664  1.00 42.27 ? 624 HOH A O   1 
HETATM 993  O  O   . HOH K 5 .  ? -9.113  -7.638  5.593   1.00 39.35 ? 625 HOH A O   1 
HETATM 994  O  O   . HOH K 5 .  ? 35.154  -9.694  0.588   1.00 47.87 ? 626 HOH A O   1 
HETATM 995  O  O   . HOH K 5 .  ? -21.088 -4.220  -17.090 1.00 41.64 ? 627 HOH A O   1 
HETATM 996  O  O   . HOH K 5 .  ? 38.267  -9.832  1.929   1.00 40.87 ? 628 HOH A O   1 
HETATM 997  O  O   . HOH K 5 .  ? 28.065  -12.185 -3.263  1.00 28.43 ? 629 HOH A O   1 
HETATM 998  O  O   . HOH K 5 .  ? -18.003 -3.368  -11.247 1.00 27.96 ? 630 HOH A O   1 
HETATM 999  O  O   . HOH K 5 .  ? 22.592  -4.501  -4.409  1.00 45.17 ? 631 HOH A O   1 
HETATM 1000 O  O   . HOH K 5 .  ? -12.831 -5.859  -1.123  1.00 31.45 ? 632 HOH A O   1 
HETATM 1001 O  O   . HOH K 5 .  ? -24.670 -1.663  -6.205  1.00 30.25 ? 633 HOH A O   1 
HETATM 1002 O  O   . HOH K 5 .  ? 15.551  -5.976  -5.147  1.00 36.64 ? 634 HOH A O   1 
HETATM 1003 O  O   . HOH K 5 .  ? 2.238   -1.303  -2.761  1.00 31.80 ? 635 HOH A O   1 
HETATM 1004 O  O   . HOH K 5 .  ? 10.078  -3.120  -5.625  1.00 32.31 ? 636 HOH A O   1 
HETATM 1005 O  O   . HOH K 5 .  ? -28.158 -3.494  -10.958 1.00 30.74 ? 637 HOH A O   1 
HETATM 1006 O  O   . HOH K 5 .  ? -9.617  -5.600  -11.442 1.00 31.62 ? 638 HOH A O   1 
HETATM 1007 O  O   . HOH K 5 .  ? -22.073 -5.032  -12.824 1.00 20.72 ? 639 HOH A O   1 
HETATM 1008 O  O   . HOH K 5 .  ? -1.117  -5.562  -8.419  1.00 28.25 ? 640 HOH A O   1 
HETATM 1009 O  O   . HOH K 5 .  ? 24.989  -6.134  -3.150  1.00 42.29 ? 641 HOH A O   1 
HETATM 1010 O  O   . HOH K 5 .  ? 25.465  -6.269  4.704   1.00 19.02 ? 642 HOH A O   1 
HETATM 1011 O  O   . HOH K 5 .  ? 30.448  -10.841 -3.706  1.00 38.67 ? 643 HOH A O   1 
HETATM 1012 O  O   . HOH K 5 .  ? -0.495  -1.244  -3.472  1.00 39.70 ? 644 HOH A O   1 
HETATM 1013 O  O   . HOH K 5 .  ? 8.576   -6.331  -8.439  1.00 40.32 ? 645 HOH A O   1 
HETATM 1014 O  O   . HOH K 5 .  ? 24.334  -5.503  7.231   1.00 27.90 ? 646 HOH A O   1 
HETATM 1015 O  O   . HOH K 5 .  ? -7.300  -11.430 -0.013  1.00 38.01 ? 647 HOH A O   1 
HETATM 1016 O  O   . HOH K 5 .  ? 26.105  -9.532  -5.838  1.00 40.03 ? 648 HOH A O   1 
HETATM 1017 O  O   . HOH K 5 .  ? -28.261 -1.732  -14.628 1.00 33.87 ? 649 HOH A O   1 
HETATM 1018 O  O   . HOH K 5 .  ? 32.358  -16.615 5.228   1.00 43.00 ? 650 HOH A O   1 
HETATM 1019 O  O   . HOH K 5 .  ? 11.078  -6.553  -10.680 1.00 34.95 ? 651 HOH A O   1 
HETATM 1020 O  O   . HOH K 5 .  ? 30.113  -6.153  0.772   1.00 51.17 ? 652 HOH A O   1 
HETATM 1021 O  O   . HOH K 5 .  ? 11.731  -3.943  -8.355  1.00 47.49 ? 653 HOH A O   1 
HETATM 1022 O  O   . HOH K 5 .  ? -16.583 -3.580  2.505   1.00 55.24 ? 654 HOH A O   1 
HETATM 1023 O  O   . HOH K 5 .  ? -14.844 -7.169  -0.469  1.00 40.98 ? 655 HOH A O   1 
HETATM 1024 O  O   . HOH K 5 .  ? -11.903 -3.966  0.537   1.00 29.61 ? 656 HOH A O   1 
HETATM 1025 O  O   . HOH K 5 .  ? -16.404 -4.245  -0.471  1.00 41.56 ? 657 HOH A O   1 
HETATM 1026 O  O   . HOH K 5 .  ? -16.633 -8.008  -2.073  1.00 36.00 ? 658 HOH A O   1 
HETATM 1027 O  O   . HOH K 5 .  ? 20.187  -4.741  -5.659  1.00 41.91 ? 659 HOH A O   1 
HETATM 1028 O  O   . HOH K 5 .  ? -7.967  -9.761  4.364   1.00 41.95 ? 660 HOH A O   1 
HETATM 1029 O  O   . HOH K 5 .  ? 34.735  -4.201  0.026   1.00 43.24 ? 661 HOH A O   1 
HETATM 1030 O  O   . HOH K 5 .  ? -4.560  -2.186  -12.146 1.00 44.98 ? 662 HOH A O   1 
HETATM 1031 O  O   . HOH K 5 .  ? -1.473  -2.303  4.480   1.00 61.60 ? 663 HOH A O   1 
HETATM 1032 O  O   . HOH K 5 .  ? 32.583  -5.232  -0.613  1.00 48.03 ? 664 HOH A O   1 
HETATM 1033 O  O   . HOH K 5 .  ? 29.894  -2.994  1.079   1.00 56.62 ? 665 HOH A O   1 
HETATM 1034 O  O   . HOH K 5 .  ? 28.023  -7.979  -5.330  1.00 36.03 ? 666 HOH A O   1 
HETATM 1035 O  O   . HOH K 5 .  ? -8.740  -5.635  4.238   1.00 59.65 ? 667 HOH A O   1 
HETATM 1036 O  O   . HOH K 5 .  ? -2.666  -2.382  -7.348  1.00 39.45 ? 668 HOH A O   1 
HETATM 1037 O  O   . HOH K 5 .  ? 31.111  -2.587  7.088   1.00 41.68 ? 669 HOH A O   1 
HETATM 1038 O  O   . HOH K 5 .  ? 13.432  -2.959  -3.333  1.00 40.85 ? 670 HOH A O   1 
HETATM 1039 O  O   . HOH K 5 .  ? 27.652  -11.666 -6.906  1.00 32.11 ? 671 HOH A O   1 
HETATM 1040 O  O   . HOH K 5 .  ? -2.757  -4.045  0.681   1.00 39.68 ? 672 HOH A O   1 
HETATM 1041 O  O   . HOH K 5 .  ? 31.693  -5.590  2.859   1.00 43.27 ? 673 HOH A O   1 
HETATM 1042 O  O   . HOH K 5 .  ? -12.458 -5.468  2.980   1.00 56.32 ? 674 HOH A O   1 
HETATM 1043 O  O   . HOH K 5 .  ? -20.385 -2.602  -15.477 1.00 40.13 ? 675 HOH A O   1 
HETATM 1044 O  O   . HOH K 5 .  ? 15.723  -3.409  -4.839  1.00 42.21 ? 676 HOH A O   1 
HETATM 1045 O  O   . HOH K 5 .  ? 5.951   1.037   0.189   1.00 40.33 ? 677 HOH A O   1 
HETATM 1046 O  O   . HOH K 5 .  ? 8.999   -0.423  -6.135  1.00 55.20 ? 678 HOH A O   1 
HETATM 1047 O  O   . HOH K 5 .  ? 10.147  -0.402  -2.132  1.00 46.20 ? 679 HOH A O   1 
HETATM 1048 O  O   . HOH K 5 .  ? 36.418  -7.444  2.344   1.00 64.54 ? 680 HOH A O   1 
HETATM 1049 O  O   . HOH K 5 .  ? -25.673 -2.516  -18.432 1.00 55.62 ? 681 HOH A O   1 
HETATM 1050 O  O   . HOH K 5 .  ? -32.907 -7.995  -7.707  1.00 61.83 ? 682 HOH A O   1 
HETATM 1051 O  O   . HOH K 5 .  ? -31.132 -7.266  -6.094  1.00 48.22 ? 683 HOH A O   1 
HETATM 1052 O  O   . HOH K 5 .  ? -22.271 -10.343 -0.241  1.00 37.80 ? 684 HOH A O   1 
HETATM 1053 O  O   . HOH K 5 .  ? 15.694  -8.571  -8.471  1.00 41.66 ? 685 HOH A O   1 
HETATM 1054 O  O   . HOH K 5 .  ? 11.966  0.909   -0.353  1.00 37.02 ? 686 HOH A O   1 
HETATM 1055 O  O   . HOH L 5 .  ? 2.399   1.609   -1.867  1.00 51.28 ? 201 HOH B O   1 
HETATM 1056 O  O   . HOH L 5 .  ? -3.936  13.897  1.091   1.00 28.26 ? 202 HOH B O   1 
HETATM 1057 O  O   . HOH L 5 .  ? 3.818   0.702   7.739   1.00 25.92 ? 203 HOH B O   1 
HETATM 1058 O  O   . HOH L 5 .  ? -21.747 19.402  -7.185  1.00 29.53 ? 204 HOH B O   1 
HETATM 1059 O  O   . HOH L 5 .  ? -4.058  3.453   0.613   1.00 36.64 ? 205 HOH B O   1 
HETATM 1060 O  O   . HOH L 5 .  ? 25.015  -3.071  14.593  1.00 27.31 ? 206 HOH B O   1 
HETATM 1061 O  O   . HOH L 5 .  ? -24.561 20.406  -1.726  1.00 22.56 ? 207 HOH B O   1 
HETATM 1062 O  O   . HOH L 5 .  ? 9.838   -0.220  21.549  1.00 39.17 ? 208 HOH B O   1 
HETATM 1063 O  O   . HOH L 5 .  ? -7.582  16.934  -3.470  1.00 38.91 ? 209 HOH B O   1 
HETATM 1064 O  O   . HOH L 5 .  ? 2.530   3.128   1.915   1.00 28.60 ? 210 HOH B O   1 
HETATM 1065 O  O   . HOH L 5 .  ? -21.526 12.182  -10.134 1.00 33.31 ? 211 HOH B O   1 
HETATM 1066 O  O   . HOH L 5 .  ? -3.595  10.191  -4.284  1.00 29.76 ? 212 HOH B O   1 
HETATM 1067 O  O   . HOH L 5 .  ? -24.828 4.805   -11.157 1.00 28.46 ? 213 HOH B O   1 
HETATM 1068 O  O   . HOH L 5 .  ? -11.603 14.601  -8.856  1.00 47.10 ? 214 HOH B O   1 
HETATM 1069 O  O   . HOH L 5 .  ? -1.519  2.636   -0.519  1.00 35.65 ? 215 HOH B O   1 
HETATM 1070 O  O   . HOH L 5 .  ? 3.348   10.795  2.115   1.00 32.12 ? 216 HOH B O   1 
HETATM 1071 O  O   . HOH L 5 .  ? 1.741   0.404   1.388   1.00 44.75 ? 217 HOH B O   1 
HETATM 1072 O  O   . HOH L 5 .  ? 19.697  -2.193  16.010  1.00 28.34 ? 218 HOH B O   1 
HETATM 1073 O  O   . HOH L 5 .  ? 7.067   -2.768  10.868  1.00 54.50 ? 219 HOH B O   1 
HETATM 1074 O  O   . HOH L 5 .  ? -28.255 16.875  -12.803 1.00 35.34 ? 220 HOH B O   1 
HETATM 1075 O  O   . HOH L 5 .  ? -4.737  12.531  -5.492  1.00 47.27 ? 221 HOH B O   1 
HETATM 1076 O  O   . HOH L 5 .  ? 22.189  -2.781  14.985  1.00 29.58 ? 222 HOH B O   1 
HETATM 1077 O  O   . HOH L 5 .  ? 0.200   9.050   -0.978  1.00 32.49 ? 223 HOH B O   1 
HETATM 1078 O  O   . HOH L 5 .  ? -30.975 18.247  -4.228  1.00 36.28 ? 224 HOH B O   1 
HETATM 1079 O  O   . HOH L 5 .  ? 9.181   -0.676  12.534  1.00 43.16 ? 225 HOH B O   1 
HETATM 1080 O  O   . HOH L 5 .  ? -21.964 19.902  -9.860  1.00 45.59 ? 226 HOH B O   1 
HETATM 1081 O  O   . HOH L 5 .  ? -3.655  16.128  2.850   1.00 38.14 ? 227 HOH B O   1 
HETATM 1082 O  O   . HOH L 5 .  ? -27.544 5.760   -13.497 1.00 41.31 ? 228 HOH B O   1 
HETATM 1083 O  O   . HOH L 5 .  ? -1.541  1.485   7.252   1.00 33.89 ? 229 HOH B O   1 
HETATM 1084 O  O   . HOH L 5 .  ? -24.680 15.483  -12.445 1.00 39.39 ? 230 HOH B O   1 
HETATM 1085 O  O   . HOH L 5 .  ? -8.660  9.664   -5.815  1.00 42.58 ? 231 HOH B O   1 
HETATM 1086 O  O   . HOH L 5 .  ? -9.337  13.452  -4.703  1.00 30.93 ? 232 HOH B O   1 
HETATM 1087 O  O   . HOH L 5 .  ? -5.894  8.058   -4.132  1.00 37.07 ? 233 HOH B O   1 
HETATM 1088 O  O   . HOH L 5 .  ? -20.634 21.881  -6.409  1.00 27.50 ? 234 HOH B O   1 
HETATM 1089 O  O   . HOH L 5 .  ? 27.657  -3.166  13.416  1.00 43.05 ? 235 HOH B O   1 
HETATM 1090 O  O   . HOH L 5 .  ? 0.826   3.544   -0.257  1.00 38.59 ? 236 HOH B O   1 
HETATM 1091 O  O   . HOH L 5 .  ? 2.085   4.307   13.788  1.00 36.68 ? 237 HOH B O   1 
HETATM 1092 O  O   . HOH L 5 .  ? -11.548 15.318  -6.130  1.00 42.92 ? 238 HOH B O   1 
HETATM 1093 O  O   . HOH L 5 .  ? 4.988   9.647   4.106   1.00 25.10 ? 239 HOH B O   1 
HETATM 1094 O  O   . HOH L 5 .  ? -19.582 17.928  -6.440  1.00 21.30 ? 240 HOH B O   1 
HETATM 1095 O  O   . HOH L 5 .  ? -18.964 14.533  -10.419 1.00 41.85 ? 241 HOH B O   1 
HETATM 1096 O  O   . HOH L 5 .  ? -14.382 21.998  -8.980  1.00 23.57 ? 242 HOH B O   1 
HETATM 1097 O  O   . HOH L 5 .  ? 14.831  9.235   9.205   1.00 45.48 ? 243 HOH B O   1 
HETATM 1098 O  O   . HOH L 5 .  ? 17.457  -1.633  17.851  1.00 44.77 ? 244 HOH B O   1 
HETATM 1099 O  O   . HOH L 5 .  ? 3.414   1.204   15.558  1.00 42.03 ? 245 HOH B O   1 
HETATM 1100 O  O   . HOH L 5 .  ? -17.933 19.549  -7.739  1.00 31.96 ? 246 HOH B O   1 
HETATM 1101 O  O   . HOH L 5 .  ? -4.678  12.316  -8.454  1.00 41.96 ? 247 HOH B O   1 
HETATM 1102 O  O   . HOH L 5 .  ? -2.129  3.778   7.383   1.00 38.02 ? 248 HOH B O   1 
HETATM 1103 O  O   . HOH L 5 .  ? -14.505 14.668  -10.266 1.00 39.41 ? 249 HOH B O   1 
HETATM 1104 O  O   . HOH L 5 .  ? 3.081   10.154  -0.236  1.00 39.34 ? 250 HOH B O   1 
HETATM 1105 O  O   . HOH L 5 .  ? 19.340  4.198   11.205  1.00 35.78 ? 251 HOH B O   1 
HETATM 1106 O  O   . HOH L 5 .  ? -18.182 17.702  -9.750  1.00 46.71 ? 252 HOH B O   1 
HETATM 1107 O  O   . HOH L 5 .  ? -2.226  13.700  -0.964  1.00 40.61 ? 253 HOH B O   1 
HETATM 1108 O  O   . HOH L 5 .  ? -17.974 22.516  -8.158  1.00 53.91 ? 254 HOH B O   1 
HETATM 1109 O  O   . HOH L 5 .  ? -30.267 18.215  -13.046 1.00 49.46 ? 255 HOH B O   1 
HETATM 1110 O  O   . HOH L 5 .  ? 17.294  -3.050  20.361  1.00 48.10 ? 256 HOH B O   1 
HETATM 1111 O  O   . HOH L 5 .  ? 15.671  -4.062  17.146  1.00 50.84 ? 257 HOH B O   1 
HETATM 1112 O  O   . HOH L 5 .  ? 12.852  -2.409  14.082  1.00 28.32 ? 258 HOH B O   1 
HETATM 1113 O  O   . HOH L 5 .  ? 9.218   7.425   3.306   1.00 45.37 ? 259 HOH B O   1 
HETATM 1114 O  O   . HOH L 5 .  ? 2.283   0.142   9.729   1.00 29.33 ? 260 HOH B O   1 
HETATM 1115 O  O   . HOH L 5 .  ? 1.862   -1.133  15.995  1.00 56.09 ? 261 HOH B O   1 
HETATM 1116 O  O   . HOH L 5 .  ? 15.226  -6.616  19.187  1.00 31.73 ? 262 HOH B O   1 
HETATM 1117 O  O   . HOH L 5 .  ? -24.553 18.373  -10.649 1.00 33.77 ? 263 HOH B O   1 
HETATM 1118 O  O   . HOH L 5 .  ? 10.974  5.327   2.857   1.00 63.32 ? 264 HOH B O   1 
HETATM 1119 O  O   . HOH L 5 .  ? -2.527  14.977  -3.486  1.00 35.45 ? 265 HOH B O   1 
HETATM 1120 O  O   . HOH L 5 .  ? -2.033  10.926  -2.051  1.00 40.80 ? 266 HOH B O   1 
HETATM 1121 O  O   . HOH L 5 .  ? 9.482   3.135   2.955   1.00 40.05 ? 267 HOH B O   1 
HETATM 1122 O  O   . HOH L 5 .  ? 9.671   -3.577  22.092  1.00 55.66 ? 268 HOH B O   1 
HETATM 1123 O  O   . HOH L 5 .  ? 5.182   4.393   0.761   1.00 46.09 ? 269 HOH B O   1 
HETATM 1124 O  O   . HOH L 5 .  ? 12.100  -1.723  21.507  1.00 60.12 ? 270 HOH B O   1 
HETATM 1125 O  O   . HOH L 5 .  ? 17.701  7.226   6.262   1.00 46.71 ? 271 HOH B O   1 
HETATM 1126 O  O   . HOH L 5 .  ? -0.927  -0.140  0.180   1.00 61.89 ? 272 HOH B O   1 
HETATM 1127 O  O   . HOH L 5 .  ? 13.546  1.689   20.461  1.00 43.71 ? 273 HOH B O   1 
HETATM 1128 O  O   . HOH L 5 .  ? -19.973 19.167  -10.820 1.00 59.62 ? 274 HOH B O   1 
HETATM 1129 O  O   . HOH L 5 .  ? 25.942  -3.825  16.641  1.00 41.43 ? 275 HOH B O   1 
HETATM 1130 O  O   . HOH L 5 .  ? -22.291 5.607   -10.225 1.00 35.46 ? 276 HOH B O   1 
HETATM 1131 O  O   . HOH M 5 .  ? -19.817 4.200   -11.645 1.00 19.79 ? 101 HOH C O   1 
HETATM 1132 O  O   . HOH M 5 .  ? -8.621  5.960   -8.611  1.00 27.63 ? 102 HOH C O   1 
HETATM 1133 O  O   . HOH M 5 .  ? -10.230 8.545   -7.764  1.00 22.79 ? 103 HOH C O   1 
HETATM 1134 O  O   . HOH M 5 .  ? -12.556 -0.803  -14.596 1.00 37.81 ? 104 HOH C O   1 
HETATM 1135 O  O   . HOH M 5 .  ? -18.460 -1.287  -7.246  1.00 31.14 ? 105 HOH C O   1 
HETATM 1136 O  O   . HOH M 5 .  ? -9.182  0.444   3.911   1.00 20.68 ? 106 HOH C O   1 
HETATM 1137 O  O   . HOH M 5 .  ? -26.694 0.036   -8.647  1.00 28.46 ? 107 HOH C O   1 
HETATM 1138 O  O   . HOH M 5 .  ? -7.349  5.739   -12.233 1.00 32.18 ? 108 HOH C O   1 
HETATM 1139 O  O   . HOH M 5 .  ? -6.036  3.737   -1.208  1.00 30.61 ? 109 HOH C O   1 
HETATM 1140 O  O   . HOH M 5 .  ? -5.523  1.832   2.085   1.00 28.15 ? 110 HOH C O   1 
HETATM 1141 O  O   . HOH M 5 .  ? -5.757  4.676   -4.232  1.00 44.27 ? 111 HOH C O   1 
HETATM 1142 O  O   . HOH M 5 .  ? -13.941 -1.745  0.321   1.00 29.22 ? 112 HOH C O   1 
HETATM 1143 O  O   . HOH M 5 .  ? -25.845 -2.087  -10.653 1.00 26.61 ? 113 HOH C O   1 
HETATM 1144 O  O   . HOH M 5 .  ? -8.750  12.668  -8.081  1.00 62.31 ? 114 HOH C O   1 
HETATM 1145 O  O   . HOH M 5 .  ? -22.321 8.929   -7.594  1.00 45.55 ? 115 HOH C O   1 
HETATM 1146 O  O   . HOH M 5 .  ? -6.820  4.601   -6.672  1.00 40.26 ? 116 HOH C O   1 
HETATM 1147 O  O   . HOH M 5 .  ? -20.876 8.669   -9.650  1.00 32.26 ? 117 HOH C O   1 
HETATM 1148 O  O   . HOH M 5 .  ? -9.003  10.549  -9.840  1.00 36.59 ? 118 HOH C O   1 
HETATM 1149 O  O   . HOH M 5 .  ? -25.539 2.179   -11.567 1.00 29.62 ? 119 HOH C O   1 
HETATM 1150 O  O   . HOH M 5 .  ? -6.557  5.744   -16.731 1.00 35.95 ? 120 HOH C O   1 
HETATM 1151 O  O   . HOH M 5 .  ? -6.868  2.273   -5.193  1.00 38.98 ? 121 HOH C O   1 
HETATM 1152 O  O   . HOH M 5 .  ? -5.468  4.878   -14.069 1.00 55.22 ? 122 HOH C O   1 
HETATM 1153 O  O   . HOH M 5 .  ? -22.138 3.425   -14.036 1.00 48.77 ? 123 HOH C O   1 
HETATM 1154 O  O   . HOH M 5 .  ? -4.762  6.967   -12.122 1.00 54.86 ? 124 HOH C O   1 
HETATM 1155 O  O   . HOH M 5 .  ? -21.591 7.746   -12.371 1.00 59.65 ? 125 HOH C O   1 
HETATM 1156 O  O   . HOH N 5 .  ? 23.778  0.155   6.568   1.00 16.36 ? 101 HOH D O   1 
HETATM 1157 O  O   . HOH N 5 .  ? 18.138  -0.162  10.913  1.00 39.31 ? 102 HOH D O   1 
HETATM 1158 O  O   . HOH N 5 .  ? 16.418  -1.540  -1.587  1.00 26.12 ? 103 HOH D O   1 
HETATM 1159 O  O   . HOH N 5 .  ? 10.447  -3.647  10.858  1.00 21.72 ? 104 HOH D O   1 
HETATM 1160 O  O   . HOH N 5 .  ? 5.473   -6.073  6.908   1.00 32.01 ? 105 HOH D O   1 
HETATM 1161 O  O   . HOH N 5 .  ? 17.399  -0.704  -4.458  1.00 42.63 ? 106 HOH D O   1 
HETATM 1162 O  O   . HOH N 5 .  ? 19.241  4.000   -4.175  1.00 42.42 ? 107 HOH D O   1 
HETATM 1163 O  O   . HOH N 5 .  ? 14.951  1.159   -0.569  1.00 28.78 ? 108 HOH D O   1 
HETATM 1164 O  O   . HOH N 5 .  ? 21.164  6.912   -3.091  1.00 38.73 ? 109 HOH D O   1 
HETATM 1165 O  O   . HOH N 5 .  ? 16.576  -1.263  13.132  1.00 35.67 ? 110 HOH D O   1 
HETATM 1166 O  O   . HOH N 5 .  ? 24.638  6.748   4.605   1.00 56.93 ? 111 HOH D O   1 
HETATM 1167 O  O   . HOH N 5 .  ? 25.629  0.582   14.614  1.00 25.81 ? 112 HOH D O   1 
HETATM 1168 O  O   . HOH N 5 .  ? 7.526   -2.896  1.691   1.00 26.03 ? 113 HOH D O   1 
HETATM 1169 O  O   . HOH N 5 .  ? 19.953  5.979   6.432   1.00 28.58 ? 114 HOH D O   1 
HETATM 1170 O  O   . HOH N 5 .  ? 24.714  -3.474  3.747   1.00 40.99 ? 115 HOH D O   1 
HETATM 1171 O  O   . HOH N 5 .  ? 20.707  -3.453  11.687  1.00 19.65 ? 116 HOH D O   1 
HETATM 1172 O  O   . HOH N 5 .  ? 4.863   -4.522  3.188   1.00 35.37 ? 117 HOH D O   1 
HETATM 1173 O  O   . HOH N 5 .  ? 10.110  0.630   2.000   1.00 27.45 ? 118 HOH D O   1 
HETATM 1174 O  O   . HOH N 5 .  ? 16.254  7.484   4.226   1.00 51.77 ? 119 HOH D O   1 
HETATM 1175 O  O   . HOH N 5 .  ? 21.869  -1.179  -3.308  1.00 35.89 ? 120 HOH D O   1 
HETATM 1176 O  O   . HOH N 5 .  ? 23.183  1.958   -5.606  1.00 49.11 ? 121 HOH D O   1 
HETATM 1177 O  O   . HOH N 5 .  ? 26.197  1.309   -1.579  1.00 52.76 ? 122 HOH D O   1 
HETATM 1178 O  O   . HOH N 5 .  ? 22.829  7.250   6.980   1.00 41.53 ? 123 HOH D O   1 
# 
